data_2KIX
#
_entry.id   2KIX
#
_entity_poly.entity_id   1
_entity_poly.type   'polypeptide(L)'
_entity_poly.pdbx_seq_one_letter_code
;MLEPFQILSISSFILSALHFIAWTIGHLNQIKR
;
_entity_poly.pdbx_strand_id   A,B,C,D
#
# COMPACT_ATOMS: atom_id res chain seq x y z
N MET A 1 -15.78 -17.40 -6.60
CA MET A 1 -14.32 -17.19 -6.83
C MET A 1 -14.07 -16.97 -8.32
N LEU A 2 -12.93 -16.40 -8.66
CA LEU A 2 -12.59 -16.13 -10.09
C LEU A 2 -13.22 -14.81 -10.56
N GLU A 3 -14.52 -14.69 -10.53
CA GLU A 3 -15.14 -13.42 -11.00
C GLU A 3 -14.93 -12.31 -9.95
N PRO A 4 -15.12 -12.61 -8.68
CA PRO A 4 -14.96 -11.63 -7.59
C PRO A 4 -13.61 -11.80 -6.85
N PHE A 5 -12.89 -12.85 -7.12
CA PHE A 5 -11.58 -13.08 -6.42
C PHE A 5 -10.40 -12.90 -7.38
N GLN A 6 -10.30 -13.71 -8.40
CA GLN A 6 -9.14 -13.57 -9.33
C GLN A 6 -9.03 -12.13 -9.82
N ILE A 7 -10.13 -11.44 -9.83
CA ILE A 7 -10.10 -10.03 -10.30
C ILE A 7 -9.48 -9.14 -9.22
N LEU A 8 -9.43 -9.62 -8.01
CA LEU A 8 -8.83 -8.83 -6.90
C LEU A 8 -7.31 -9.03 -6.92
N SER A 9 -6.87 -10.25 -6.99
CA SER A 9 -5.40 -10.51 -7.02
C SER A 9 -4.77 -9.77 -8.20
N ILE A 10 -5.30 -9.94 -9.38
CA ILE A 10 -4.72 -9.26 -10.57
C ILE A 10 -4.86 -7.74 -10.41
N SER A 11 -6.09 -7.22 -10.19
CA SER A 11 -6.24 -5.77 -10.02
C SER A 11 -5.17 -5.21 -9.12
N SER A 12 -4.98 -5.83 -7.98
CA SER A 12 -3.96 -5.34 -7.02
C SER A 12 -2.58 -5.36 -7.68
N PHE A 13 -2.29 -6.39 -8.42
CA PHE A 13 -0.96 -6.47 -9.09
C PHE A 13 -0.75 -5.21 -9.95
N ILE A 14 -1.74 -4.84 -10.71
CA ILE A 14 -1.59 -3.62 -11.57
C ILE A 14 -1.27 -2.41 -10.70
N LEU A 15 -1.91 -2.31 -9.56
CA LEU A 15 -1.66 -1.16 -8.65
C LEU A 15 -0.24 -1.29 -8.06
N SER A 16 0.16 -2.47 -7.69
CA SER A 16 1.52 -2.65 -7.10
C SER A 16 2.56 -2.01 -8.02
N ALA A 17 2.55 -2.34 -9.28
CA ALA A 17 3.57 -1.75 -10.21
C ALA A 17 3.32 -0.24 -10.33
N LEU A 18 2.09 0.17 -10.28
CA LEU A 18 1.79 1.63 -10.40
C LEU A 18 2.40 2.37 -9.19
N HIS A 19 2.08 1.94 -8.00
CA HIS A 19 2.64 2.61 -6.79
C HIS A 19 4.15 2.41 -6.74
N PHE A 20 4.62 1.26 -7.14
CA PHE A 20 6.10 1.01 -7.12
C PHE A 20 6.82 2.14 -7.85
N ILE A 21 6.41 2.46 -9.04
CA ILE A 21 7.07 3.56 -9.81
C ILE A 21 6.72 4.90 -9.17
N ALA A 22 5.47 5.13 -8.87
CA ALA A 22 5.07 6.43 -8.26
C ALA A 22 5.86 6.64 -6.96
N TRP A 23 6.34 5.60 -6.37
CA TRP A 23 7.12 5.74 -5.10
C TRP A 23 8.55 6.17 -5.43
N THR A 24 9.18 5.52 -6.37
CA THR A 24 10.58 5.89 -6.73
C THR A 24 10.62 7.33 -7.25
N ILE A 25 9.59 7.78 -7.93
CA ILE A 25 9.60 9.18 -8.45
C ILE A 25 9.33 10.17 -7.30
N GLY A 26 8.20 10.06 -6.66
CA GLY A 26 7.89 11.00 -5.55
C GLY A 26 8.95 10.87 -4.43
N HIS A 27 9.47 9.70 -4.20
CA HIS A 27 10.51 9.56 -3.13
C HIS A 27 11.83 10.14 -3.63
N LEU A 28 12.29 9.72 -4.77
CA LEU A 28 13.57 10.26 -5.32
C LEU A 28 13.43 11.76 -5.54
N ASN A 29 12.30 12.19 -6.05
CA ASN A 29 12.11 13.64 -6.30
C ASN A 29 12.35 14.42 -5.00
N GLN A 30 11.92 13.90 -3.89
CA GLN A 30 12.14 14.60 -2.60
C GLN A 30 13.63 14.90 -2.43
N ILE A 31 14.46 13.91 -2.59
CA ILE A 31 15.93 14.13 -2.44
C ILE A 31 16.54 14.47 -3.81
N LYS A 32 16.06 15.53 -4.42
CA LYS A 32 16.59 15.92 -5.75
C LYS A 32 16.15 17.34 -6.07
N ARG A 33 14.88 17.55 -6.25
CA ARG A 33 14.39 18.93 -6.56
C ARG A 33 15.19 19.51 -7.73
N MET B 1 -18.62 -18.20 -1.67
CA MET B 1 -18.05 -17.12 -0.82
C MET B 1 -17.48 -17.73 0.46
N LEU B 2 -16.36 -17.25 0.92
CA LEU B 2 -15.75 -17.80 2.17
C LEU B 2 -16.39 -17.08 3.38
N GLU B 3 -15.64 -16.73 4.41
CA GLU B 3 -16.28 -16.02 5.55
C GLU B 3 -15.19 -15.41 6.47
N PRO B 4 -14.34 -16.19 7.09
CA PRO B 4 -13.24 -15.66 7.96
C PRO B 4 -12.26 -14.77 7.18
N PHE B 5 -11.55 -15.36 6.24
CA PHE B 5 -10.57 -14.58 5.44
C PHE B 5 -11.31 -13.72 4.40
N GLN B 6 -12.55 -14.01 4.16
CA GLN B 6 -13.33 -13.21 3.15
C GLN B 6 -13.19 -11.72 3.45
N ILE B 7 -13.79 -11.31 4.51
CA ILE B 7 -13.76 -9.86 4.90
C ILE B 7 -12.33 -9.31 4.83
N LEU B 8 -11.34 -10.15 4.90
CA LEU B 8 -9.95 -9.64 4.83
C LEU B 8 -9.65 -9.17 3.40
N SER B 9 -9.97 -9.98 2.42
CA SER B 9 -9.73 -9.57 1.01
C SER B 9 -10.54 -8.30 0.70
N ILE B 10 -11.74 -8.21 1.22
CA ILE B 10 -12.57 -7.00 0.96
C ILE B 10 -11.84 -5.76 1.50
N SER B 11 -11.53 -5.71 2.82
CA SER B 11 -10.84 -4.56 3.36
C SER B 11 -9.72 -4.11 2.43
N SER B 12 -8.91 -5.05 2.01
CA SER B 12 -7.77 -4.70 1.12
C SER B 12 -8.30 -3.99 -0.13
N PHE B 13 -9.44 -4.39 -0.62
CA PHE B 13 -10.00 -3.74 -1.83
C PHE B 13 -10.25 -2.26 -1.55
N ILE B 14 -10.82 -1.96 -0.40
CA ILE B 14 -11.09 -0.53 -0.05
C ILE B 14 -9.77 0.25 -0.09
N LEU B 15 -8.74 -0.28 0.52
CA LEU B 15 -7.43 0.44 0.53
C LEU B 15 -6.88 0.55 -0.90
N SER B 16 -7.05 -0.48 -1.69
CA SER B 16 -6.53 -0.43 -3.08
C SER B 16 -7.05 0.83 -3.78
N ALA B 17 -8.32 1.11 -3.67
CA ALA B 17 -8.87 2.33 -4.33
C ALA B 17 -8.53 3.56 -3.49
N LEU B 18 -8.56 3.45 -2.19
CA LEU B 18 -8.24 4.62 -1.33
C LEU B 18 -6.83 5.11 -1.66
N HIS B 19 -5.93 4.22 -1.93
CA HIS B 19 -4.54 4.63 -2.25
C HIS B 19 -4.48 5.22 -3.67
N PHE B 20 -5.05 4.54 -4.62
CA PHE B 20 -5.03 5.05 -6.02
C PHE B 20 -5.76 6.40 -6.09
N ILE B 21 -6.91 6.50 -5.50
CA ILE B 21 -7.66 7.78 -5.54
C ILE B 21 -6.90 8.84 -4.72
N ALA B 22 -6.45 8.49 -3.54
CA ALA B 22 -5.70 9.46 -2.70
C ALA B 22 -4.42 9.88 -3.43
N TRP B 23 -3.79 8.96 -4.10
CA TRP B 23 -2.53 9.30 -4.83
C TRP B 23 -2.82 10.37 -5.88
N THR B 24 -3.88 10.23 -6.61
CA THR B 24 -4.21 11.23 -7.66
C THR B 24 -4.48 12.59 -7.01
N ILE B 25 -5.04 12.60 -5.82
CA ILE B 25 -5.34 13.90 -5.15
C ILE B 25 -4.08 14.43 -4.44
N GLY B 26 -3.54 13.67 -3.53
CA GLY B 26 -2.32 14.15 -2.79
C GLY B 26 -1.15 14.40 -3.75
N HIS B 27 -1.02 13.65 -4.82
CA HIS B 27 0.11 13.90 -5.75
C HIS B 27 0.10 15.35 -6.21
N LEU B 28 -1.05 15.91 -6.44
CA LEU B 28 -1.13 17.33 -6.88
C LEU B 28 -0.39 18.21 -5.87
N ASN B 29 -0.47 17.89 -4.62
CA ASN B 29 0.24 18.70 -3.59
C ASN B 29 1.71 18.82 -3.97
N GLN B 30 2.29 17.78 -4.51
CA GLN B 30 3.72 17.84 -4.90
C GLN B 30 3.90 18.90 -6.00
N ILE B 31 3.08 18.85 -7.02
CA ILE B 31 3.18 19.85 -8.12
C ILE B 31 2.28 21.05 -7.80
N LYS B 32 2.47 21.65 -6.67
CA LYS B 32 1.63 22.82 -6.30
C LYS B 32 2.36 23.68 -5.26
N ARG B 33 2.59 23.14 -4.10
CA ARG B 33 3.30 23.91 -3.04
C ARG B 33 2.63 25.28 -2.87
N MET C 1 -0.72 -16.80 11.89
CA MET C 1 0.64 -17.23 12.31
C MET C 1 0.93 -18.63 11.78
N LEU C 2 0.56 -18.89 10.54
CA LEU C 2 0.80 -20.24 9.95
C LEU C 2 2.14 -20.22 9.19
N GLU C 3 2.22 -20.79 7.99
CA GLU C 3 3.51 -20.74 7.25
C GLU C 3 3.62 -19.35 6.61
N PRO C 4 4.61 -19.11 5.76
CA PRO C 4 4.77 -17.77 5.12
C PRO C 4 3.48 -17.30 4.43
N PHE C 5 2.40 -18.04 4.56
CA PHE C 5 1.12 -17.65 3.90
C PHE C 5 0.22 -16.90 4.90
N GLN C 6 -0.23 -17.55 5.95
CA GLN C 6 -1.14 -16.84 6.90
C GLN C 6 -0.37 -15.77 7.68
N ILE C 7 0.87 -16.03 7.93
CA ILE C 7 1.68 -15.03 8.69
C ILE C 7 1.90 -13.79 7.82
N LEU C 8 1.70 -13.94 6.54
CA LEU C 8 1.88 -12.78 5.61
C LEU C 8 0.60 -11.95 5.61
N SER C 9 -0.54 -12.59 5.48
CA SER C 9 -1.82 -11.83 5.47
C SER C 9 -1.94 -11.00 6.74
N ILE C 10 -1.57 -11.56 7.86
CA ILE C 10 -1.65 -10.79 9.14
C ILE C 10 -0.63 -9.65 9.10
N SER C 11 0.67 -9.94 8.89
CA SER C 11 1.65 -8.87 8.83
C SER C 11 1.15 -7.72 7.98
N SER C 12 0.73 -8.05 6.77
CA SER C 12 0.23 -7.00 5.85
C SER C 12 -1.01 -6.33 6.46
N PHE C 13 -1.86 -7.11 7.07
CA PHE C 13 -3.08 -6.51 7.69
C PHE C 13 -2.67 -5.46 8.72
N ILE C 14 -1.76 -5.80 9.59
CA ILE C 14 -1.31 -4.82 10.62
C ILE C 14 -0.79 -3.56 9.92
N LEU C 15 -0.15 -3.72 8.79
CA LEU C 15 0.38 -2.53 8.07
C LEU C 15 -0.80 -1.75 7.45
N SER C 16 -1.71 -2.45 6.83
CA SER C 16 -2.87 -1.75 6.20
C SER C 16 -3.46 -0.73 7.18
N ALA C 17 -3.69 -1.12 8.41
CA ALA C 17 -4.28 -0.16 9.40
C ALA C 17 -3.26 0.94 9.71
N LEU C 18 -2.04 0.57 9.98
CA LEU C 18 -1.00 1.59 10.30
C LEU C 18 -0.97 2.65 9.19
N HIS C 19 -0.90 2.23 7.96
CA HIS C 19 -0.86 3.21 6.84
C HIS C 19 -2.17 4.01 6.80
N PHE C 20 -3.28 3.37 7.04
CA PHE C 20 -4.58 4.10 7.00
C PHE C 20 -4.54 5.28 7.98
N ILE C 21 -4.18 5.02 9.21
CA ILE C 21 -4.13 6.13 10.21
C ILE C 21 -3.07 7.15 9.78
N ALA C 22 -1.84 6.74 9.68
CA ALA C 22 -0.76 7.69 9.29
C ALA C 22 -1.21 8.53 8.09
N TRP C 23 -2.08 8.02 7.28
CA TRP C 23 -2.55 8.79 6.09
C TRP C 23 -3.50 9.91 6.55
N THR C 24 -4.41 9.62 7.43
CA THR C 24 -5.36 10.66 7.90
C THR C 24 -4.63 11.77 8.66
N ILE C 25 -3.61 11.44 9.41
CA ILE C 25 -2.87 12.50 10.17
C ILE C 25 -1.86 13.19 9.23
N GLY C 26 -1.03 12.44 8.57
CA GLY C 26 -0.02 13.07 7.65
C GLY C 26 -0.74 13.84 6.53
N HIS C 27 -1.87 13.35 6.05
CA HIS C 27 -2.58 14.09 4.98
C HIS C 27 -3.19 15.37 5.56
N LEU C 28 -3.80 15.28 6.71
CA LEU C 28 -4.40 16.48 7.34
C LEU C 28 -3.33 17.54 7.57
N ASN C 29 -2.15 17.12 7.90
CA ASN C 29 -1.05 18.11 8.15
C ASN C 29 -0.83 18.94 6.89
N GLN C 30 -1.05 18.36 5.74
CA GLN C 30 -0.85 19.12 4.47
C GLN C 30 -1.84 20.28 4.41
N ILE C 31 -3.10 20.03 4.64
CA ILE C 31 -4.11 21.12 4.59
C ILE C 31 -4.16 21.81 5.96
N LYS C 32 -3.01 22.17 6.47
CA LYS C 32 -2.94 22.86 7.79
C LYS C 32 -2.68 24.34 7.58
N ARG C 33 -1.75 24.67 6.71
CA ARG C 33 -1.44 26.10 6.44
C ARG C 33 -2.72 26.83 6.01
N MET D 1 3.37 -23.01 -2.93
CA MET D 1 4.55 -23.11 -3.84
C MET D 1 4.06 -23.13 -5.29
N LEU D 2 3.09 -22.31 -5.63
CA LEU D 2 2.60 -22.29 -7.03
C LEU D 2 3.64 -21.56 -7.91
N GLU D 3 3.23 -20.71 -8.84
CA GLU D 3 4.25 -20.00 -9.67
C GLU D 3 3.71 -18.60 -10.06
N PRO D 4 2.68 -18.52 -10.87
CA PRO D 4 2.09 -17.21 -11.28
C PRO D 4 1.45 -16.49 -10.09
N PHE D 5 1.05 -17.22 -9.08
CA PHE D 5 0.40 -16.58 -7.88
C PHE D 5 1.44 -16.46 -6.75
N GLN D 6 2.28 -17.44 -6.61
CA GLN D 6 3.31 -17.39 -5.53
C GLN D 6 4.19 -16.17 -5.72
N ILE D 7 4.30 -15.72 -6.92
CA ILE D 7 5.13 -14.52 -7.21
C ILE D 7 4.42 -13.27 -6.69
N LEU D 8 3.13 -13.36 -6.49
CA LEU D 8 2.36 -12.19 -5.98
C LEU D 8 2.58 -12.12 -4.47
N SER D 9 2.42 -13.22 -3.79
CA SER D 9 2.61 -13.22 -2.31
C SER D 9 4.04 -12.76 -1.98
N ILE D 10 5.03 -13.34 -2.62
CA ILE D 10 6.43 -12.93 -2.35
C ILE D 10 6.63 -11.48 -2.77
N SER D 11 6.29 -11.11 -4.02
CA SER D 11 6.44 -9.72 -4.44
C SER D 11 5.88 -8.76 -3.43
N SER D 12 4.73 -9.12 -2.89
CA SER D 12 4.09 -8.22 -1.89
C SER D 12 4.94 -8.15 -0.62
N PHE D 13 5.61 -9.22 -0.29
CA PHE D 13 6.46 -9.22 0.93
C PHE D 13 7.59 -8.19 0.76
N ILE D 14 8.20 -8.16 -0.39
CA ILE D 14 9.30 -7.19 -0.62
C ILE D 14 8.74 -5.76 -0.58
N LEU D 15 7.58 -5.57 -1.14
CA LEU D 15 6.98 -4.19 -1.15
C LEU D 15 6.48 -3.84 0.27
N SER D 16 5.86 -4.77 0.94
CA SER D 16 5.34 -4.49 2.31
C SER D 16 6.47 -3.97 3.20
N ALA D 17 7.60 -4.60 3.19
CA ALA D 17 8.73 -4.14 4.04
C ALA D 17 9.28 -2.82 3.49
N LEU D 18 9.51 -2.74 2.21
CA LEU D 18 10.04 -1.48 1.62
C LEU D 18 9.18 -0.31 2.08
N HIS D 19 7.88 -0.46 2.00
CA HIS D 19 6.97 0.64 2.44
C HIS D 19 7.09 0.86 3.94
N PHE D 20 7.23 -0.21 4.69
CA PHE D 20 7.35 -0.06 6.17
C PHE D 20 8.55 0.83 6.51
N ILE D 21 9.70 0.51 5.99
CA ILE D 21 10.90 1.34 6.31
C ILE D 21 10.80 2.69 5.59
N ALA D 22 10.33 2.69 4.37
CA ALA D 22 10.21 3.98 3.62
C ALA D 22 9.23 4.90 4.35
N TRP D 23 8.19 4.34 4.92
CA TRP D 23 7.19 5.19 5.64
C TRP D 23 7.83 5.73 6.92
N THR D 24 8.54 4.91 7.64
CA THR D 24 9.18 5.38 8.90
C THR D 24 10.21 6.47 8.60
N ILE D 25 10.84 6.41 7.46
CA ILE D 25 11.86 7.45 7.12
C ILE D 25 11.17 8.72 6.62
N GLY D 26 10.43 8.63 5.54
CA GLY D 26 9.74 9.86 5.01
C GLY D 26 8.75 10.41 6.05
N HIS D 27 8.07 9.57 6.79
CA HIS D 27 7.12 10.10 7.81
C HIS D 27 7.89 10.81 8.91
N LEU D 28 8.89 10.16 9.45
CA LEU D 28 9.69 10.80 10.53
C LEU D 28 10.27 12.13 10.03
N ASN D 29 10.82 12.13 8.85
CA ASN D 29 11.40 13.39 8.31
C ASN D 29 10.29 14.44 8.19
N GLN D 30 9.09 14.02 7.90
CA GLN D 30 7.97 15.00 7.78
C GLN D 30 7.82 15.77 9.09
N ILE D 31 7.95 15.10 10.21
CA ILE D 31 7.82 15.79 11.53
C ILE D 31 9.18 16.29 11.99
N LYS D 32 9.87 17.00 11.14
CA LYS D 32 11.22 17.52 11.52
C LYS D 32 11.60 18.65 10.55
N ARG D 33 11.62 18.37 9.28
CA ARG D 33 11.99 19.42 8.29
C ARG D 33 10.79 20.34 8.05
N MET A 1 -16.32 -16.78 -6.83
CA MET A 1 -14.98 -16.14 -6.92
C MET A 1 -14.42 -16.36 -8.33
N LEU A 2 -13.26 -15.82 -8.61
CA LEU A 2 -12.62 -15.96 -9.95
C LEU A 2 -13.13 -14.90 -10.91
N GLU A 3 -14.41 -14.87 -11.18
CA GLU A 3 -14.92 -13.83 -12.12
C GLU A 3 -14.83 -12.44 -11.44
N PRO A 4 -15.32 -12.31 -10.24
CA PRO A 4 -15.28 -11.02 -9.50
C PRO A 4 -14.06 -10.93 -8.58
N PHE A 5 -13.55 -12.05 -8.13
CA PHE A 5 -12.37 -12.02 -7.21
C PHE A 5 -11.07 -11.89 -8.02
N GLN A 6 -10.88 -12.72 -9.03
CA GLN A 6 -9.60 -12.63 -9.81
C GLN A 6 -9.29 -11.18 -10.13
N ILE A 7 -10.14 -10.59 -10.90
CA ILE A 7 -9.93 -9.16 -11.30
C ILE A 7 -9.53 -8.32 -10.08
N LEU A 8 -9.82 -8.79 -8.90
CA LEU A 8 -9.43 -8.03 -7.68
C LEU A 8 -7.92 -8.20 -7.46
N SER A 9 -7.46 -9.41 -7.49
CA SER A 9 -6.00 -9.66 -7.31
C SER A 9 -5.22 -8.88 -8.36
N ILE A 10 -5.74 -8.78 -9.55
CA ILE A 10 -5.02 -8.02 -10.62
C ILE A 10 -4.87 -6.56 -10.19
N SER A 11 -5.97 -5.86 -9.88
CA SER A 11 -5.85 -4.48 -9.45
C SER A 11 -4.70 -4.30 -8.48
N SER A 12 -4.67 -5.15 -7.47
CA SER A 12 -3.60 -5.05 -6.45
C SER A 12 -2.23 -5.13 -7.14
N PHE A 13 -2.12 -5.94 -8.15
CA PHE A 13 -0.81 -6.08 -8.86
C PHE A 13 -0.46 -4.75 -9.55
N ILE A 14 -1.45 -4.07 -10.07
CA ILE A 14 -1.17 -2.77 -10.76
C ILE A 14 -0.68 -1.74 -9.74
N LEU A 15 -1.30 -1.68 -8.59
CA LEU A 15 -0.87 -0.68 -7.56
C LEU A 15 0.50 -1.06 -7.00
N SER A 16 0.77 -2.34 -6.86
CA SER A 16 2.07 -2.76 -6.30
C SER A 16 3.21 -2.27 -7.19
N ALA A 17 3.11 -2.49 -8.48
CA ALA A 17 4.20 -2.05 -9.39
C ALA A 17 4.19 -0.52 -9.49
N LEU A 18 3.05 0.07 -9.74
CA LEU A 18 2.99 1.56 -9.83
C LEU A 18 3.55 2.16 -8.55
N HIS A 19 3.18 1.61 -7.42
CA HIS A 19 3.70 2.15 -6.14
C HIS A 19 5.21 1.95 -6.06
N PHE A 20 5.69 0.84 -6.55
CA PHE A 20 7.15 0.58 -6.52
C PHE A 20 7.90 1.68 -7.28
N ILE A 21 7.52 1.92 -8.50
CA ILE A 21 8.21 2.98 -9.30
C ILE A 21 7.82 4.36 -8.78
N ALA A 22 6.55 4.58 -8.53
CA ALA A 22 6.12 5.91 -8.02
C ALA A 22 6.87 6.23 -6.72
N TRP A 23 7.01 5.28 -5.85
CA TRP A 23 7.74 5.55 -4.57
C TRP A 23 9.18 5.89 -4.88
N THR A 24 9.81 5.18 -5.77
CA THR A 24 11.23 5.46 -6.11
C THR A 24 11.34 6.85 -6.75
N ILE A 25 10.35 7.27 -7.49
CA ILE A 25 10.42 8.62 -8.13
C ILE A 25 10.12 9.70 -7.09
N GLY A 26 8.96 9.67 -6.49
CA GLY A 26 8.62 10.72 -5.47
C GLY A 26 9.59 10.66 -4.29
N HIS A 27 10.04 9.49 -3.89
CA HIS A 27 10.98 9.42 -2.73
C HIS A 27 12.34 9.97 -3.16
N LEU A 28 12.86 9.50 -4.26
CA LEU A 28 14.18 9.98 -4.74
C LEU A 28 14.13 11.49 -4.95
N ASN A 29 13.02 12.00 -5.40
CA ASN A 29 12.90 13.47 -5.63
C ASN A 29 13.12 14.21 -4.31
N GLN A 30 12.66 13.66 -3.22
CA GLN A 30 12.84 14.33 -1.91
C GLN A 30 14.33 14.54 -1.65
N ILE A 31 15.14 13.53 -1.87
CA ILE A 31 16.60 13.67 -1.63
C ILE A 31 17.28 14.08 -2.94
N LYS A 32 16.84 15.16 -3.51
CA LYS A 32 17.45 15.64 -4.79
C LYS A 32 17.14 17.12 -4.98
N ARG A 33 15.90 17.45 -5.24
CA ARG A 33 15.54 18.88 -5.43
C ARG A 33 16.46 19.52 -6.47
N MET B 1 -11.41 -19.50 7.48
CA MET B 1 -11.50 -18.30 6.59
C MET B 1 -12.94 -17.82 6.52
N LEU B 2 -13.18 -16.75 5.80
CA LEU B 2 -14.57 -16.20 5.66
C LEU B 2 -14.89 -15.29 6.85
N GLU B 3 -14.93 -15.79 8.05
CA GLU B 3 -15.26 -14.91 9.20
C GLU B 3 -14.14 -13.88 9.40
N PRO B 4 -12.90 -14.32 9.47
CA PRO B 4 -11.74 -13.40 9.65
C PRO B 4 -11.13 -12.97 8.31
N PHE B 5 -11.29 -13.77 7.28
CA PHE B 5 -10.70 -13.42 5.95
C PHE B 5 -11.65 -12.53 5.14
N GLN B 6 -12.91 -12.89 5.04
CA GLN B 6 -13.85 -12.06 4.22
C GLN B 6 -13.66 -10.59 4.54
N ILE B 7 -13.74 -10.26 5.78
CA ILE B 7 -13.59 -8.83 6.19
C ILE B 7 -12.26 -8.27 5.68
N LEU B 8 -11.33 -9.12 5.35
CA LEU B 8 -10.02 -8.64 4.85
C LEU B 8 -10.16 -8.23 3.38
N SER B 9 -10.74 -9.08 2.58
CA SER B 9 -10.92 -8.73 1.13
C SER B 9 -11.68 -7.41 1.01
N ILE B 10 -12.64 -7.17 1.87
CA ILE B 10 -13.40 -5.90 1.78
C ILE B 10 -12.49 -4.73 2.11
N SER B 11 -11.93 -4.65 3.30
CA SER B 11 -11.03 -3.56 3.65
C SER B 11 -10.03 -3.32 2.55
N SER B 12 -9.56 -4.38 1.94
CA SER B 12 -8.53 -4.23 0.87
C SER B 12 -9.16 -3.58 -0.37
N PHE B 13 -10.43 -3.80 -0.59
CA PHE B 13 -11.10 -3.20 -1.78
C PHE B 13 -11.26 -1.68 -1.58
N ILE B 14 -11.92 -1.28 -0.52
CA ILE B 14 -12.12 0.18 -0.29
C ILE B 14 -10.77 0.89 -0.25
N LEU B 15 -9.75 0.24 0.27
CA LEU B 15 -8.41 0.88 0.33
C LEU B 15 -7.77 0.88 -1.06
N SER B 16 -7.96 -0.17 -1.80
CA SER B 16 -7.37 -0.24 -3.17
C SER B 16 -7.84 0.95 -4.00
N ALA B 17 -9.12 1.21 -4.05
CA ALA B 17 -9.61 2.36 -4.85
C ALA B 17 -9.17 3.67 -4.20
N LEU B 18 -9.42 3.84 -2.93
CA LEU B 18 -9.02 5.10 -2.24
C LEU B 18 -7.54 5.38 -2.54
N HIS B 19 -6.71 4.37 -2.49
CA HIS B 19 -5.26 4.59 -2.76
C HIS B 19 -5.07 5.04 -4.21
N PHE B 20 -5.86 4.52 -5.12
CA PHE B 20 -5.72 4.91 -6.55
C PHE B 20 -6.00 6.41 -6.72
N ILE B 21 -7.12 6.87 -6.21
CA ILE B 21 -7.44 8.32 -6.36
C ILE B 21 -6.60 9.15 -5.39
N ALA B 22 -6.24 8.59 -4.27
CA ALA B 22 -5.41 9.37 -3.29
C ALA B 22 -3.99 9.55 -3.83
N TRP B 23 -3.56 8.66 -4.69
CA TRP B 23 -2.19 8.77 -5.25
C TRP B 23 -2.20 9.72 -6.45
N THR B 24 -3.13 9.54 -7.36
CA THR B 24 -3.19 10.43 -8.55
C THR B 24 -3.58 11.85 -8.14
N ILE B 25 -4.41 12.00 -7.15
CA ILE B 25 -4.82 13.38 -6.72
C ILE B 25 -3.71 14.01 -5.88
N GLY B 26 -3.21 13.32 -4.89
CA GLY B 26 -2.12 13.90 -4.04
C GLY B 26 -0.85 14.08 -4.86
N HIS B 27 -0.60 13.24 -5.85
CA HIS B 27 0.63 13.41 -6.66
C HIS B 27 0.69 14.82 -7.24
N LEU B 28 -0.44 15.33 -7.68
CA LEU B 28 -0.46 16.71 -8.26
C LEU B 28 0.14 17.69 -7.25
N ASN B 29 -0.13 17.50 -5.98
CA ASN B 29 0.42 18.43 -4.96
C ASN B 29 1.92 18.58 -5.18
N GLN B 30 2.62 17.50 -5.35
CA GLN B 30 4.09 17.60 -5.58
C GLN B 30 4.33 18.50 -6.79
N ILE B 31 3.44 18.46 -7.75
CA ILE B 31 3.59 19.30 -8.96
C ILE B 31 2.89 20.64 -8.72
N LYS B 32 3.15 21.26 -7.61
CA LYS B 32 2.49 22.57 -7.31
C LYS B 32 3.23 23.23 -6.15
N ARG B 33 3.14 22.68 -4.97
CA ARG B 33 3.83 23.28 -3.80
C ARG B 33 3.47 24.77 -3.71
N MET C 1 0.34 -17.44 11.41
CA MET C 1 1.74 -17.04 11.08
C MET C 1 2.48 -18.24 10.47
N LEU C 2 1.82 -18.98 9.63
CA LEU C 2 2.49 -20.16 9.00
C LEU C 2 3.84 -19.73 8.41
N GLU C 3 3.89 -19.17 7.22
CA GLU C 3 5.20 -18.74 6.66
C GLU C 3 5.04 -18.19 5.23
N PRO C 4 4.37 -18.91 4.35
CA PRO C 4 4.19 -18.49 2.94
C PRO C 4 2.95 -17.60 2.70
N PHE C 5 1.78 -18.10 3.01
CA PHE C 5 0.53 -17.31 2.76
C PHE C 5 -0.07 -16.77 4.06
N GLN C 6 -0.07 -17.54 5.12
CA GLN C 6 -0.68 -17.02 6.38
C GLN C 6 -0.01 -15.74 6.82
N ILE C 7 1.22 -15.84 7.22
CA ILE C 7 1.97 -14.65 7.69
C ILE C 7 1.77 -13.48 6.72
N LEU C 8 1.44 -13.76 5.49
CA LEU C 8 1.22 -12.65 4.53
C LEU C 8 -0.10 -11.95 4.87
N SER C 9 -1.09 -12.72 5.24
CA SER C 9 -2.40 -12.11 5.61
C SER C 9 -2.21 -11.21 6.84
N ILE C 10 -1.44 -11.65 7.79
CA ILE C 10 -1.22 -10.82 9.02
C ILE C 10 -0.52 -9.50 8.60
N SER C 11 0.71 -9.55 8.16
CA SER C 11 1.40 -8.34 7.73
C SER C 11 0.50 -7.45 6.91
N SER C 12 -0.18 -8.04 5.95
CA SER C 12 -1.10 -7.25 5.08
C SER C 12 -2.23 -6.67 5.94
N PHE C 13 -2.72 -7.45 6.86
CA PHE C 13 -3.82 -6.96 7.74
C PHE C 13 -3.31 -5.81 8.60
N ILE C 14 -2.21 -6.01 9.28
CA ILE C 14 -1.64 -4.93 10.14
C ILE C 14 -1.34 -3.70 9.28
N LEU C 15 -0.95 -3.91 8.05
CA LEU C 15 -0.63 -2.76 7.16
C LEU C 15 -1.93 -2.10 6.67
N SER C 16 -2.96 -2.87 6.44
CA SER C 16 -4.24 -2.29 5.95
C SER C 16 -4.78 -1.30 6.98
N ALA C 17 -4.88 -1.69 8.22
CA ALA C 17 -5.40 -0.77 9.26
C ALA C 17 -4.40 0.38 9.47
N LEU C 18 -3.16 0.06 9.69
CA LEU C 18 -2.14 1.13 9.91
C LEU C 18 -2.16 2.10 8.73
N HIS C 19 -2.30 1.58 7.53
CA HIS C 19 -2.33 2.47 6.33
C HIS C 19 -3.56 3.38 6.37
N PHE C 20 -4.70 2.84 6.69
CA PHE C 20 -5.94 3.68 6.75
C PHE C 20 -5.72 4.88 7.68
N ILE C 21 -5.30 4.64 8.88
CA ILE C 21 -5.08 5.76 9.83
C ILE C 21 -3.86 6.58 9.40
N ALA C 22 -2.75 5.93 9.16
CA ALA C 22 -1.52 6.67 8.74
C ALA C 22 -1.85 7.59 7.57
N TRP C 23 -2.54 7.10 6.59
CA TRP C 23 -2.89 7.96 5.41
C TRP C 23 -3.80 9.09 5.86
N THR C 24 -4.78 8.80 6.67
CA THR C 24 -5.71 9.87 7.13
C THR C 24 -4.92 10.96 7.88
N ILE C 25 -3.86 10.59 8.56
CA ILE C 25 -3.07 11.62 9.30
C ILE C 25 -2.11 12.34 8.35
N GLY C 26 -1.16 11.63 7.78
CA GLY C 26 -0.19 12.29 6.85
C GLY C 26 -0.94 13.02 5.73
N HIS C 27 -2.02 12.46 5.21
CA HIS C 27 -2.75 13.17 4.12
C HIS C 27 -3.40 14.42 4.69
N LEU C 28 -4.13 14.29 5.77
CA LEU C 28 -4.79 15.48 6.38
C LEU C 28 -3.73 16.48 6.83
N ASN C 29 -2.61 15.99 7.31
CA ASN C 29 -1.53 16.91 7.76
C ASN C 29 -1.09 17.78 6.58
N GLN C 30 -1.02 17.21 5.40
CA GLN C 30 -0.60 18.01 4.22
C GLN C 30 -1.51 19.23 4.07
N ILE C 31 -2.80 19.03 4.14
CA ILE C 31 -3.75 20.17 4.01
C ILE C 31 -4.09 20.70 5.42
N LYS C 32 -3.09 21.12 6.15
CA LYS C 32 -3.35 21.64 7.52
C LYS C 32 -2.16 22.51 7.96
N ARG C 33 -1.04 21.90 8.24
CA ARG C 33 0.14 22.68 8.67
C ARG C 33 0.86 23.27 7.45
N MET D 1 4.11 -20.85 -6.80
CA MET D 1 5.14 -21.11 -7.84
C MET D 1 4.48 -21.20 -9.22
N LEU D 2 3.38 -20.51 -9.42
CA LEU D 2 2.70 -20.57 -10.74
C LEU D 2 3.37 -19.56 -11.69
N GLU D 3 3.03 -18.29 -11.60
CA GLU D 3 3.66 -17.27 -12.48
C GLU D 3 2.92 -15.92 -12.28
N PRO D 4 1.61 -15.92 -12.40
CA PRO D 4 0.79 -14.68 -12.24
C PRO D 4 0.33 -14.46 -10.80
N PHE D 5 -0.02 -15.52 -10.11
CA PHE D 5 -0.51 -15.37 -8.70
C PHE D 5 0.67 -15.42 -7.71
N GLN D 6 1.46 -16.44 -7.76
CA GLN D 6 2.61 -16.54 -6.80
C GLN D 6 3.42 -15.26 -6.83
N ILE D 7 3.67 -14.77 -8.00
CA ILE D 7 4.47 -13.52 -8.13
C ILE D 7 3.74 -12.37 -7.42
N LEU D 8 2.46 -12.53 -7.17
CA LEU D 8 1.70 -11.46 -6.49
C LEU D 8 1.98 -11.54 -4.99
N SER D 9 1.82 -12.70 -4.40
CA SER D 9 2.08 -12.84 -2.94
C SER D 9 3.54 -12.48 -2.65
N ILE D 10 4.45 -12.93 -3.46
CA ILE D 10 5.89 -12.61 -3.22
C ILE D 10 6.12 -11.10 -3.44
N SER D 11 5.41 -10.48 -4.38
CA SER D 11 5.57 -9.04 -4.58
C SER D 11 4.98 -8.27 -3.43
N SER D 12 3.92 -8.78 -2.88
CA SER D 12 3.25 -8.06 -1.74
C SER D 12 4.12 -8.17 -0.48
N PHE D 13 4.77 -9.29 -0.29
CA PHE D 13 5.62 -9.46 0.92
C PHE D 13 6.80 -8.48 0.86
N ILE D 14 7.54 -8.49 -0.21
CA ILE D 14 8.70 -7.56 -0.31
C ILE D 14 8.21 -6.11 -0.30
N LEU D 15 7.05 -5.86 -0.84
CA LEU D 15 6.52 -4.46 -0.87
C LEU D 15 6.00 -4.08 0.52
N SER D 16 5.45 -5.01 1.24
CA SER D 16 4.93 -4.68 2.61
C SER D 16 6.07 -4.22 3.51
N ALA D 17 7.10 -5.01 3.64
CA ALA D 17 8.24 -4.62 4.52
C ALA D 17 8.89 -3.34 3.98
N LEU D 18 9.01 -3.24 2.68
CA LEU D 18 9.63 -2.01 2.10
C LEU D 18 8.80 -0.79 2.47
N HIS D 19 7.50 -0.90 2.42
CA HIS D 19 6.63 0.26 2.78
C HIS D 19 6.69 0.52 4.28
N PHE D 20 6.71 -0.52 5.08
CA PHE D 20 6.76 -0.33 6.55
C PHE D 20 7.98 0.50 6.93
N ILE D 21 9.15 0.12 6.47
CA ILE D 21 10.38 0.88 6.82
C ILE D 21 10.37 2.23 6.07
N ALA D 22 9.90 2.24 4.86
CA ALA D 22 9.87 3.52 4.10
C ALA D 22 8.86 4.48 4.74
N TRP D 23 7.93 3.96 5.47
CA TRP D 23 6.91 4.84 6.12
C TRP D 23 7.50 5.46 7.38
N THR D 24 8.16 4.68 8.19
CA THR D 24 8.75 5.24 9.44
C THR D 24 9.87 6.24 9.08
N ILE D 25 10.64 5.97 8.06
CA ILE D 25 11.73 6.92 7.68
C ILE D 25 11.15 8.15 6.98
N GLY D 26 10.39 7.94 5.94
CA GLY D 26 9.80 9.12 5.20
C GLY D 26 8.84 9.90 6.12
N HIS D 27 8.22 9.25 7.08
CA HIS D 27 7.28 9.99 7.98
C HIS D 27 8.06 10.60 9.16
N LEU D 28 8.78 9.79 9.89
CA LEU D 28 9.55 10.32 11.05
C LEU D 28 10.41 11.51 10.60
N ASN D 29 11.24 11.32 9.61
CA ASN D 29 12.10 12.43 9.13
C ASN D 29 11.24 13.64 8.80
N GLN D 30 10.06 13.43 8.28
CA GLN D 30 9.17 14.58 7.94
C GLN D 30 8.93 15.43 9.19
N ILE D 31 8.70 14.79 10.31
CA ILE D 31 8.46 15.56 11.57
C ILE D 31 9.78 15.79 12.30
N LYS D 32 10.76 16.31 11.60
CA LYS D 32 12.10 16.57 12.22
C LYS D 32 12.32 18.08 12.32
N ARG D 33 11.84 18.83 11.36
CA ARG D 33 12.02 20.30 11.40
C ARG D 33 10.97 20.93 12.31
N MET A 1 -16.03 -16.53 -6.73
CA MET A 1 -14.61 -16.88 -7.01
C MET A 1 -14.32 -16.70 -8.50
N LEU A 2 -13.18 -16.14 -8.83
CA LEU A 2 -12.82 -15.93 -10.27
C LEU A 2 -13.49 -14.65 -10.80
N GLU A 3 -14.78 -14.55 -10.74
CA GLU A 3 -15.44 -13.31 -11.26
C GLU A 3 -15.20 -12.14 -10.28
N PRO A 4 -15.43 -12.34 -9.01
CA PRO A 4 -15.24 -11.30 -7.98
C PRO A 4 -13.90 -11.42 -7.24
N PHE A 5 -13.24 -12.55 -7.38
CA PHE A 5 -11.93 -12.75 -6.67
C PHE A 5 -10.74 -12.55 -7.62
N GLN A 6 -10.63 -13.38 -8.64
CA GLN A 6 -9.46 -13.23 -9.56
C GLN A 6 -9.38 -11.80 -10.08
N ILE A 7 -10.50 -11.14 -10.15
CA ILE A 7 -10.50 -9.73 -10.64
C ILE A 7 -9.89 -8.83 -9.57
N LEU A 8 -9.87 -9.29 -8.35
CA LEU A 8 -9.29 -8.46 -7.25
C LEU A 8 -7.76 -8.59 -7.31
N SER A 9 -7.27 -9.79 -7.41
CA SER A 9 -5.79 -10.00 -7.48
C SER A 9 -5.23 -9.26 -8.70
N ILE A 10 -5.97 -9.20 -9.77
CA ILE A 10 -5.46 -8.49 -10.98
C ILE A 10 -5.43 -6.98 -10.74
N SER A 11 -6.57 -6.34 -10.56
CA SER A 11 -6.57 -4.90 -10.30
C SER A 11 -5.53 -4.53 -9.29
N SER A 12 -5.39 -5.34 -8.26
CA SER A 12 -4.40 -5.05 -7.20
C SER A 12 -2.99 -5.09 -7.80
N PHE A 13 -2.71 -6.09 -8.61
CA PHE A 13 -1.37 -6.19 -9.23
C PHE A 13 -1.04 -4.89 -9.96
N ILE A 14 -2.01 -4.32 -10.63
CA ILE A 14 -1.76 -3.04 -11.35
C ILE A 14 -1.35 -1.95 -10.35
N LEU A 15 -2.06 -1.85 -9.26
CA LEU A 15 -1.72 -0.82 -8.25
C LEU A 15 -0.36 -1.13 -7.62
N SER A 16 -0.06 -2.39 -7.44
CA SER A 16 1.25 -2.76 -6.82
C SER A 16 2.40 -2.15 -7.64
N ALA A 17 2.38 -2.30 -8.93
CA ALA A 17 3.47 -1.73 -9.77
C ALA A 17 3.44 -0.20 -9.70
N LEU A 18 2.28 0.38 -9.87
CA LEU A 18 2.18 1.87 -9.81
C LEU A 18 2.85 2.37 -8.53
N HIS A 19 2.54 1.77 -7.42
CA HIS A 19 3.16 2.22 -6.13
C HIS A 19 4.68 2.02 -6.19
N PHE A 20 5.12 0.95 -6.79
CA PHE A 20 6.58 0.69 -6.88
C PHE A 20 7.27 1.83 -7.63
N ILE A 21 6.79 2.18 -8.80
CA ILE A 21 7.43 3.28 -9.57
C ILE A 21 7.09 4.63 -8.93
N ALA A 22 5.88 4.80 -8.48
CA ALA A 22 5.49 6.10 -7.85
C ALA A 22 6.33 6.32 -6.58
N TRP A 23 6.57 5.28 -5.84
CA TRP A 23 7.39 5.43 -4.59
C TRP A 23 8.83 5.75 -4.95
N THR A 24 9.38 5.08 -5.93
CA THR A 24 10.78 5.35 -6.32
C THR A 24 10.91 6.78 -6.89
N ILE A 25 9.90 7.27 -7.57
CA ILE A 25 9.99 8.65 -8.12
C ILE A 25 9.67 9.68 -7.02
N GLY A 26 8.51 9.58 -6.42
CA GLY A 26 8.15 10.57 -5.35
C GLY A 26 9.17 10.52 -4.21
N HIS A 27 9.71 9.37 -3.89
CA HIS A 27 10.71 9.31 -2.77
C HIS A 27 12.05 9.85 -3.27
N LEU A 28 12.52 9.38 -4.40
CA LEU A 28 13.83 9.87 -4.92
C LEU A 28 13.72 11.36 -5.23
N ASN A 29 12.61 11.79 -5.77
CA ASN A 29 12.45 13.23 -6.08
C ASN A 29 12.59 14.07 -4.82
N GLN A 30 12.07 13.58 -3.71
CA GLN A 30 12.18 14.35 -2.44
C GLN A 30 13.65 14.62 -2.12
N ILE A 31 14.48 13.63 -2.24
CA ILE A 31 15.94 13.82 -1.94
C ILE A 31 16.68 14.18 -3.24
N LYS A 32 16.24 15.22 -3.89
CA LYS A 32 16.92 15.64 -5.16
C LYS A 32 16.38 17.00 -5.60
N ARG A 33 15.13 17.06 -5.96
CA ARG A 33 14.54 18.35 -6.41
C ARG A 33 15.46 18.99 -7.46
N MET B 1 -12.57 -18.64 8.00
CA MET B 1 -12.62 -18.34 6.54
C MET B 1 -13.93 -17.63 6.21
N LEU B 2 -13.88 -16.66 5.31
CA LEU B 2 -15.10 -15.92 4.92
C LEU B 2 -15.41 -14.81 5.94
N GLU B 3 -15.64 -15.16 7.18
CA GLU B 3 -15.97 -14.11 8.18
C GLU B 3 -14.71 -13.27 8.48
N PRO B 4 -13.60 -13.90 8.77
CA PRO B 4 -12.33 -13.19 9.08
C PRO B 4 -11.39 -13.11 7.86
N PHE B 5 -11.63 -13.88 6.84
CA PHE B 5 -10.73 -13.87 5.64
C PHE B 5 -11.35 -13.04 4.49
N GLN B 6 -12.49 -13.44 3.98
CA GLN B 6 -13.07 -12.67 2.85
C GLN B 6 -13.21 -11.20 3.23
N ILE B 7 -13.33 -10.92 4.48
CA ILE B 7 -13.45 -9.50 4.93
C ILE B 7 -12.09 -8.83 4.84
N LEU B 8 -11.04 -9.60 4.76
CA LEU B 8 -9.68 -9.01 4.66
C LEU B 8 -9.41 -8.63 3.20
N SER B 9 -9.65 -9.54 2.30
CA SER B 9 -9.42 -9.23 0.86
C SER B 9 -10.27 -8.03 0.44
N ILE B 10 -11.52 -8.01 0.82
CA ILE B 10 -12.40 -6.87 0.45
C ILE B 10 -11.85 -5.58 1.09
N SER B 11 -11.61 -5.57 2.42
CA SER B 11 -11.07 -4.36 3.04
C SER B 11 -9.97 -3.76 2.20
N SER B 12 -9.02 -4.57 1.83
CA SER B 12 -7.88 -4.05 1.02
C SER B 12 -8.43 -3.36 -0.22
N PHE B 13 -9.37 -3.97 -0.89
CA PHE B 13 -9.95 -3.34 -2.11
C PHE B 13 -10.37 -1.91 -1.79
N ILE B 14 -11.01 -1.71 -0.68
CA ILE B 14 -11.45 -0.34 -0.30
C ILE B 14 -10.24 0.58 -0.23
N LEU B 15 -9.16 0.11 0.36
CA LEU B 15 -7.94 0.96 0.47
C LEU B 15 -7.35 1.20 -0.94
N SER B 16 -7.34 0.19 -1.76
CA SER B 16 -6.79 0.36 -3.14
C SER B 16 -7.40 1.60 -3.79
N ALA B 17 -8.70 1.70 -3.78
CA ALA B 17 -9.35 2.89 -4.42
C ALA B 17 -8.94 4.15 -3.67
N LEU B 18 -9.19 4.21 -2.38
CA LEU B 18 -8.82 5.42 -1.60
C LEU B 18 -7.37 5.81 -1.94
N HIS B 19 -6.48 4.86 -1.92
CA HIS B 19 -5.05 5.16 -2.23
C HIS B 19 -4.96 5.91 -3.57
N PHE B 20 -5.72 5.49 -4.55
CA PHE B 20 -5.67 6.17 -5.87
C PHE B 20 -6.22 7.59 -5.73
N ILE B 21 -7.36 7.73 -5.09
CA ILE B 21 -7.96 9.09 -4.93
C ILE B 21 -7.02 9.97 -4.10
N ALA B 22 -6.34 9.39 -3.15
CA ALA B 22 -5.41 10.19 -2.31
C ALA B 22 -4.10 10.46 -3.07
N TRP B 23 -3.64 9.50 -3.81
CA TRP B 23 -2.37 9.68 -4.56
C TRP B 23 -2.60 10.63 -5.75
N THR B 24 -3.68 10.45 -6.45
CA THR B 24 -3.96 11.33 -7.63
C THR B 24 -4.14 12.77 -7.13
N ILE B 25 -4.95 12.96 -6.11
CA ILE B 25 -5.17 14.33 -5.59
C ILE B 25 -3.86 14.87 -4.99
N GLY B 26 -3.31 14.18 -4.02
CA GLY B 26 -2.04 14.67 -3.40
C GLY B 26 -0.97 14.83 -4.50
N HIS B 27 -1.00 14.02 -5.53
CA HIS B 27 0.02 14.17 -6.61
C HIS B 27 -0.48 15.22 -7.61
N LEU B 28 -1.57 14.96 -8.28
CA LEU B 28 -2.11 15.94 -9.26
C LEU B 28 -2.15 17.32 -8.61
N ASN B 29 -2.75 17.44 -7.46
CA ASN B 29 -2.81 18.77 -6.78
C ASN B 29 -1.40 19.34 -6.67
N GLN B 30 -0.44 18.53 -6.33
CA GLN B 30 0.96 19.03 -6.22
C GLN B 30 1.35 19.69 -7.54
N ILE B 31 0.86 19.17 -8.63
CA ILE B 31 1.20 19.77 -9.96
C ILE B 31 0.17 20.85 -10.30
N LYS B 32 -0.10 21.71 -9.36
CA LYS B 32 -1.08 22.81 -9.58
C LYS B 32 -0.34 24.12 -9.87
N ARG B 33 0.68 24.41 -9.11
CA ARG B 33 1.45 25.65 -9.33
C ARG B 33 2.36 25.48 -10.56
N MET C 1 -2.10 -18.09 12.62
CA MET C 1 -0.68 -17.76 12.31
C MET C 1 0.09 -19.05 12.05
N LEU C 2 -0.10 -19.66 10.91
CA LEU C 2 0.63 -20.91 10.61
C LEU C 2 2.13 -20.65 10.64
N GLU C 3 2.71 -20.16 9.57
CA GLU C 3 4.18 -19.87 9.58
C GLU C 3 4.60 -19.24 8.25
N PRO C 4 4.11 -19.73 7.14
CA PRO C 4 4.47 -19.23 5.79
C PRO C 4 3.45 -18.22 5.21
N PHE C 5 2.31 -18.69 4.79
CA PHE C 5 1.30 -17.78 4.16
C PHE C 5 0.49 -17.01 5.22
N GLN C 6 -0.09 -17.70 6.15
CA GLN C 6 -0.93 -17.01 7.18
C GLN C 6 -0.22 -15.78 7.72
N ILE C 7 1.01 -15.91 8.07
CA ILE C 7 1.77 -14.76 8.61
C ILE C 7 1.86 -13.64 7.57
N LEU C 8 1.67 -13.98 6.32
CA LEU C 8 1.74 -12.94 5.25
C LEU C 8 0.46 -12.09 5.29
N SER C 9 -0.67 -12.74 5.30
CA SER C 9 -1.95 -11.96 5.35
C SER C 9 -2.03 -11.14 6.63
N ILE C 10 -1.68 -11.72 7.75
CA ILE C 10 -1.74 -10.97 9.03
C ILE C 10 -0.74 -9.80 9.00
N SER C 11 0.44 -9.98 8.40
CA SER C 11 1.39 -8.87 8.34
C SER C 11 0.84 -7.75 7.49
N SER C 12 0.19 -8.08 6.41
CA SER C 12 -0.37 -7.03 5.52
C SER C 12 -1.51 -6.30 6.24
N PHE C 13 -2.28 -7.01 7.01
CA PHE C 13 -3.41 -6.36 7.74
C PHE C 13 -2.86 -5.32 8.72
N ILE C 14 -1.89 -5.69 9.51
CA ILE C 14 -1.31 -4.72 10.48
C ILE C 14 -0.73 -3.52 9.73
N LEU C 15 0.00 -3.77 8.68
CA LEU C 15 0.59 -2.65 7.90
C LEU C 15 -0.53 -1.82 7.26
N SER C 16 -1.46 -2.48 6.62
CA SER C 16 -2.59 -1.74 5.96
C SER C 16 -3.13 -0.66 6.90
N ALA C 17 -3.47 -0.99 8.11
CA ALA C 17 -4.02 0.03 9.04
C ALA C 17 -2.96 1.12 9.29
N LEU C 18 -1.73 0.72 9.56
CA LEU C 18 -0.67 1.73 9.81
C LEU C 18 -0.63 2.75 8.67
N HIS C 19 -0.81 2.30 7.45
CA HIS C 19 -0.76 3.22 6.30
C HIS C 19 -1.97 4.18 6.34
N PHE C 20 -3.16 3.64 6.33
CA PHE C 20 -4.37 4.51 6.37
C PHE C 20 -4.24 5.51 7.53
N ILE C 21 -3.91 5.03 8.70
CA ILE C 21 -3.79 5.95 9.87
C ILE C 21 -2.70 7.00 9.58
N ALA C 22 -1.48 6.57 9.43
CA ALA C 22 -0.38 7.54 9.17
C ALA C 22 -0.80 8.54 8.08
N TRP C 23 -1.70 8.15 7.22
CA TRP C 23 -2.16 9.07 6.15
C TRP C 23 -3.01 10.19 6.76
N THR C 24 -3.90 9.84 7.66
CA THR C 24 -4.76 10.89 8.28
C THR C 24 -3.91 11.87 9.11
N ILE C 25 -2.88 11.40 9.76
CA ILE C 25 -2.03 12.32 10.57
C ILE C 25 -1.11 13.12 9.63
N GLY C 26 -0.32 12.43 8.85
CA GLY C 26 0.62 13.17 7.92
C GLY C 26 -0.17 14.05 6.94
N HIS C 27 -1.34 13.62 6.51
CA HIS C 27 -2.12 14.47 5.56
C HIS C 27 -2.72 15.67 6.31
N LEU C 28 -3.39 15.42 7.41
CA LEU C 28 -4.00 16.54 8.18
C LEU C 28 -2.89 17.46 8.70
N ASN C 29 -1.77 16.92 9.08
CA ASN C 29 -0.66 17.78 9.59
C ASN C 29 -0.31 18.84 8.55
N GLN C 30 -0.33 18.47 7.29
CA GLN C 30 0.01 19.47 6.23
C GLN C 30 -0.96 20.65 6.31
N ILE C 31 -2.24 20.38 6.35
CA ILE C 31 -3.25 21.49 6.42
C ILE C 31 -3.53 21.82 7.89
N LYS C 32 -2.50 22.13 8.64
CA LYS C 32 -2.70 22.48 10.09
C LYS C 32 -1.64 23.51 10.50
N ARG C 33 -0.55 23.57 9.79
CA ARG C 33 0.51 24.54 10.16
C ARG C 33 0.01 25.97 9.90
N MET D 1 3.26 -21.86 -6.29
CA MET D 1 4.22 -22.47 -7.26
C MET D 1 3.58 -22.50 -8.65
N LEU D 2 2.70 -21.57 -8.92
CA LEU D 2 2.05 -21.53 -10.26
C LEU D 2 2.91 -20.68 -11.23
N GLU D 3 2.63 -19.42 -11.39
CA GLU D 3 3.46 -18.58 -12.31
C GLU D 3 2.87 -17.14 -12.31
N PRO D 4 1.56 -17.02 -12.44
CA PRO D 4 0.88 -15.71 -12.46
C PRO D 4 0.35 -15.31 -11.08
N PHE D 5 0.10 -16.28 -10.22
CA PHE D 5 -0.44 -15.96 -8.86
C PHE D 5 0.69 -15.97 -7.83
N GLN D 6 1.44 -17.04 -7.75
CA GLN D 6 2.54 -17.10 -6.74
C GLN D 6 3.50 -15.93 -6.95
N ILE D 7 3.61 -15.48 -8.16
CA ILE D 7 4.52 -14.34 -8.45
C ILE D 7 3.88 -13.06 -7.88
N LEU D 8 2.61 -13.09 -7.61
CA LEU D 8 1.93 -11.87 -7.06
C LEU D 8 2.19 -11.81 -5.55
N SER D 9 1.90 -12.88 -4.85
CA SER D 9 2.13 -12.87 -3.38
C SER D 9 3.61 -12.60 -3.10
N ILE D 10 4.48 -13.21 -3.86
CA ILE D 10 5.95 -12.98 -3.64
C ILE D 10 6.26 -11.49 -3.87
N SER D 11 6.00 -10.95 -5.08
CA SER D 11 6.27 -9.54 -5.32
C SER D 11 5.80 -8.69 -4.16
N SER D 12 4.61 -8.97 -3.68
CA SER D 12 4.05 -8.16 -2.56
C SER D 12 4.92 -8.34 -1.30
N PHE D 13 5.56 -9.46 -1.16
CA PHE D 13 6.40 -9.68 0.04
C PHE D 13 7.62 -8.76 0.01
N ILE D 14 8.39 -8.81 -1.05
CA ILE D 14 9.59 -7.93 -1.13
C ILE D 14 9.16 -6.47 -1.03
N LEU D 15 8.03 -6.14 -1.59
CA LEU D 15 7.55 -4.73 -1.54
C LEU D 15 7.06 -4.41 -0.12
N SER D 16 6.24 -5.26 0.44
CA SER D 16 5.72 -5.00 1.82
C SER D 16 6.86 -4.58 2.74
N ALA D 17 7.95 -5.29 2.74
CA ALA D 17 9.09 -4.90 3.63
C ALA D 17 9.69 -3.59 3.16
N LEU D 18 9.82 -3.40 1.87
CA LEU D 18 10.40 -2.13 1.35
C LEU D 18 9.58 -0.95 1.89
N HIS D 19 8.28 -1.00 1.74
CA HIS D 19 7.44 0.12 2.23
C HIS D 19 7.50 0.18 3.76
N PHE D 20 7.57 -0.95 4.41
CA PHE D 20 7.63 -0.96 5.90
C PHE D 20 8.80 -0.09 6.38
N ILE D 21 9.97 -0.31 5.82
CA ILE D 21 11.14 0.49 6.26
C ILE D 21 11.09 1.88 5.62
N ALA D 22 10.82 1.95 4.34
CA ALA D 22 10.76 3.28 3.66
C ALA D 22 9.75 4.17 4.37
N TRP D 23 8.64 3.61 4.80
CA TRP D 23 7.62 4.44 5.51
C TRP D 23 8.15 4.86 6.88
N THR D 24 8.77 3.96 7.59
CA THR D 24 9.30 4.31 8.94
C THR D 24 10.39 5.39 8.81
N ILE D 25 11.16 5.37 7.75
CA ILE D 25 12.22 6.41 7.60
C ILE D 25 11.61 7.72 7.10
N GLY D 26 10.96 7.69 5.97
CA GLY D 26 10.36 8.95 5.42
C GLY D 26 9.31 9.51 6.40
N HIS D 27 8.56 8.66 7.08
CA HIS D 27 7.54 9.18 8.03
C HIS D 27 8.25 9.80 9.23
N LEU D 28 9.20 9.11 9.79
CA LEU D 28 9.93 9.65 10.98
C LEU D 28 10.57 11.00 10.60
N ASN D 29 10.96 11.16 9.37
CA ASN D 29 11.57 12.45 8.95
C ASN D 29 10.58 13.58 9.18
N GLN D 30 9.32 13.35 8.91
CA GLN D 30 8.31 14.42 9.14
C GLN D 30 8.33 14.85 10.60
N ILE D 31 8.37 13.89 11.50
CA ILE D 31 8.40 14.23 12.96
C ILE D 31 9.85 14.33 13.42
N LYS D 32 10.62 15.16 12.77
CA LYS D 32 12.06 15.31 13.16
C LYS D 32 12.54 16.72 12.80
N ARG D 33 12.76 16.97 11.54
CA ARG D 33 13.24 18.32 11.11
C ARG D 33 12.16 19.35 11.43
N MET A 1 -14.78 -16.91 -5.52
CA MET A 1 -13.45 -17.40 -5.95
C MET A 1 -13.33 -17.32 -7.47
N LEU A 2 -12.40 -16.54 -7.97
CA LEU A 2 -12.20 -16.38 -9.43
C LEU A 2 -13.17 -15.33 -9.99
N GLU A 3 -14.45 -15.54 -9.88
CA GLU A 3 -15.40 -14.51 -10.43
C GLU A 3 -15.26 -13.21 -9.62
N PRO A 4 -15.30 -13.29 -8.30
CA PRO A 4 -15.18 -12.11 -7.42
C PRO A 4 -13.75 -11.89 -6.92
N PHE A 5 -12.95 -12.93 -6.88
CA PHE A 5 -11.56 -12.81 -6.38
C PHE A 5 -10.60 -12.42 -7.52
N GLN A 6 -10.72 -13.04 -8.66
CA GLN A 6 -9.79 -12.71 -9.78
C GLN A 6 -9.67 -11.19 -9.94
N ILE A 7 -10.77 -10.54 -10.02
CA ILE A 7 -10.76 -9.07 -10.18
C ILE A 7 -9.94 -8.42 -9.06
N LEU A 8 -9.75 -9.14 -7.98
CA LEU A 8 -8.95 -8.58 -6.86
C LEU A 8 -7.47 -8.70 -7.19
N SER A 9 -7.05 -9.84 -7.66
CA SER A 9 -5.61 -10.03 -8.01
C SER A 9 -5.22 -9.05 -9.13
N ILE A 10 -6.13 -8.75 -10.02
CA ILE A 10 -5.79 -7.81 -11.13
C ILE A 10 -5.64 -6.39 -10.58
N SER A 11 -6.69 -5.80 -10.06
CA SER A 11 -6.58 -4.45 -9.50
C SER A 11 -5.35 -4.33 -8.62
N SER A 12 -5.11 -5.35 -7.83
CA SER A 12 -3.92 -5.31 -6.92
C SER A 12 -2.64 -5.25 -7.76
N PHE A 13 -2.61 -5.96 -8.85
CA PHE A 13 -1.39 -5.96 -9.71
C PHE A 13 -1.22 -4.57 -10.35
N ILE A 14 -2.26 -4.04 -10.93
CA ILE A 14 -2.16 -2.70 -11.58
C ILE A 14 -1.75 -1.65 -10.53
N LEU A 15 -2.35 -1.71 -9.37
CA LEU A 15 -2.00 -0.72 -8.31
C LEU A 15 -0.58 -1.01 -7.78
N SER A 16 -0.28 -2.25 -7.51
CA SER A 16 1.07 -2.61 -6.99
C SER A 16 2.15 -1.91 -7.83
N ALA A 17 2.04 -1.95 -9.13
CA ALA A 17 3.06 -1.29 -9.98
C ALA A 17 2.94 0.23 -9.87
N LEU A 18 1.74 0.73 -9.89
CA LEU A 18 1.56 2.21 -9.79
C LEU A 18 2.24 2.72 -8.51
N HIS A 19 2.06 2.03 -7.42
CA HIS A 19 2.68 2.48 -6.14
C HIS A 19 4.21 2.34 -6.22
N PHE A 20 4.68 1.30 -6.87
CA PHE A 20 6.16 1.10 -6.96
C PHE A 20 6.78 2.25 -7.76
N ILE A 21 6.25 2.54 -8.93
CA ILE A 21 6.83 3.64 -9.75
C ILE A 21 6.47 4.99 -9.14
N ALA A 22 5.30 5.09 -8.54
CA ALA A 22 4.90 6.39 -7.94
C ALA A 22 5.73 6.65 -6.68
N TRP A 23 5.95 5.64 -5.88
CA TRP A 23 6.75 5.83 -4.63
C TRP A 23 8.20 6.15 -5.00
N THR A 24 8.75 5.45 -5.96
CA THR A 24 10.16 5.71 -6.35
C THR A 24 10.28 7.13 -6.90
N ILE A 25 9.29 7.62 -7.60
CA ILE A 25 9.38 9.01 -8.15
C ILE A 25 9.03 10.02 -7.06
N GLY A 26 7.86 9.94 -6.49
CA GLY A 26 7.47 10.92 -5.43
C GLY A 26 8.51 10.91 -4.29
N HIS A 27 9.09 9.78 -3.97
CA HIS A 27 10.10 9.74 -2.88
C HIS A 27 11.43 10.27 -3.42
N LEU A 28 11.92 9.69 -4.49
CA LEU A 28 13.21 10.16 -5.06
C LEU A 28 13.08 11.62 -5.49
N ASN A 29 12.08 11.93 -6.28
CA ASN A 29 11.90 13.34 -6.72
C ASN A 29 11.97 14.28 -5.51
N GLN A 30 11.47 13.84 -4.39
CA GLN A 30 11.50 14.70 -3.17
C GLN A 30 12.96 15.01 -2.80
N ILE A 31 13.73 14.00 -2.50
CA ILE A 31 15.15 14.24 -2.12
C ILE A 31 15.96 14.50 -3.40
N LYS A 32 15.46 15.38 -4.23
CA LYS A 32 16.18 15.71 -5.50
C LYS A 32 16.89 17.06 -5.33
N ARG A 33 16.17 18.07 -4.95
CA ARG A 33 16.80 19.41 -4.77
C ARG A 33 17.64 19.76 -6.00
N MET B 1 -15.06 -20.07 3.01
CA MET B 1 -16.07 -19.00 2.80
C MET B 1 -16.19 -18.15 4.06
N LEU B 2 -16.08 -16.85 3.92
CA LEU B 2 -16.17 -15.93 5.09
C LEU B 2 -14.93 -16.13 5.98
N GLU B 3 -15.10 -16.19 7.30
CA GLU B 3 -13.93 -16.40 8.21
C GLU B 3 -12.87 -15.31 8.02
N PRO B 4 -12.04 -15.10 9.02
CA PRO B 4 -10.96 -14.08 8.98
C PRO B 4 -10.38 -13.92 7.57
N PHE B 5 -10.27 -14.99 6.85
CA PHE B 5 -9.72 -14.91 5.48
C PHE B 5 -10.57 -13.95 4.64
N GLN B 6 -11.88 -14.08 4.70
CA GLN B 6 -12.73 -13.17 3.90
C GLN B 6 -12.67 -11.75 4.44
N ILE B 7 -13.25 -11.55 5.57
CA ILE B 7 -13.27 -10.18 6.19
C ILE B 7 -11.88 -9.52 6.07
N LEU B 8 -10.83 -10.29 6.00
CA LEU B 8 -9.48 -9.69 5.87
C LEU B 8 -9.33 -9.10 4.47
N SER B 9 -9.70 -9.85 3.47
CA SER B 9 -9.59 -9.35 2.08
C SER B 9 -10.53 -8.15 1.89
N ILE B 10 -11.68 -8.18 2.51
CA ILE B 10 -12.64 -7.05 2.36
C ILE B 10 -11.99 -5.74 2.83
N SER B 11 -11.52 -5.67 4.04
CA SER B 11 -10.87 -4.45 4.51
C SER B 11 -9.72 -4.06 3.60
N SER B 12 -8.96 -5.04 3.17
CA SER B 12 -7.81 -4.75 2.26
C SER B 12 -8.34 -4.21 0.93
N PHE B 13 -9.46 -4.71 0.48
CA PHE B 13 -10.04 -4.24 -0.81
C PHE B 13 -10.53 -2.80 -0.65
N ILE B 14 -11.29 -2.53 0.38
CA ILE B 14 -11.79 -1.14 0.59
C ILE B 14 -10.62 -0.16 0.65
N LEU B 15 -9.52 -0.58 1.21
CA LEU B 15 -8.35 0.34 1.29
C LEU B 15 -7.71 0.46 -0.10
N SER B 16 -7.56 -0.64 -0.80
CA SER B 16 -6.94 -0.59 -2.16
C SER B 16 -7.58 0.53 -2.97
N ALA B 17 -8.88 0.61 -2.99
CA ALA B 17 -9.55 1.69 -3.77
C ALA B 17 -9.33 3.03 -3.06
N LEU B 18 -9.51 3.07 -1.77
CA LEU B 18 -9.31 4.35 -1.02
C LEU B 18 -7.95 4.93 -1.41
N HIS B 19 -6.92 4.12 -1.40
CA HIS B 19 -5.57 4.63 -1.77
C HIS B 19 -5.56 5.07 -3.23
N PHE B 20 -6.27 4.38 -4.08
CA PHE B 20 -6.29 4.76 -5.52
C PHE B 20 -6.86 6.19 -5.66
N ILE B 21 -7.88 6.51 -4.92
CA ILE B 21 -8.48 7.88 -5.02
C ILE B 21 -7.61 8.88 -4.25
N ALA B 22 -7.31 8.61 -3.02
CA ALA B 22 -6.48 9.56 -2.22
C ALA B 22 -5.12 9.74 -2.90
N TRP B 23 -4.50 8.67 -3.31
CA TRP B 23 -3.17 8.78 -3.97
C TRP B 23 -3.29 9.59 -5.27
N THR B 24 -4.30 9.32 -6.06
CA THR B 24 -4.44 10.07 -7.33
C THR B 24 -4.73 11.55 -7.05
N ILE B 25 -5.44 11.85 -6.00
CA ILE B 25 -5.74 13.28 -5.70
C ILE B 25 -4.53 13.92 -5.01
N GLY B 26 -4.07 13.36 -3.92
CA GLY B 26 -2.89 13.96 -3.21
C GLY B 26 -1.66 13.95 -4.12
N HIS B 27 -1.48 12.94 -4.94
CA HIS B 27 -0.28 12.92 -5.83
C HIS B 27 -0.46 13.95 -6.94
N LEU B 28 -1.61 13.98 -7.56
CA LEU B 28 -1.86 14.96 -8.65
C LEU B 28 -1.80 16.37 -8.06
N ASN B 29 -2.29 16.54 -6.86
CA ASN B 29 -2.28 17.89 -6.23
C ASN B 29 -0.86 18.44 -6.21
N GLN B 30 0.10 17.59 -5.91
CA GLN B 30 1.52 18.07 -5.87
C GLN B 30 1.88 18.71 -7.21
N ILE B 31 1.67 18.01 -8.29
CA ILE B 31 2.01 18.58 -9.63
C ILE B 31 0.81 19.38 -10.16
N LYS B 32 0.36 20.33 -9.40
CA LYS B 32 -0.80 21.15 -9.84
C LYS B 32 -0.88 22.43 -8.99
N ARG B 33 -1.16 22.30 -7.73
CA ARG B 33 -1.25 23.49 -6.85
C ARG B 33 0.16 24.01 -6.57
N MET C 1 -4.00 -20.41 9.46
CA MET C 1 -3.21 -20.93 10.60
C MET C 1 -2.07 -21.80 10.08
N LEU C 2 -1.55 -21.48 8.92
CA LEU C 2 -0.42 -22.27 8.35
C LEU C 2 0.90 -21.72 8.92
N GLU C 3 1.81 -21.24 8.09
CA GLU C 3 3.09 -20.67 8.63
C GLU C 3 3.90 -19.95 7.53
N PRO C 4 3.72 -20.25 6.24
CA PRO C 4 4.49 -19.56 5.17
C PRO C 4 3.67 -18.44 4.53
N PHE C 5 2.47 -18.75 4.09
CA PHE C 5 1.59 -17.73 3.46
C PHE C 5 0.73 -17.03 4.52
N GLN C 6 0.12 -17.78 5.39
CA GLN C 6 -0.75 -17.17 6.44
C GLN C 6 -0.05 -16.00 7.11
N ILE C 7 1.21 -16.15 7.33
CA ILE C 7 1.99 -15.06 8.01
C ILE C 7 2.08 -13.83 7.11
N LEU C 8 1.88 -14.01 5.83
CA LEU C 8 1.94 -12.85 4.89
C LEU C 8 0.62 -12.08 4.99
N SER C 9 -0.48 -12.79 4.95
CA SER C 9 -1.80 -12.10 5.04
C SER C 9 -1.89 -11.33 6.36
N ILE C 10 -1.29 -11.84 7.41
CA ILE C 10 -1.36 -11.13 8.72
C ILE C 10 -0.49 -9.87 8.67
N SER C 11 0.81 -9.99 8.56
CA SER C 11 1.68 -8.81 8.50
C SER C 11 1.10 -7.77 7.58
N SER C 12 0.50 -8.20 6.50
CA SER C 12 -0.09 -7.24 5.53
C SER C 12 -1.26 -6.52 6.19
N PHE C 13 -2.05 -7.23 6.95
CA PHE C 13 -3.20 -6.58 7.64
C PHE C 13 -2.68 -5.45 8.52
N ILE C 14 -1.57 -5.64 9.16
CA ILE C 14 -1.01 -4.57 10.04
C ILE C 14 -0.70 -3.34 9.18
N LEU C 15 -0.01 -3.54 8.09
CA LEU C 15 0.33 -2.38 7.20
C LEU C 15 -0.95 -1.74 6.66
N SER C 16 -2.01 -2.49 6.55
CA SER C 16 -3.28 -1.92 6.02
C SER C 16 -3.83 -0.89 7.01
N ALA C 17 -3.94 -1.23 8.26
CA ALA C 17 -4.48 -0.27 9.26
C ALA C 17 -3.47 0.87 9.45
N LEU C 18 -2.22 0.56 9.53
CA LEU C 18 -1.19 1.63 9.72
C LEU C 18 -1.26 2.60 8.55
N HIS C 19 -1.46 2.10 7.36
CA HIS C 19 -1.54 3.00 6.17
C HIS C 19 -2.71 3.97 6.33
N PHE C 20 -3.87 3.45 6.65
CA PHE C 20 -5.05 4.34 6.82
C PHE C 20 -4.72 5.48 7.78
N ILE C 21 -4.28 5.15 8.97
CA ILE C 21 -3.93 6.23 9.95
C ILE C 21 -2.78 7.06 9.42
N ALA C 22 -1.74 6.43 8.94
CA ALA C 22 -0.57 7.18 8.41
C ALA C 22 -1.05 8.17 7.34
N TRP C 23 -2.05 7.80 6.59
CA TRP C 23 -2.56 8.71 5.53
C TRP C 23 -3.19 9.95 6.18
N THR C 24 -3.97 9.75 7.20
CA THR C 24 -4.62 10.91 7.87
C THR C 24 -3.56 11.77 8.57
N ILE C 25 -2.51 11.16 9.06
CA ILE C 25 -1.45 11.96 9.73
C ILE C 25 -0.60 12.70 8.69
N GLY C 26 -0.01 11.97 7.78
CA GLY C 26 0.85 12.62 6.74
C GLY C 26 -0.01 13.54 5.85
N HIS C 27 -1.24 13.17 5.56
CA HIS C 27 -2.08 14.06 4.71
C HIS C 27 -2.46 15.31 5.49
N LEU C 28 -2.85 15.15 6.72
CA LEU C 28 -3.21 16.34 7.55
C LEU C 28 -1.97 17.23 7.73
N ASN C 29 -0.82 16.63 7.86
CA ASN C 29 0.42 17.44 8.03
C ASN C 29 0.58 18.38 6.84
N GLN C 30 0.21 17.95 5.67
CA GLN C 30 0.33 18.84 4.47
C GLN C 30 -0.47 20.12 4.71
N ILE C 31 -1.69 19.99 5.14
CA ILE C 31 -2.53 21.20 5.39
C ILE C 31 -2.39 21.61 6.87
N LYS C 32 -1.19 21.90 7.29
CA LYS C 32 -0.97 22.30 8.71
C LYS C 32 0.35 23.07 8.83
N ARG C 33 1.45 22.42 8.58
CA ARG C 33 2.76 23.11 8.69
C ARG C 33 2.84 24.22 7.64
N MET D 1 4.14 -20.83 -6.67
CA MET D 1 5.17 -21.43 -7.58
C MET D 1 4.65 -21.42 -9.02
N LEU D 2 3.74 -20.53 -9.33
CA LEU D 2 3.19 -20.48 -10.72
C LEU D 2 4.07 -19.55 -11.57
N GLU D 3 3.80 -18.26 -11.57
CA GLU D 3 4.63 -17.31 -12.37
C GLU D 3 3.95 -15.93 -12.32
N PRO D 4 2.67 -15.85 -12.64
CA PRO D 4 1.91 -14.57 -12.62
C PRO D 4 1.29 -14.28 -11.26
N PHE D 5 0.91 -15.30 -10.53
CA PHE D 5 0.27 -15.07 -9.20
C PHE D 5 1.33 -15.08 -8.09
N GLN D 6 2.11 -16.12 -8.00
CA GLN D 6 3.14 -16.19 -6.92
C GLN D 6 4.01 -14.95 -6.95
N ILE D 7 4.24 -14.43 -8.10
CA ILE D 7 5.08 -13.20 -8.21
C ILE D 7 4.30 -11.99 -7.68
N LEU D 8 3.01 -12.12 -7.56
CA LEU D 8 2.19 -10.99 -7.06
C LEU D 8 2.28 -10.96 -5.53
N SER D 9 2.02 -12.07 -4.89
CA SER D 9 2.10 -12.11 -3.40
C SER D 9 3.53 -11.76 -2.97
N ILE D 10 4.51 -12.33 -3.62
CA ILE D 10 5.93 -12.02 -3.24
C ILE D 10 6.22 -10.55 -3.49
N SER D 11 5.69 -9.95 -4.56
CA SER D 11 5.93 -8.53 -4.81
C SER D 11 5.39 -7.69 -3.68
N SER D 12 4.24 -8.07 -3.17
CA SER D 12 3.61 -7.28 -2.06
C SER D 12 4.48 -7.39 -0.81
N PHE D 13 5.10 -8.52 -0.60
CA PHE D 13 5.95 -8.69 0.62
C PHE D 13 7.15 -7.75 0.55
N ILE D 14 7.97 -7.89 -0.45
CA ILE D 14 9.17 -7.01 -0.55
C ILE D 14 8.74 -5.55 -0.51
N LEU D 15 7.69 -5.21 -1.22
CA LEU D 15 7.22 -3.80 -1.23
C LEU D 15 6.72 -3.42 0.18
N SER D 16 5.99 -4.29 0.82
CA SER D 16 5.46 -3.98 2.18
C SER D 16 6.60 -3.44 3.07
N ALA D 17 7.69 -4.16 3.17
CA ALA D 17 8.81 -3.67 4.02
C ALA D 17 9.35 -2.36 3.47
N LEU D 18 9.59 -2.29 2.19
CA LEU D 18 10.12 -1.02 1.61
C LEU D 18 9.22 0.14 2.03
N HIS D 19 7.94 -0.02 1.95
CA HIS D 19 7.01 1.07 2.35
C HIS D 19 7.08 1.28 3.86
N PHE D 20 7.21 0.22 4.61
CA PHE D 20 7.29 0.36 6.10
C PHE D 20 8.56 1.10 6.49
N ILE D 21 9.70 0.61 6.07
CA ILE D 21 10.98 1.29 6.43
C ILE D 21 11.02 2.68 5.79
N ALA D 22 10.56 2.80 4.57
CA ALA D 22 10.57 4.14 3.90
C ALA D 22 9.69 5.11 4.68
N TRP D 23 8.53 4.68 5.10
CA TRP D 23 7.63 5.59 5.85
C TRP D 23 8.32 6.04 7.14
N THR D 24 8.97 5.14 7.82
CA THR D 24 9.65 5.51 9.09
C THR D 24 10.82 6.46 8.78
N ILE D 25 11.48 6.30 7.66
CA ILE D 25 12.61 7.21 7.33
C ILE D 25 12.07 8.55 6.81
N GLY D 26 11.28 8.51 5.77
CA GLY D 26 10.73 9.81 5.22
C GLY D 26 9.87 10.51 6.28
N HIS D 27 9.15 9.78 7.11
CA HIS D 27 8.32 10.44 8.15
C HIS D 27 9.22 10.97 9.26
N LEU D 28 10.05 10.12 9.82
CA LEU D 28 10.95 10.56 10.91
C LEU D 28 11.87 11.67 10.39
N ASN D 29 12.37 11.53 9.19
CA ASN D 29 13.28 12.57 8.64
C ASN D 29 12.54 13.91 8.60
N GLN D 30 11.29 13.90 8.21
CA GLN D 30 10.52 15.18 8.15
C GLN D 30 10.59 15.87 9.51
N ILE D 31 10.38 15.13 10.57
CA ILE D 31 10.43 15.75 11.93
C ILE D 31 11.84 15.65 12.48
N LYS D 32 12.81 16.16 11.76
CA LYS D 32 14.22 16.10 12.23
C LYS D 32 15.02 17.22 11.57
N ARG D 33 14.78 17.47 10.32
CA ARG D 33 15.53 18.55 9.61
C ARG D 33 15.10 19.91 10.18
N MET A 1 -10.62 -11.66 -13.45
CA MET A 1 -11.84 -11.04 -12.85
C MET A 1 -12.77 -12.13 -12.34
N LEU A 2 -12.30 -12.95 -11.44
CA LEU A 2 -13.16 -14.04 -10.89
C LEU A 2 -14.10 -13.47 -9.83
N GLU A 3 -13.53 -12.79 -8.88
CA GLU A 3 -14.31 -12.21 -7.77
C GLU A 3 -13.35 -11.29 -7.00
N PRO A 4 -13.74 -10.70 -5.89
CA PRO A 4 -12.81 -9.81 -5.14
C PRO A 4 -11.47 -10.51 -4.79
N PHE A 5 -11.26 -11.70 -5.30
CA PHE A 5 -10.00 -12.45 -5.03
C PHE A 5 -9.07 -12.36 -6.25
N GLN A 6 -9.39 -13.05 -7.32
CA GLN A 6 -8.49 -12.99 -8.52
C GLN A 6 -8.30 -11.55 -8.95
N ILE A 7 -9.34 -10.81 -8.90
CA ILE A 7 -9.24 -9.37 -9.31
C ILE A 7 -8.28 -8.64 -8.36
N LEU A 8 -8.06 -9.18 -7.19
CA LEU A 8 -7.14 -8.53 -6.23
C LEU A 8 -5.71 -8.83 -6.64
N SER A 9 -5.45 -10.02 -7.11
CA SER A 9 -4.06 -10.38 -7.53
C SER A 9 -3.62 -9.51 -8.71
N ILE A 10 -4.44 -9.40 -9.73
CA ILE A 10 -4.05 -8.57 -10.91
C ILE A 10 -4.22 -7.09 -10.59
N SER A 11 -5.10 -6.70 -9.65
CA SER A 11 -5.22 -5.30 -9.30
C SER A 11 -4.08 -4.87 -8.39
N SER A 12 -3.85 -5.64 -7.36
CA SER A 12 -2.74 -5.30 -6.42
C SER A 12 -1.40 -5.44 -7.15
N PHE A 13 -1.34 -6.26 -8.16
CA PHE A 13 -0.07 -6.45 -8.92
C PHE A 13 0.22 -5.20 -9.75
N ILE A 14 -0.65 -4.87 -10.67
CA ILE A 14 -0.41 -3.66 -11.51
C ILE A 14 -0.20 -2.45 -10.60
N LEU A 15 -0.89 -2.39 -9.50
CA LEU A 15 -0.72 -1.24 -8.56
C LEU A 15 0.63 -1.38 -7.85
N SER A 16 0.99 -2.58 -7.47
CA SER A 16 2.29 -2.78 -6.77
C SER A 16 3.41 -2.08 -7.55
N ALA A 17 3.45 -2.27 -8.83
CA ALA A 17 4.52 -1.60 -9.64
C ALA A 17 4.28 -0.09 -9.64
N LEU A 18 3.11 0.35 -9.99
CA LEU A 18 2.83 1.81 -10.01
C LEU A 18 3.27 2.42 -8.67
N HIS A 19 2.95 1.79 -7.58
CA HIS A 19 3.36 2.33 -6.26
C HIS A 19 4.88 2.36 -6.16
N PHE A 20 5.55 1.43 -6.77
CA PHE A 20 7.04 1.41 -6.71
C PHE A 20 7.61 2.63 -7.45
N ILE A 21 7.19 2.84 -8.67
CA ILE A 21 7.71 4.00 -9.44
C ILE A 21 7.10 5.30 -8.91
N ALA A 22 5.91 5.22 -8.39
CA ALA A 22 5.25 6.46 -7.85
C ALA A 22 6.02 6.94 -6.63
N TRP A 23 6.60 6.04 -5.88
CA TRP A 23 7.35 6.44 -4.66
C TRP A 23 8.72 6.99 -5.07
N THR A 24 9.41 6.32 -5.95
CA THR A 24 10.75 6.81 -6.37
C THR A 24 10.61 8.10 -7.18
N ILE A 25 9.56 8.23 -7.95
CA ILE A 25 9.38 9.48 -8.75
C ILE A 25 8.93 10.62 -7.83
N GLY A 26 7.86 10.42 -7.10
CA GLY A 26 7.37 11.51 -6.18
C GLY A 26 8.44 11.81 -5.12
N HIS A 27 9.18 10.81 -4.67
CA HIS A 27 10.22 11.07 -3.65
C HIS A 27 11.43 11.73 -4.31
N LEU A 28 11.92 11.12 -5.36
CA LEU A 28 13.10 11.70 -6.07
C LEU A 28 12.70 13.06 -6.66
N ASN A 29 11.60 13.12 -7.35
CA ASN A 29 11.17 14.42 -7.95
C ASN A 29 11.10 15.49 -6.86
N GLN A 30 10.73 15.11 -5.66
CA GLN A 30 10.66 16.11 -4.55
C GLN A 30 12.04 16.74 -4.33
N ILE A 31 13.05 15.93 -4.19
CA ILE A 31 14.43 16.49 -3.97
C ILE A 31 15.10 16.70 -5.33
N LYS A 32 14.48 17.45 -6.19
CA LYS A 32 15.08 17.72 -7.52
C LYS A 32 14.39 18.94 -8.16
N ARG A 33 13.21 18.77 -8.66
CA ARG A 33 12.49 19.91 -9.29
C ARG A 33 13.42 20.62 -10.28
N MET B 1 -10.53 -19.45 7.97
CA MET B 1 -10.65 -19.37 6.49
C MET B 1 -12.06 -18.90 6.12
N LEU B 2 -12.17 -17.83 5.38
CA LEU B 2 -13.50 -17.30 4.96
C LEU B 2 -14.11 -16.47 6.11
N GLU B 3 -14.29 -17.04 7.26
CA GLU B 3 -14.89 -16.25 8.37
C GLU B 3 -13.89 -15.15 8.82
N PRO B 4 -12.65 -15.50 9.07
CA PRO B 4 -11.61 -14.53 9.50
C PRO B 4 -10.76 -14.02 8.33
N PHE B 5 -10.71 -14.77 7.25
CA PHE B 5 -9.88 -14.34 6.08
C PHE B 5 -10.69 -13.50 5.09
N GLN B 6 -11.91 -13.89 4.79
CA GLN B 6 -12.72 -13.11 3.82
C GLN B 6 -12.61 -11.62 4.11
N ILE B 7 -13.09 -11.23 5.24
CA ILE B 7 -13.06 -9.79 5.65
C ILE B 7 -11.66 -9.22 5.45
N LEU B 8 -10.65 -10.04 5.41
CA LEU B 8 -9.28 -9.51 5.23
C LEU B 8 -9.13 -9.03 3.78
N SER B 9 -9.41 -9.88 2.84
CA SER B 9 -9.31 -9.47 1.41
C SER B 9 -10.11 -8.18 1.19
N ILE B 10 -11.25 -8.06 1.83
CA ILE B 10 -12.06 -6.82 1.65
C ILE B 10 -11.24 -5.60 2.06
N SER B 11 -10.74 -5.55 3.27
CA SER B 11 -9.93 -4.43 3.71
C SER B 11 -8.92 -4.04 2.66
N SER B 12 -8.29 -5.03 2.07
CA SER B 12 -7.26 -4.74 1.03
C SER B 12 -7.93 -4.13 -0.20
N PHE B 13 -9.06 -4.66 -0.61
CA PHE B 13 -9.75 -4.11 -1.80
C PHE B 13 -10.06 -2.62 -1.56
N ILE B 14 -10.60 -2.29 -0.43
CA ILE B 14 -10.92 -0.87 -0.15
C ILE B 14 -9.64 -0.04 -0.25
N LEU B 15 -8.55 -0.55 0.24
CA LEU B 15 -7.27 0.21 0.18
C LEU B 15 -6.80 0.29 -1.27
N SER B 16 -7.04 -0.73 -2.05
CA SER B 16 -6.59 -0.70 -3.47
C SER B 16 -7.20 0.51 -4.17
N ALA B 17 -8.49 0.68 -4.09
CA ALA B 17 -9.13 1.85 -4.75
C ALA B 17 -8.73 3.13 -4.02
N LEU B 18 -8.97 3.19 -2.73
CA LEU B 18 -8.60 4.40 -1.95
C LEU B 18 -7.16 4.80 -2.30
N HIS B 19 -6.29 3.84 -2.43
CA HIS B 19 -4.87 4.15 -2.77
C HIS B 19 -4.82 4.86 -4.13
N PHE B 20 -5.54 4.37 -5.09
CA PHE B 20 -5.52 5.02 -6.44
C PHE B 20 -6.14 6.41 -6.35
N ILE B 21 -7.32 6.52 -5.81
CA ILE B 21 -7.97 7.86 -5.69
C ILE B 21 -7.10 8.79 -4.83
N ALA B 22 -6.50 8.26 -3.80
CA ALA B 22 -5.64 9.12 -2.93
C ALA B 22 -4.42 9.60 -3.72
N TRP B 23 -3.74 8.70 -4.37
CA TRP B 23 -2.54 9.12 -5.16
C TRP B 23 -2.95 10.09 -6.26
N THR B 24 -4.03 9.80 -6.95
CA THR B 24 -4.48 10.71 -8.04
C THR B 24 -4.77 12.10 -7.47
N ILE B 25 -5.27 12.18 -6.26
CA ILE B 25 -5.57 13.51 -5.67
C ILE B 25 -4.32 14.11 -5.01
N GLY B 26 -3.77 13.44 -4.03
CA GLY B 26 -2.56 13.97 -3.33
C GLY B 26 -1.44 14.28 -4.35
N HIS B 27 -1.30 13.50 -5.40
CA HIS B 27 -0.21 13.78 -6.38
C HIS B 27 -0.35 15.22 -6.89
N LEU B 28 -1.56 15.65 -7.16
CA LEU B 28 -1.75 17.04 -7.66
C LEU B 28 -1.02 18.02 -6.74
N ASN B 29 -1.08 17.80 -5.46
CA ASN B 29 -0.38 18.73 -4.52
C ASN B 29 1.07 18.89 -4.96
N GLN B 30 1.73 17.81 -5.28
CA GLN B 30 3.14 17.91 -5.72
C GLN B 30 3.21 18.83 -6.94
N ILE B 31 2.20 18.79 -7.77
CA ILE B 31 2.18 19.66 -8.98
C ILE B 31 1.50 20.98 -8.64
N LYS B 32 1.91 21.60 -7.57
CA LYS B 32 1.29 22.89 -7.16
C LYS B 32 2.25 23.64 -6.23
N ARG B 33 2.40 23.18 -5.01
CA ARG B 33 3.31 23.87 -4.06
C ARG B 33 3.02 25.36 -4.06
N MET C 1 -5.93 -22.31 7.54
CA MET C 1 -5.10 -21.82 8.67
C MET C 1 -3.82 -22.66 8.78
N LEU C 2 -2.68 -22.03 8.71
CA LEU C 2 -1.39 -22.78 8.82
C LEU C 2 -0.33 -21.85 9.44
N GLU C 3 0.90 -21.80 8.93
CA GLU C 3 1.92 -20.89 9.55
C GLU C 3 2.72 -20.19 8.44
N PRO C 4 3.49 -20.91 7.65
CA PRO C 4 4.29 -20.31 6.54
C PRO C 4 3.62 -19.07 5.92
N PHE C 5 2.42 -19.21 5.44
CA PHE C 5 1.72 -18.05 4.80
C PHE C 5 0.86 -17.30 5.84
N GLN C 6 0.83 -17.75 7.07
CA GLN C 6 0.00 -17.06 8.09
C GLN C 6 0.64 -15.75 8.51
N ILE C 7 1.92 -15.74 8.67
CA ILE C 7 2.63 -14.49 9.09
C ILE C 7 2.64 -13.48 7.95
N LEU C 8 2.51 -13.92 6.74
CA LEU C 8 2.50 -12.96 5.60
C LEU C 8 1.13 -12.28 5.54
N SER C 9 0.07 -13.03 5.73
CA SER C 9 -1.29 -12.44 5.70
C SER C 9 -1.44 -11.47 6.88
N ILE C 10 -0.99 -11.85 8.04
CA ILE C 10 -1.12 -10.95 9.22
C ILE C 10 -0.35 -9.66 8.96
N SER C 11 0.96 -9.72 8.79
CA SER C 11 1.73 -8.51 8.52
C SER C 11 1.04 -7.63 7.51
N SER C 12 0.50 -8.22 6.48
CA SER C 12 -0.18 -7.41 5.43
C SER C 12 -1.37 -6.68 6.04
N PHE C 13 -2.17 -7.37 6.81
CA PHE C 13 -3.35 -6.72 7.44
C PHE C 13 -2.89 -5.58 8.36
N ILE C 14 -1.87 -5.81 9.13
CA ILE C 14 -1.36 -4.76 10.06
C ILE C 14 -0.81 -3.58 9.25
N LEU C 15 -0.10 -3.85 8.19
CA LEU C 15 0.47 -2.74 7.38
C LEU C 15 -0.65 -1.99 6.65
N SER C 16 -1.70 -2.68 6.27
CA SER C 16 -2.82 -2.00 5.56
C SER C 16 -3.44 -0.93 6.46
N ALA C 17 -3.86 -1.29 7.65
CA ALA C 17 -4.48 -0.27 8.54
C ALA C 17 -3.45 0.81 8.87
N LEU C 18 -2.20 0.45 8.93
CA LEU C 18 -1.15 1.46 9.25
C LEU C 18 -1.13 2.53 8.15
N HIS C 19 -1.41 2.15 6.93
CA HIS C 19 -1.40 3.13 5.82
C HIS C 19 -2.62 4.05 5.93
N PHE C 20 -3.75 3.50 6.28
CA PHE C 20 -4.98 4.35 6.40
C PHE C 20 -4.80 5.36 7.52
N ILE C 21 -4.53 4.90 8.71
CA ILE C 21 -4.34 5.83 9.86
C ILE C 21 -3.23 6.83 9.53
N ALA C 22 -2.19 6.38 8.88
CA ALA C 22 -1.08 7.31 8.54
C ALA C 22 -1.53 8.28 7.44
N TRP C 23 -2.33 7.81 6.53
CA TRP C 23 -2.82 8.68 5.43
C TRP C 23 -3.76 9.75 6.01
N THR C 24 -4.64 9.35 6.89
CA THR C 24 -5.60 10.33 7.48
C THR C 24 -4.84 11.33 8.36
N ILE C 25 -3.79 10.91 9.02
CA ILE C 25 -3.04 11.87 9.89
C ILE C 25 -2.15 12.76 9.03
N GLY C 26 -1.30 12.17 8.21
CA GLY C 26 -0.39 13.01 7.35
C GLY C 26 -1.23 13.83 6.35
N HIS C 27 -2.32 13.30 5.85
CA HIS C 27 -3.14 14.08 4.89
C HIS C 27 -3.86 15.22 5.63
N LEU C 28 -4.46 14.92 6.74
CA LEU C 28 -5.18 15.98 7.52
C LEU C 28 -4.19 17.09 7.87
N ASN C 29 -2.95 16.75 8.12
CA ASN C 29 -1.95 17.79 8.48
C ASN C 29 -1.74 18.72 7.27
N GLN C 30 -1.74 18.20 6.09
CA GLN C 30 -1.53 19.06 4.89
C GLN C 30 -2.53 20.22 4.93
N ILE C 31 -3.74 19.97 5.36
CA ILE C 31 -4.76 21.07 5.41
C ILE C 31 -4.69 21.74 6.79
N LYS C 32 -3.51 22.13 7.18
CA LYS C 32 -3.35 22.80 8.51
C LYS C 32 -2.07 23.64 8.49
N ARG C 33 -0.93 23.01 8.55
CA ARG C 33 0.35 23.78 8.53
C ARG C 33 0.36 24.73 7.33
N MET D 1 -2.06 -22.22 -8.11
CA MET D 1 -0.92 -22.47 -7.18
C MET D 1 0.40 -22.19 -7.90
N LEU D 2 1.34 -21.60 -7.22
CA LEU D 2 2.66 -21.29 -7.83
C LEU D 2 2.48 -20.29 -8.98
N GLU D 3 1.82 -20.67 -10.05
CA GLU D 3 1.61 -19.71 -11.18
C GLU D 3 1.13 -18.39 -10.57
N PRO D 4 1.25 -17.29 -11.30
CA PRO D 4 0.88 -15.93 -10.83
C PRO D 4 0.09 -15.91 -9.52
N PHE D 5 0.66 -16.48 -8.49
CA PHE D 5 0.02 -16.55 -7.18
C PHE D 5 1.13 -16.58 -6.12
N GLN D 6 1.92 -17.63 -6.08
CA GLN D 6 3.02 -17.67 -5.08
C GLN D 6 4.10 -16.68 -5.49
N ILE D 7 4.30 -16.53 -6.76
CA ILE D 7 5.33 -15.57 -7.25
C ILE D 7 4.91 -14.14 -6.89
N LEU D 8 3.63 -13.92 -6.70
CA LEU D 8 3.16 -12.56 -6.34
C LEU D 8 3.44 -12.34 -4.86
N SER D 9 3.15 -13.31 -4.04
CA SER D 9 3.40 -13.16 -2.58
C SER D 9 4.86 -12.75 -2.36
N ILE D 10 5.78 -13.36 -3.08
CA ILE D 10 7.21 -12.98 -2.90
C ILE D 10 7.44 -11.56 -3.39
N SER D 11 7.27 -11.28 -4.67
CA SER D 11 7.45 -9.93 -5.17
C SER D 11 6.79 -8.92 -4.26
N SER D 12 5.57 -9.20 -3.87
CA SER D 12 4.84 -8.26 -2.98
C SER D 12 5.55 -8.21 -1.63
N PHE D 13 6.09 -9.32 -1.19
CA PHE D 13 6.80 -9.33 0.13
C PHE D 13 7.98 -8.36 0.07
N ILE D 14 8.71 -8.35 -1.01
CA ILE D 14 9.87 -7.41 -1.14
C ILE D 14 9.37 -5.97 -1.05
N LEU D 15 8.31 -5.66 -1.74
CA LEU D 15 7.75 -4.28 -1.72
C LEU D 15 7.17 -3.99 -0.34
N SER D 16 6.38 -4.90 0.18
CA SER D 16 5.76 -4.68 1.52
C SER D 16 6.81 -4.18 2.51
N ALA D 17 7.97 -4.80 2.54
CA ALA D 17 9.03 -4.35 3.48
C ALA D 17 9.63 -3.04 2.97
N LEU D 18 9.73 -2.89 1.68
CA LEU D 18 10.30 -1.64 1.11
C LEU D 18 9.48 -0.43 1.59
N HIS D 19 8.19 -0.48 1.42
CA HIS D 19 7.34 0.66 1.87
C HIS D 19 7.35 0.75 3.39
N PHE D 20 7.50 -0.37 4.06
CA PHE D 20 7.52 -0.34 5.55
C PHE D 20 8.65 0.58 6.04
N ILE D 21 9.80 0.48 5.44
CA ILE D 21 10.94 1.33 5.87
C ILE D 21 10.79 2.74 5.28
N ALA D 22 10.55 2.83 4.00
CA ALA D 22 10.41 4.18 3.37
C ALA D 22 9.27 4.95 4.04
N TRP D 23 8.20 4.28 4.36
CA TRP D 23 7.06 4.98 5.01
C TRP D 23 7.44 5.38 6.44
N THR D 24 8.10 4.50 7.16
CA THR D 24 8.49 4.83 8.56
C THR D 24 9.52 5.97 8.55
N ILE D 25 10.40 6.02 7.59
CA ILE D 25 11.41 7.12 7.56
C ILE D 25 10.76 8.40 6.99
N GLY D 26 10.22 8.32 5.81
CA GLY D 26 9.59 9.55 5.21
C GLY D 26 8.48 10.07 6.13
N HIS D 27 7.77 9.20 6.82
CA HIS D 27 6.68 9.69 7.73
C HIS D 27 7.31 10.19 9.02
N LEU D 28 8.12 9.38 9.66
CA LEU D 28 8.77 9.82 10.93
C LEU D 28 9.68 11.01 10.65
N ASN D 29 10.55 10.90 9.68
CA ASN D 29 11.46 12.04 9.37
C ASN D 29 10.64 13.32 9.17
N GLN D 30 9.46 13.20 8.63
CA GLN D 30 8.61 14.41 8.42
C GLN D 30 8.29 15.04 9.76
N ILE D 31 7.68 14.30 10.65
CA ILE D 31 7.33 14.87 11.99
C ILE D 31 8.58 14.89 12.87
N LYS D 32 9.67 15.37 12.33
CA LYS D 32 10.95 15.43 13.10
C LYS D 32 11.15 16.85 13.63
N ARG D 33 10.88 17.84 12.81
CA ARG D 33 11.06 19.25 13.26
C ARG D 33 10.08 19.55 14.40
N MET A 1 -15.91 -17.06 -6.00
CA MET A 1 -14.64 -16.31 -6.31
C MET A 1 -14.40 -16.36 -7.82
N LEU A 2 -13.34 -15.72 -8.28
CA LEU A 2 -13.00 -15.70 -9.73
C LEU A 2 -13.73 -14.55 -10.43
N GLU A 3 -15.04 -14.57 -10.45
CA GLU A 3 -15.77 -13.46 -11.15
C GLU A 3 -15.54 -12.14 -10.37
N PRO A 4 -15.74 -12.15 -9.08
CA PRO A 4 -15.56 -10.96 -8.22
C PRO A 4 -14.18 -10.89 -7.58
N PHE A 5 -13.54 -12.02 -7.38
CA PHE A 5 -12.19 -12.02 -6.73
C PHE A 5 -11.09 -11.79 -7.78
N GLN A 6 -11.13 -12.49 -8.88
CA GLN A 6 -10.06 -12.31 -9.91
C GLN A 6 -9.78 -10.83 -10.13
N ILE A 7 -10.75 -10.11 -10.54
CA ILE A 7 -10.58 -8.66 -10.79
C ILE A 7 -9.94 -7.98 -9.57
N LEU A 8 -10.02 -8.58 -8.42
CA LEU A 8 -9.41 -7.96 -7.23
C LEU A 8 -7.89 -8.12 -7.34
N SER A 9 -7.44 -9.29 -7.65
CA SER A 9 -5.97 -9.52 -7.78
C SER A 9 -5.42 -8.59 -8.87
N ILE A 10 -6.17 -8.38 -9.92
CA ILE A 10 -5.69 -7.48 -11.01
C ILE A 10 -5.42 -6.09 -10.46
N SER A 11 -6.43 -5.42 -9.94
CA SER A 11 -6.24 -4.09 -9.36
C SER A 11 -4.99 -4.04 -8.52
N SER A 12 -4.81 -5.05 -7.68
CA SER A 12 -3.61 -5.08 -6.81
C SER A 12 -2.35 -5.13 -7.66
N PHE A 13 -2.38 -5.83 -8.76
CA PHE A 13 -1.18 -5.90 -9.64
C PHE A 13 -0.92 -4.52 -10.25
N ILE A 14 -1.94 -3.88 -10.74
CA ILE A 14 -1.75 -2.53 -11.35
C ILE A 14 -1.29 -1.55 -10.27
N LEU A 15 -1.74 -1.74 -9.06
CA LEU A 15 -1.34 -0.81 -7.96
C LEU A 15 0.09 -1.14 -7.50
N SER A 16 0.43 -2.40 -7.45
CA SER A 16 1.80 -2.79 -6.99
C SER A 16 2.84 -2.17 -7.93
N ALA A 17 2.69 -2.34 -9.22
CA ALA A 17 3.69 -1.75 -10.16
C ALA A 17 3.60 -0.22 -10.12
N LEU A 18 2.41 0.32 -10.26
CA LEU A 18 2.26 1.79 -10.23
C LEU A 18 2.88 2.33 -8.94
N HIS A 19 2.52 1.77 -7.81
CA HIS A 19 3.09 2.24 -6.53
C HIS A 19 4.61 2.06 -6.53
N PHE A 20 5.08 0.97 -7.06
CA PHE A 20 6.56 0.73 -7.08
C PHE A 20 7.25 1.89 -7.81
N ILE A 21 6.81 2.20 -9.00
CA ILE A 21 7.44 3.32 -9.75
C ILE A 21 7.07 4.66 -9.11
N ALA A 22 5.86 4.80 -8.67
CA ALA A 22 5.44 6.09 -8.03
C ALA A 22 6.21 6.31 -6.74
N TRP A 23 6.63 5.25 -6.09
CA TRP A 23 7.39 5.39 -4.83
C TRP A 23 8.81 5.85 -5.13
N THR A 24 9.43 5.26 -6.12
CA THR A 24 10.83 5.64 -6.46
C THR A 24 10.86 7.07 -7.01
N ILE A 25 9.84 7.49 -7.72
CA ILE A 25 9.84 8.88 -8.27
C ILE A 25 9.50 9.88 -7.17
N GLY A 26 8.39 9.69 -6.50
CA GLY A 26 8.01 10.66 -5.41
C GLY A 26 9.03 10.58 -4.26
N HIS A 27 9.59 9.43 -3.97
CA HIS A 27 10.59 9.36 -2.86
C HIS A 27 11.89 10.02 -3.31
N LEU A 28 12.37 9.67 -4.48
CA LEU A 28 13.64 10.28 -4.98
C LEU A 28 13.46 11.79 -5.12
N ASN A 29 12.32 12.22 -5.60
CA ASN A 29 12.10 13.69 -5.76
C ASN A 29 12.25 14.38 -4.41
N GLN A 30 11.87 13.71 -3.35
CA GLN A 30 12.00 14.34 -2.01
C GLN A 30 13.47 14.67 -1.74
N ILE A 31 14.35 13.74 -1.98
CA ILE A 31 15.81 14.00 -1.75
C ILE A 31 16.45 14.51 -3.04
N LYS A 32 15.94 15.59 -3.57
CA LYS A 32 16.51 16.14 -4.83
C LYS A 32 16.12 17.62 -4.97
N ARG A 33 14.85 17.92 -4.88
CA ARG A 33 14.40 19.34 -5.00
C ARG A 33 15.00 19.94 -6.28
N MET B 1 -18.34 -16.67 -0.45
CA MET B 1 -17.07 -16.44 0.28
C MET B 1 -17.13 -17.10 1.65
N LEU B 2 -16.79 -16.38 2.70
CA LEU B 2 -16.85 -16.98 4.06
C LEU B 2 -17.07 -15.87 5.10
N GLU B 3 -16.30 -15.79 6.18
CA GLU B 3 -16.54 -14.71 7.18
C GLU B 3 -15.21 -14.24 7.82
N PRO B 4 -14.43 -15.10 8.45
CA PRO B 4 -13.14 -14.66 9.07
C PRO B 4 -12.27 -13.84 8.10
N PHE B 5 -11.86 -14.43 7.00
CA PHE B 5 -11.00 -13.68 6.03
C PHE B 5 -11.86 -12.70 5.20
N GLN B 6 -13.13 -12.63 5.48
CA GLN B 6 -14.01 -11.71 4.71
C GLN B 6 -13.78 -10.26 5.11
N ILE B 7 -13.41 -10.05 6.32
CA ILE B 7 -13.18 -8.65 6.79
C ILE B 7 -11.85 -8.12 6.27
N LEU B 8 -10.91 -8.99 5.99
CA LEU B 8 -9.60 -8.53 5.46
C LEU B 8 -9.78 -8.19 3.97
N SER B 9 -10.52 -9.00 3.26
CA SER B 9 -10.75 -8.73 1.82
C SER B 9 -11.45 -7.37 1.64
N ILE B 10 -12.45 -7.11 2.43
CA ILE B 10 -13.18 -5.80 2.31
C ILE B 10 -12.25 -4.64 2.64
N SER B 11 -11.72 -4.56 3.86
CA SER B 11 -10.83 -3.46 4.22
C SER B 11 -9.86 -3.15 3.11
N SER B 12 -9.27 -4.17 2.53
CA SER B 12 -8.28 -3.94 1.44
C SER B 12 -8.99 -3.30 0.24
N PHE B 13 -10.22 -3.66 0.01
CA PHE B 13 -10.96 -3.08 -1.15
C PHE B 13 -11.15 -1.56 -0.95
N ILE B 14 -11.76 -1.15 0.12
CA ILE B 14 -11.98 0.31 0.35
C ILE B 14 -10.62 1.03 0.43
N LEU B 15 -9.64 0.41 0.99
CA LEU B 15 -8.31 1.07 1.11
C LEU B 15 -7.67 1.17 -0.28
N SER B 16 -7.69 0.10 -1.03
CA SER B 16 -7.08 0.13 -2.38
C SER B 16 -7.58 1.35 -3.17
N ALA B 17 -8.87 1.51 -3.29
CA ALA B 17 -9.39 2.68 -4.05
C ALA B 17 -9.00 3.98 -3.35
N LEU B 18 -9.08 4.01 -2.04
CA LEU B 18 -8.70 5.24 -1.31
C LEU B 18 -7.29 5.65 -1.73
N HIS B 19 -6.37 4.72 -1.74
CA HIS B 19 -4.98 5.06 -2.15
C HIS B 19 -4.96 5.43 -3.63
N PHE B 20 -5.50 4.60 -4.47
CA PHE B 20 -5.51 4.92 -5.93
C PHE B 20 -5.98 6.35 -6.15
N ILE B 21 -7.02 6.76 -5.47
CA ILE B 21 -7.53 8.15 -5.65
C ILE B 21 -6.63 9.12 -4.88
N ALA B 22 -6.58 9.00 -3.59
CA ALA B 22 -5.73 9.91 -2.77
C ALA B 22 -4.35 10.06 -3.41
N TRP B 23 -3.91 9.09 -4.16
CA TRP B 23 -2.57 9.17 -4.80
C TRP B 23 -2.67 10.02 -6.08
N THR B 24 -3.66 9.78 -6.90
CA THR B 24 -3.78 10.56 -8.16
C THR B 24 -4.08 12.04 -7.84
N ILE B 25 -4.93 12.33 -6.89
CA ILE B 25 -5.23 13.76 -6.58
C ILE B 25 -4.09 14.35 -5.73
N GLY B 26 -3.64 13.62 -4.74
CA GLY B 26 -2.53 14.17 -3.89
C GLY B 26 -1.25 14.31 -4.73
N HIS B 27 -1.12 13.56 -5.80
CA HIS B 27 0.11 13.68 -6.64
C HIS B 27 0.27 15.11 -7.17
N LEU B 28 -0.56 15.52 -8.09
CA LEU B 28 -0.40 16.90 -8.67
C LEU B 28 -0.52 17.97 -7.57
N ASN B 29 -0.88 17.59 -6.38
CA ASN B 29 -1.00 18.61 -5.29
C ASN B 29 0.39 18.96 -4.78
N GLN B 30 1.18 17.97 -4.41
CA GLN B 30 2.55 18.27 -3.93
C GLN B 30 3.28 19.05 -5.01
N ILE B 31 2.91 18.83 -6.25
CA ILE B 31 3.56 19.56 -7.38
C ILE B 31 2.73 20.79 -7.73
N LYS B 32 2.40 21.57 -6.74
CA LYS B 32 1.58 22.79 -7.00
C LYS B 32 1.79 23.80 -5.86
N ARG B 33 2.52 23.41 -4.84
CA ARG B 33 2.74 24.34 -3.70
C ARG B 33 3.51 25.56 -4.19
N MET C 1 1.65 -25.18 8.05
CA MET C 1 0.99 -23.85 7.92
C MET C 1 2.07 -22.76 8.03
N LEU C 2 1.66 -21.52 7.93
CA LEU C 2 2.62 -20.38 8.03
C LEU C 2 3.37 -20.17 6.71
N GLU C 3 4.10 -21.15 6.25
CA GLU C 3 4.84 -20.94 4.99
C GLU C 3 3.87 -20.67 3.83
N PRO C 4 2.74 -21.33 3.79
CA PRO C 4 1.74 -21.14 2.71
C PRO C 4 1.22 -19.69 2.66
N PHE C 5 0.38 -19.30 3.60
CA PHE C 5 -0.18 -17.94 3.56
C PHE C 5 -0.53 -17.41 4.97
N GLN C 6 -0.15 -18.06 6.05
CA GLN C 6 -0.54 -17.51 7.38
C GLN C 6 0.25 -16.24 7.71
N ILE C 7 1.54 -16.33 7.71
CA ILE C 7 2.36 -15.11 8.04
C ILE C 7 2.20 -14.06 6.93
N LEU C 8 1.86 -14.48 5.75
CA LEU C 8 1.66 -13.55 4.62
C LEU C 8 0.47 -12.65 4.93
N SER C 9 -0.59 -13.23 5.45
CA SER C 9 -1.80 -12.43 5.78
C SER C 9 -1.52 -11.47 6.95
N ILE C 10 -0.85 -11.94 7.98
CA ILE C 10 -0.58 -11.05 9.14
C ILE C 10 0.21 -9.80 8.70
N SER C 11 1.29 -9.95 7.97
CA SER C 11 2.03 -8.77 7.52
C SER C 11 1.14 -7.83 6.74
N SER C 12 0.41 -8.39 5.79
CA SER C 12 -0.50 -7.55 4.97
C SER C 12 -1.58 -6.94 5.88
N PHE C 13 -1.93 -7.62 6.93
CA PHE C 13 -2.97 -7.09 7.85
C PHE C 13 -2.41 -5.90 8.64
N ILE C 14 -1.28 -6.09 9.28
CA ILE C 14 -0.68 -4.97 10.07
C ILE C 14 -0.36 -3.80 9.13
N LEU C 15 0.00 -4.09 7.91
CA LEU C 15 0.34 -3.00 6.94
C LEU C 15 -0.96 -2.35 6.43
N SER C 16 -1.99 -3.12 6.23
CA SER C 16 -3.27 -2.54 5.74
C SER C 16 -3.81 -1.52 6.74
N ALA C 17 -3.91 -1.89 7.98
CA ALA C 17 -4.45 -0.93 8.99
C ALA C 17 -3.43 0.20 9.22
N LEU C 18 -2.17 -0.14 9.31
CA LEU C 18 -1.14 0.91 9.54
C LEU C 18 -1.12 1.88 8.34
N HIS C 19 -1.33 1.37 7.16
CA HIS C 19 -1.32 2.25 5.96
C HIS C 19 -2.51 3.22 6.01
N PHE C 20 -3.68 2.74 6.31
CA PHE C 20 -4.86 3.64 6.38
C PHE C 20 -4.59 4.77 7.38
N ILE C 21 -4.28 4.44 8.60
CA ILE C 21 -4.00 5.51 9.61
C ILE C 21 -2.78 6.33 9.17
N ALA C 22 -1.66 5.69 8.97
CA ALA C 22 -0.43 6.42 8.56
C ALA C 22 -0.77 7.42 7.44
N TRP C 23 -1.70 7.09 6.59
CA TRP C 23 -2.06 8.01 5.47
C TRP C 23 -2.88 9.19 6.02
N THR C 24 -3.84 8.91 6.86
CA THR C 24 -4.68 10.02 7.40
C THR C 24 -3.81 11.00 8.20
N ILE C 25 -2.82 10.52 8.90
CA ILE C 25 -1.95 11.46 9.70
C ILE C 25 -0.90 12.07 8.76
N GLY C 26 -0.09 11.27 8.12
CA GLY C 26 0.96 11.83 7.20
C GLY C 26 0.30 12.75 6.16
N HIS C 27 -0.88 12.44 5.68
CA HIS C 27 -1.53 13.33 4.67
C HIS C 27 -1.99 14.61 5.35
N LEU C 28 -2.65 14.49 6.47
CA LEU C 28 -3.12 15.70 7.19
C LEU C 28 -1.94 16.62 7.48
N ASN C 29 -0.80 16.05 7.77
CA ASN C 29 0.40 16.89 8.06
C ASN C 29 0.69 17.81 6.88
N GLN C 30 0.44 17.34 5.68
CA GLN C 30 0.72 18.20 4.49
C GLN C 30 -0.20 19.42 4.51
N ILE C 31 -1.48 19.22 4.69
CA ILE C 31 -2.42 20.37 4.73
C ILE C 31 -2.45 20.95 6.14
N LYS C 32 -1.30 21.17 6.71
CA LYS C 32 -1.23 21.74 8.09
C LYS C 32 -0.92 23.23 8.00
N ARG C 33 0.00 23.60 7.14
CA ARG C 33 0.34 25.05 7.00
C ARG C 33 -0.87 25.81 6.46
N MET D 1 2.52 -23.31 -3.52
CA MET D 1 3.02 -22.26 -4.45
C MET D 1 2.65 -22.61 -5.89
N LEU D 2 1.77 -21.83 -6.48
CA LEU D 2 1.36 -22.12 -7.89
C LEU D 2 2.39 -21.47 -8.84
N GLU D 3 2.00 -20.58 -9.72
CA GLU D 3 2.99 -19.95 -10.65
C GLU D 3 2.58 -18.49 -10.94
N PRO D 4 1.30 -18.23 -11.17
CA PRO D 4 0.81 -16.87 -11.48
C PRO D 4 0.25 -16.15 -10.23
N PHE D 5 -0.68 -16.76 -9.55
CA PHE D 5 -1.27 -16.12 -8.35
C PHE D 5 -0.22 -16.05 -7.22
N GLN D 6 0.45 -17.13 -6.94
CA GLN D 6 1.46 -17.11 -5.86
C GLN D 6 2.43 -15.96 -6.06
N ILE D 7 3.25 -16.09 -7.05
CA ILE D 7 4.27 -15.04 -7.35
C ILE D 7 3.66 -13.64 -7.21
N LEU D 8 2.37 -13.52 -7.29
CA LEU D 8 1.72 -12.18 -7.15
C LEU D 8 1.76 -11.79 -5.67
N SER D 9 1.26 -12.64 -4.81
CA SER D 9 1.26 -12.32 -3.36
C SER D 9 2.70 -12.03 -2.91
N ILE D 10 3.65 -12.73 -3.46
CA ILE D 10 5.07 -12.49 -3.07
C ILE D 10 5.43 -11.04 -3.41
N SER D 11 5.29 -10.61 -4.68
CA SER D 11 5.62 -9.23 -5.02
C SER D 11 5.12 -8.27 -3.96
N SER D 12 3.85 -8.40 -3.63
CA SER D 12 3.27 -7.49 -2.61
C SER D 12 4.09 -7.57 -1.31
N PHE D 13 4.46 -8.75 -0.90
CA PHE D 13 5.26 -8.88 0.35
C PHE D 13 6.53 -8.04 0.22
N ILE D 14 7.07 -7.95 -0.96
CA ILE D 14 8.31 -7.13 -1.15
C ILE D 14 8.01 -5.66 -0.85
N LEU D 15 7.01 -5.11 -1.48
CA LEU D 15 6.68 -3.68 -1.24
C LEU D 15 6.28 -3.50 0.24
N SER D 16 5.71 -4.51 0.83
CA SER D 16 5.29 -4.39 2.27
C SER D 16 6.52 -4.09 3.13
N ALA D 17 7.60 -4.81 2.95
CA ALA D 17 8.81 -4.56 3.77
C ALA D 17 9.45 -3.23 3.35
N LEU D 18 9.63 -3.02 2.08
CA LEU D 18 10.24 -1.75 1.61
C LEU D 18 9.40 -0.56 2.12
N HIS D 19 8.11 -0.63 1.97
CA HIS D 19 7.25 0.49 2.43
C HIS D 19 7.35 0.63 3.95
N PHE D 20 7.37 -0.47 4.65
CA PHE D 20 7.46 -0.40 6.14
C PHE D 20 8.68 0.43 6.55
N ILE D 21 9.82 0.10 6.03
CA ILE D 21 11.05 0.86 6.40
C ILE D 21 11.04 2.24 5.72
N ALA D 22 10.68 2.30 4.48
CA ALA D 22 10.65 3.61 3.77
C ALA D 22 9.69 4.56 4.49
N TRP D 23 8.66 4.05 5.08
CA TRP D 23 7.69 4.93 5.80
C TRP D 23 8.32 5.41 7.10
N THR D 24 8.97 4.54 7.82
CA THR D 24 9.60 4.95 9.10
C THR D 24 10.72 5.97 8.83
N ILE D 25 11.43 5.84 7.73
CA ILE D 25 12.51 6.81 7.44
C ILE D 25 11.92 8.12 6.91
N GLY D 26 11.18 8.05 5.82
CA GLY D 26 10.57 9.31 5.27
C GLY D 26 9.67 9.97 6.32
N HIS D 27 8.98 9.19 7.14
CA HIS D 27 8.11 9.80 8.18
C HIS D 27 8.99 10.46 9.24
N LEU D 28 9.99 9.76 9.71
CA LEU D 28 10.88 10.34 10.74
C LEU D 28 11.60 11.56 10.16
N ASN D 29 11.97 11.51 8.91
CA ASN D 29 12.67 12.68 8.30
C ASN D 29 11.79 13.92 8.40
N GLN D 30 10.50 13.74 8.24
CA GLN D 30 9.58 14.92 8.33
C GLN D 30 9.71 15.55 9.71
N ILE D 31 9.70 14.76 10.75
CA ILE D 31 9.83 15.32 12.13
C ILE D 31 11.31 15.43 12.48
N LYS D 32 12.08 16.05 11.63
CA LYS D 32 13.54 16.21 11.88
C LYS D 32 13.84 17.67 12.21
N ARG D 33 13.29 18.58 11.45
CA ARG D 33 13.53 20.02 11.72
C ARG D 33 13.05 20.36 13.13
N MET A 1 -14.68 -17.27 -5.86
CA MET A 1 -13.36 -17.77 -6.36
C MET A 1 -13.26 -17.49 -7.87
N LEU A 2 -12.24 -16.77 -8.27
CA LEU A 2 -12.04 -16.45 -9.73
C LEU A 2 -12.84 -15.19 -10.11
N GLU A 3 -14.13 -15.21 -9.99
CA GLU A 3 -14.92 -14.00 -10.37
C GLU A 3 -14.76 -12.91 -9.30
N PRO A 4 -14.84 -13.27 -8.04
CA PRO A 4 -14.72 -12.32 -6.91
C PRO A 4 -13.33 -12.36 -6.25
N PHE A 5 -12.50 -13.31 -6.63
CA PHE A 5 -11.13 -13.42 -6.01
C PHE A 5 -10.05 -13.08 -7.03
N GLN A 6 -9.92 -13.84 -8.09
CA GLN A 6 -8.86 -13.54 -9.08
C GLN A 6 -8.97 -12.09 -9.54
N ILE A 7 -10.14 -11.54 -9.43
CA ILE A 7 -10.33 -10.13 -9.85
C ILE A 7 -9.69 -9.20 -8.81
N LEU A 8 -9.52 -9.67 -7.61
CA LEU A 8 -8.89 -8.82 -6.56
C LEU A 8 -7.37 -8.84 -6.76
N SER A 9 -6.81 -9.99 -7.02
CA SER A 9 -5.35 -10.08 -7.23
C SER A 9 -4.95 -9.17 -8.40
N ILE A 10 -5.73 -9.18 -9.45
CA ILE A 10 -5.39 -8.31 -10.62
C ILE A 10 -5.49 -6.84 -10.21
N SER A 11 -6.66 -6.34 -9.88
CA SER A 11 -6.78 -4.95 -9.46
C SER A 11 -5.71 -4.59 -8.46
N SER A 12 -5.50 -5.44 -7.50
CA SER A 12 -4.45 -5.16 -6.47
C SER A 12 -3.06 -5.22 -7.10
N PHE A 13 -2.93 -5.88 -8.22
CA PHE A 13 -1.59 -5.98 -8.87
C PHE A 13 -1.31 -4.70 -9.67
N ILE A 14 -2.16 -4.37 -10.61
CA ILE A 14 -1.92 -3.13 -11.42
C ILE A 14 -1.74 -1.93 -10.48
N LEU A 15 -2.47 -1.89 -9.39
CA LEU A 15 -2.32 -0.76 -8.44
C LEU A 15 -1.00 -0.89 -7.69
N SER A 16 -0.59 -2.09 -7.38
CA SER A 16 0.70 -2.28 -6.64
C SER A 16 1.84 -1.61 -7.41
N ALA A 17 1.94 -1.86 -8.69
CA ALA A 17 3.03 -1.23 -9.49
C ALA A 17 2.80 0.28 -9.54
N LEU A 18 1.57 0.70 -9.67
CA LEU A 18 1.28 2.16 -9.72
C LEU A 18 1.95 2.86 -8.52
N HIS A 19 1.74 2.34 -7.35
CA HIS A 19 2.35 2.96 -6.14
C HIS A 19 3.88 2.81 -6.19
N PHE A 20 4.37 1.76 -6.79
CA PHE A 20 5.84 1.57 -6.87
C PHE A 20 6.47 2.71 -7.66
N ILE A 21 5.94 3.03 -8.81
CA ILE A 21 6.54 4.14 -9.62
C ILE A 21 6.16 5.49 -9.00
N ALA A 22 5.03 5.56 -8.36
CA ALA A 22 4.62 6.86 -7.72
C ALA A 22 5.61 7.21 -6.62
N TRP A 23 6.12 6.22 -5.93
CA TRP A 23 7.09 6.50 -4.83
C TRP A 23 8.46 6.86 -5.41
N THR A 24 8.94 6.07 -6.34
CA THR A 24 10.28 6.36 -6.94
C THR A 24 10.25 7.68 -7.71
N ILE A 25 9.15 8.00 -8.34
CA ILE A 25 9.09 9.28 -9.10
C ILE A 25 8.91 10.46 -8.14
N GLY A 26 7.94 10.41 -7.28
CA GLY A 26 7.73 11.55 -6.32
C GLY A 26 8.90 11.62 -5.33
N HIS A 27 9.48 10.50 -4.95
CA HIS A 27 10.63 10.56 -3.99
C HIS A 27 11.86 11.12 -4.72
N LEU A 28 12.12 10.65 -5.90
CA LEU A 28 13.30 11.16 -6.67
C LEU A 28 13.15 12.67 -6.87
N ASN A 29 11.96 13.13 -7.07
CA ASN A 29 11.75 14.60 -7.28
C ASN A 29 12.25 15.36 -6.05
N GLN A 30 12.10 14.79 -4.88
CA GLN A 30 12.57 15.48 -3.65
C GLN A 30 14.07 15.73 -3.74
N ILE A 31 14.83 14.74 -4.14
CA ILE A 31 16.31 14.91 -4.24
C ILE A 31 16.68 15.33 -5.66
N LYS A 32 16.09 16.40 -6.13
CA LYS A 32 16.40 16.89 -7.51
C LYS A 32 16.06 18.37 -7.61
N ARG A 33 14.80 18.71 -7.55
CA ARG A 33 14.40 20.14 -7.64
C ARG A 33 15.08 20.77 -8.86
N MET B 1 -11.58 -20.50 7.06
CA MET B 1 -11.40 -19.26 6.24
C MET B 1 -12.74 -18.83 5.66
N LEU B 2 -12.75 -17.75 4.92
CA LEU B 2 -14.02 -17.24 4.31
C LEU B 2 -14.75 -16.33 5.31
N GLU B 3 -15.17 -16.84 6.43
CA GLU B 3 -15.88 -15.97 7.41
C GLU B 3 -14.92 -14.89 7.92
N PRO B 4 -13.74 -15.26 8.35
CA PRO B 4 -12.72 -14.30 8.86
C PRO B 4 -11.72 -13.87 7.78
N PHE B 5 -11.39 -14.76 6.88
CA PHE B 5 -10.39 -14.41 5.82
C PHE B 5 -11.03 -13.53 4.74
N GLN B 6 -12.20 -13.87 4.26
CA GLN B 6 -12.83 -13.04 3.19
C GLN B 6 -12.75 -11.57 3.58
N ILE B 7 -13.46 -11.23 4.60
CA ILE B 7 -13.49 -9.81 5.07
C ILE B 7 -12.07 -9.22 5.10
N LEU B 8 -11.06 -10.05 5.16
CA LEU B 8 -9.67 -9.52 5.18
C LEU B 8 -9.31 -9.05 3.77
N SER B 9 -9.53 -9.87 2.79
CA SER B 9 -9.21 -9.47 1.38
C SER B 9 -9.99 -8.20 1.04
N ILE B 10 -11.18 -8.06 1.55
CA ILE B 10 -11.98 -6.83 1.25
C ILE B 10 -11.24 -5.61 1.78
N SER B 11 -10.87 -5.59 3.08
CA SER B 11 -10.15 -4.43 3.60
C SER B 11 -9.03 -4.02 2.66
N SER B 12 -8.26 -4.99 2.23
CA SER B 12 -7.13 -4.67 1.32
C SER B 12 -7.67 -3.98 0.06
N PHE B 13 -8.73 -4.49 -0.50
CA PHE B 13 -9.29 -3.87 -1.74
C PHE B 13 -9.78 -2.45 -1.41
N ILE B 14 -10.53 -2.30 -0.35
CA ILE B 14 -11.04 -0.95 0.01
C ILE B 14 -9.87 0.00 0.25
N LEU B 15 -8.86 -0.45 0.94
CA LEU B 15 -7.68 0.43 1.20
C LEU B 15 -6.95 0.72 -0.11
N SER B 16 -6.91 -0.23 -1.00
CA SER B 16 -6.20 -0.01 -2.29
C SER B 16 -6.81 1.18 -3.04
N ALA B 17 -8.10 1.13 -3.30
CA ALA B 17 -8.75 2.26 -4.03
C ALA B 17 -8.66 3.53 -3.17
N LEU B 18 -8.56 3.39 -1.89
CA LEU B 18 -8.47 4.58 -1.00
C LEU B 18 -7.22 5.41 -1.34
N HIS B 19 -6.07 4.80 -1.29
CA HIS B 19 -4.81 5.56 -1.61
C HIS B 19 -4.83 5.99 -3.08
N PHE B 20 -5.47 5.23 -3.92
CA PHE B 20 -5.51 5.60 -5.37
C PHE B 20 -6.11 7.00 -5.54
N ILE B 21 -7.21 7.27 -4.88
CA ILE B 21 -7.84 8.62 -5.02
C ILE B 21 -7.08 9.65 -4.19
N ALA B 22 -6.63 9.26 -3.02
CA ALA B 22 -5.89 10.22 -2.16
C ALA B 22 -4.58 10.61 -2.84
N TRP B 23 -4.08 9.77 -3.70
CA TRP B 23 -2.80 10.09 -4.41
C TRP B 23 -3.10 11.01 -5.60
N THR B 24 -3.98 10.60 -6.47
CA THR B 24 -4.29 11.45 -7.66
C THR B 24 -4.90 12.78 -7.20
N ILE B 25 -5.67 12.77 -6.14
CA ILE B 25 -6.28 14.05 -5.66
C ILE B 25 -5.20 14.94 -5.03
N GLY B 26 -4.49 14.42 -4.06
CA GLY B 26 -3.43 15.25 -3.40
C GLY B 26 -2.30 15.58 -4.40
N HIS B 27 -2.05 14.73 -5.37
CA HIS B 27 -0.97 15.03 -6.35
C HIS B 27 -1.21 16.42 -6.96
N LEU B 28 -2.44 16.72 -7.27
CA LEU B 28 -2.74 18.05 -7.87
C LEU B 28 -2.11 19.15 -7.02
N ASN B 29 -2.29 19.10 -5.73
CA ASN B 29 -1.69 20.15 -4.86
C ASN B 29 -0.19 20.24 -5.16
N GLN B 30 0.46 19.13 -5.34
CA GLN B 30 1.91 19.17 -5.65
C GLN B 30 2.11 20.00 -6.93
N ILE B 31 1.19 19.90 -7.84
CA ILE B 31 1.31 20.68 -9.11
C ILE B 31 0.67 22.05 -8.91
N LYS B 32 1.02 22.71 -7.84
CA LYS B 32 0.45 24.06 -7.56
C LYS B 32 1.20 24.70 -6.39
N ARG B 33 2.50 24.57 -6.38
CA ARG B 33 3.30 25.17 -5.27
C ARG B 33 3.21 26.69 -5.35
N MET C 1 2.93 -23.09 3.98
CA MET C 1 1.53 -22.65 4.26
C MET C 1 1.33 -22.50 5.77
N LEU C 2 0.87 -21.35 6.19
CA LEU C 2 0.64 -21.09 7.65
C LEU C 2 1.94 -20.65 8.32
N GLU C 3 2.95 -21.47 8.33
CA GLU C 3 4.22 -21.05 9.01
C GLU C 3 4.90 -19.94 8.19
N PRO C 4 4.94 -20.07 6.88
CA PRO C 4 5.58 -19.06 6.00
C PRO C 4 4.55 -18.16 5.31
N PHE C 5 3.28 -18.44 5.47
CA PHE C 5 2.22 -17.62 4.80
C PHE C 5 1.39 -16.85 5.85
N GLN C 6 1.11 -17.45 6.98
CA GLN C 6 0.28 -16.73 8.00
C GLN C 6 0.82 -15.33 8.20
N ILE C 7 2.07 -15.23 8.51
CA ILE C 7 2.69 -13.90 8.74
C ILE C 7 2.39 -12.97 7.57
N LEU C 8 1.99 -13.51 6.44
CA LEU C 8 1.68 -12.64 5.27
C LEU C 8 0.26 -12.09 5.44
N SER C 9 -0.70 -12.95 5.69
CA SER C 9 -2.09 -12.47 5.87
C SER C 9 -2.16 -11.48 7.04
N ILE C 10 -1.58 -11.83 8.16
CA ILE C 10 -1.60 -10.92 9.34
C ILE C 10 -0.78 -9.67 9.02
N SER C 11 0.51 -9.81 8.64
CA SER C 11 1.32 -8.63 8.34
C SER C 11 0.52 -7.62 7.54
N SER C 12 -0.07 -8.08 6.46
CA SER C 12 -0.86 -7.15 5.61
C SER C 12 -1.96 -6.48 6.44
N PHE C 13 -2.59 -7.22 7.29
CA PHE C 13 -3.67 -6.64 8.14
C PHE C 13 -3.09 -5.59 9.09
N ILE C 14 -2.05 -5.94 9.79
CA ILE C 14 -1.44 -4.97 10.74
C ILE C 14 -0.99 -3.71 10.00
N LEU C 15 -0.47 -3.87 8.81
CA LEU C 15 -0.01 -2.69 8.03
C LEU C 15 -1.22 -1.91 7.53
N SER C 16 -2.24 -2.59 7.07
CA SER C 16 -3.44 -1.87 6.56
C SER C 16 -3.93 -0.86 7.60
N ALA C 17 -4.08 -1.27 8.83
CA ALA C 17 -4.57 -0.33 9.88
C ALA C 17 -3.53 0.77 10.11
N LEU C 18 -2.27 0.41 10.19
CA LEU C 18 -1.22 1.43 10.42
C LEU C 18 -1.30 2.49 9.32
N HIS C 19 -1.34 2.08 8.08
CA HIS C 19 -1.41 3.07 6.97
C HIS C 19 -2.73 3.85 7.06
N PHE C 20 -3.82 3.17 7.27
CA PHE C 20 -5.13 3.88 7.37
C PHE C 20 -5.00 5.07 8.32
N ILE C 21 -4.53 4.85 9.51
CA ILE C 21 -4.38 5.98 10.48
C ILE C 21 -3.27 6.91 10.01
N ALA C 22 -2.07 6.41 9.89
CA ALA C 22 -0.93 7.25 9.45
C ALA C 22 -1.34 8.11 8.25
N TRP C 23 -2.28 7.65 7.47
CA TRP C 23 -2.72 8.45 6.29
C TRP C 23 -3.63 9.59 6.74
N THR C 24 -4.58 9.31 7.60
CA THR C 24 -5.49 10.39 8.06
C THR C 24 -4.70 11.51 8.73
N ILE C 25 -3.65 11.20 9.44
CA ILE C 25 -2.84 12.28 10.10
C ILE C 25 -1.84 12.85 9.08
N GLY C 26 -0.96 12.03 8.56
CA GLY C 26 0.05 12.56 7.58
C GLY C 26 -0.66 13.36 6.46
N HIS C 27 -1.85 12.96 6.06
CA HIS C 27 -2.55 13.71 4.98
C HIS C 27 -3.25 14.93 5.59
N LEU C 28 -4.12 14.71 6.52
CA LEU C 28 -4.83 15.86 7.17
C LEU C 28 -3.80 16.81 7.76
N ASN C 29 -2.88 16.32 8.55
CA ASN C 29 -1.86 17.19 9.15
C ASN C 29 -1.17 18.02 8.05
N GLN C 30 -1.01 17.46 6.88
CA GLN C 30 -0.35 18.21 5.78
C GLN C 30 -1.19 19.43 5.41
N ILE C 31 -2.44 19.23 5.09
CA ILE C 31 -3.30 20.40 4.72
C ILE C 31 -3.79 21.07 6.00
N LYS C 32 -2.89 21.33 6.90
CA LYS C 32 -3.26 22.00 8.19
C LYS C 32 -2.89 23.49 8.12
N ARG C 33 -1.72 23.78 7.62
CA ARG C 33 -1.30 25.20 7.51
C ARG C 33 -2.29 25.97 6.64
N MET D 1 4.78 -23.89 -3.80
CA MET D 1 3.46 -23.29 -4.14
C MET D 1 3.04 -23.76 -5.55
N LEU D 2 2.11 -23.07 -6.16
CA LEU D 2 1.66 -23.48 -7.53
C LEU D 2 2.58 -22.86 -8.61
N GLU D 3 2.28 -21.68 -9.10
CA GLU D 3 3.16 -21.06 -10.13
C GLU D 3 2.70 -19.62 -10.42
N PRO D 4 1.48 -19.42 -10.90
CA PRO D 4 0.98 -18.04 -11.22
C PRO D 4 0.86 -17.17 -9.96
N PHE D 5 0.07 -17.59 -9.01
CA PHE D 5 -0.11 -16.78 -7.77
C PHE D 5 1.18 -16.80 -6.94
N GLN D 6 2.04 -17.77 -7.18
CA GLN D 6 3.30 -17.86 -6.39
C GLN D 6 3.98 -16.49 -6.31
N ILE D 7 4.56 -16.09 -7.39
CA ILE D 7 5.30 -14.79 -7.43
C ILE D 7 4.36 -13.63 -7.07
N LEU D 8 3.08 -13.83 -7.16
CA LEU D 8 2.10 -12.76 -6.83
C LEU D 8 2.10 -12.54 -5.31
N SER D 9 2.06 -13.60 -4.55
CA SER D 9 2.05 -13.44 -3.06
C SER D 9 3.39 -12.84 -2.60
N ILE D 10 4.49 -13.37 -3.08
CA ILE D 10 5.81 -12.82 -2.65
C ILE D 10 5.94 -11.37 -3.14
N SER D 11 5.60 -11.09 -4.41
CA SER D 11 5.70 -9.71 -4.88
C SER D 11 5.02 -8.75 -3.93
N SER D 12 3.81 -9.07 -3.56
CA SER D 12 3.06 -8.17 -2.63
C SER D 12 3.81 -8.06 -1.31
N PHE D 13 4.50 -9.09 -0.93
CA PHE D 13 5.25 -9.05 0.36
C PHE D 13 6.49 -8.16 0.22
N ILE D 14 7.31 -8.41 -0.77
CA ILE D 14 8.52 -7.57 -0.94
C ILE D 14 8.13 -6.09 -0.91
N LEU D 15 7.04 -5.75 -1.54
CA LEU D 15 6.60 -4.32 -1.55
C LEU D 15 6.15 -3.92 -0.14
N SER D 16 5.35 -4.75 0.49
CA SER D 16 4.87 -4.42 1.87
C SER D 16 6.04 -3.93 2.73
N ALA D 17 7.14 -4.62 2.72
CA ALA D 17 8.30 -4.17 3.55
C ALA D 17 8.83 -2.83 3.01
N LEU D 18 9.03 -2.73 1.73
CA LEU D 18 9.54 -1.45 1.15
C LEU D 18 8.68 -0.29 1.65
N HIS D 19 7.38 -0.47 1.67
CA HIS D 19 6.48 0.62 2.15
C HIS D 19 6.69 0.84 3.64
N PHE D 20 7.01 -0.20 4.37
CA PHE D 20 7.22 -0.04 5.83
C PHE D 20 8.38 0.91 6.10
N ILE D 21 9.51 0.69 5.47
CA ILE D 21 10.68 1.58 5.69
C ILE D 21 10.44 2.93 5.01
N ALA D 22 9.73 2.93 3.91
CA ALA D 22 9.47 4.20 3.19
C ALA D 22 8.65 5.14 4.09
N TRP D 23 7.79 4.59 4.91
CA TRP D 23 6.96 5.45 5.80
C TRP D 23 7.80 5.92 6.99
N THR D 24 8.52 5.03 7.61
CA THR D 24 9.34 5.43 8.79
C THR D 24 10.51 6.33 8.34
N ILE D 25 11.02 6.12 7.16
CA ILE D 25 12.16 6.96 6.70
C ILE D 25 11.63 8.33 6.23
N GLY D 26 10.65 8.33 5.36
CA GLY D 26 10.10 9.64 4.86
C GLY D 26 9.37 10.38 5.99
N HIS D 27 8.74 9.68 6.91
CA HIS D 27 8.03 10.37 8.01
C HIS D 27 9.05 10.89 9.03
N LEU D 28 9.96 10.05 9.46
CA LEU D 28 10.97 10.49 10.45
C LEU D 28 11.72 11.71 9.92
N ASN D 29 12.02 11.73 8.65
CA ASN D 29 12.76 12.90 8.07
C ASN D 29 11.97 14.18 8.34
N GLN D 30 10.67 14.12 8.22
CA GLN D 30 9.85 15.34 8.46
C GLN D 30 10.09 15.84 9.89
N ILE D 31 10.11 14.94 10.84
CA ILE D 31 10.34 15.35 12.26
C ILE D 31 11.84 15.24 12.58
N LYS D 32 12.67 15.90 11.82
CA LYS D 32 14.13 15.83 12.07
C LYS D 32 14.79 17.13 11.58
N ARG D 33 14.16 17.82 10.68
CA ARG D 33 14.75 19.08 10.17
C ARG D 33 14.76 20.13 11.28
N MET A 1 -15.04 -17.03 -5.05
CA MET A 1 -13.86 -16.25 -5.52
C MET A 1 -13.85 -16.22 -7.04
N LEU A 2 -12.81 -15.66 -7.62
CA LEU A 2 -12.70 -15.57 -9.11
C LEU A 2 -13.42 -14.32 -9.61
N GLU A 3 -14.70 -14.18 -9.34
CA GLU A 3 -15.41 -12.97 -9.82
C GLU A 3 -14.94 -11.75 -9.01
N PRO A 4 -14.94 -11.83 -7.70
CA PRO A 4 -14.50 -10.73 -6.81
C PRO A 4 -13.03 -10.88 -6.42
N PHE A 5 -12.50 -12.08 -6.46
CA PHE A 5 -11.09 -12.31 -6.08
C PHE A 5 -10.16 -12.04 -7.27
N GLN A 6 -10.43 -12.65 -8.40
CA GLN A 6 -9.54 -12.44 -9.58
C GLN A 6 -9.24 -10.96 -9.77
N ILE A 7 -10.26 -10.17 -9.74
CA ILE A 7 -10.07 -8.70 -9.94
C ILE A 7 -9.18 -8.13 -8.82
N LEU A 8 -9.08 -8.80 -7.71
CA LEU A 8 -8.22 -8.28 -6.61
C LEU A 8 -6.76 -8.52 -6.97
N SER A 9 -6.46 -9.64 -7.57
CA SER A 9 -5.05 -9.92 -7.96
C SER A 9 -4.60 -8.93 -9.04
N ILE A 10 -5.42 -8.73 -10.05
CA ILE A 10 -5.04 -7.78 -11.13
C ILE A 10 -5.14 -6.34 -10.59
N SER A 11 -5.90 -6.10 -9.51
CA SER A 11 -5.97 -4.76 -8.95
C SER A 11 -4.77 -4.49 -8.06
N SER A 12 -4.50 -5.40 -7.16
CA SER A 12 -3.33 -5.20 -6.26
C SER A 12 -2.05 -5.22 -7.08
N PHE A 13 -2.06 -5.88 -8.21
CA PHE A 13 -0.84 -5.94 -9.06
C PHE A 13 -0.63 -4.58 -9.75
N ILE A 14 -1.56 -4.16 -10.55
CA ILE A 14 -1.40 -2.85 -11.25
C ILE A 14 -1.20 -1.75 -10.20
N LEU A 15 -1.78 -1.91 -9.03
CA LEU A 15 -1.62 -0.88 -7.98
C LEU A 15 -0.23 -0.98 -7.36
N SER A 16 0.32 -2.16 -7.28
CA SER A 16 1.67 -2.33 -6.69
C SER A 16 2.70 -1.56 -7.52
N ALA A 17 2.74 -1.81 -8.81
CA ALA A 17 3.73 -1.09 -9.66
C ALA A 17 3.43 0.41 -9.63
N LEU A 18 2.20 0.79 -9.87
CA LEU A 18 1.84 2.24 -9.86
C LEU A 18 2.32 2.86 -8.54
N HIS A 19 2.16 2.16 -7.45
CA HIS A 19 2.60 2.70 -6.14
C HIS A 19 4.13 2.68 -6.07
N PHE A 20 4.75 1.69 -6.63
CA PHE A 20 6.25 1.61 -6.59
C PHE A 20 6.84 2.74 -7.45
N ILE A 21 6.44 2.83 -8.69
CA ILE A 21 6.98 3.91 -9.56
C ILE A 21 6.56 5.27 -9.02
N ALA A 22 5.36 5.36 -8.50
CA ALA A 22 4.89 6.67 -7.95
C ALA A 22 5.72 7.05 -6.73
N TRP A 23 6.14 6.08 -5.96
CA TRP A 23 6.96 6.38 -4.76
C TRP A 23 8.35 6.82 -5.18
N THR A 24 8.96 6.14 -6.12
CA THR A 24 10.32 6.53 -6.58
C THR A 24 10.28 7.94 -7.15
N ILE A 25 9.21 8.33 -7.77
CA ILE A 25 9.13 9.70 -8.35
C ILE A 25 8.67 10.71 -7.29
N GLY A 26 7.49 10.52 -6.73
CA GLY A 26 6.99 11.48 -5.70
C GLY A 26 8.03 11.66 -4.59
N HIS A 27 8.76 10.62 -4.22
CA HIS A 27 9.79 10.79 -3.14
C HIS A 27 11.05 11.44 -3.72
N LEU A 28 11.53 10.94 -4.83
CA LEU A 28 12.77 11.52 -5.44
C LEU A 28 12.47 12.92 -5.99
N ASN A 29 11.47 13.04 -6.81
CA ASN A 29 11.15 14.39 -7.38
C ASN A 29 11.03 15.42 -6.25
N GLN A 30 10.64 14.99 -5.08
CA GLN A 30 10.51 15.96 -3.95
C GLN A 30 11.89 16.50 -3.59
N ILE A 31 12.84 15.64 -3.35
CA ILE A 31 14.21 16.10 -3.00
C ILE A 31 15.00 16.36 -4.27
N LYS A 32 14.47 17.15 -5.16
CA LYS A 32 15.18 17.46 -6.43
C LYS A 32 14.49 18.62 -7.15
N ARG A 33 13.21 18.50 -7.38
CA ARG A 33 12.47 19.59 -8.09
C ARG A 33 13.23 19.97 -9.35
N MET B 1 -10.95 -19.25 7.28
CA MET B 1 -11.07 -19.33 5.79
C MET B 1 -12.48 -18.90 5.38
N LEU B 2 -12.59 -17.80 4.66
CA LEU B 2 -13.92 -17.29 4.21
C LEU B 2 -14.58 -16.49 5.32
N GLU B 3 -14.87 -17.08 6.45
CA GLU B 3 -15.52 -16.30 7.53
C GLU B 3 -14.57 -15.19 8.01
N PRO B 4 -13.33 -15.51 8.32
CA PRO B 4 -12.34 -14.52 8.79
C PRO B 4 -11.44 -14.01 7.65
N PHE B 5 -11.28 -14.78 6.60
CA PHE B 5 -10.40 -14.36 5.47
C PHE B 5 -11.19 -13.50 4.47
N GLN B 6 -12.39 -13.89 4.12
CA GLN B 6 -13.16 -13.08 3.12
C GLN B 6 -13.08 -11.61 3.47
N ILE B 7 -13.60 -11.26 4.60
CA ILE B 7 -13.59 -9.83 5.03
C ILE B 7 -12.20 -9.24 4.83
N LEU B 8 -11.18 -10.06 4.76
CA LEU B 8 -9.81 -9.53 4.57
C LEU B 8 -9.68 -9.07 3.11
N SER B 9 -10.04 -9.91 2.18
CA SER B 9 -9.95 -9.52 0.74
C SER B 9 -10.75 -8.24 0.52
N ILE B 10 -11.83 -8.06 1.24
CA ILE B 10 -12.64 -6.83 1.07
C ILE B 10 -11.82 -5.60 1.47
N SER B 11 -11.36 -5.55 2.71
CA SER B 11 -10.54 -4.41 3.16
C SER B 11 -9.51 -4.04 2.11
N SER B 12 -8.93 -5.04 1.48
CA SER B 12 -7.89 -4.76 0.45
C SER B 12 -8.52 -4.00 -0.72
N PHE B 13 -9.68 -4.42 -1.14
CA PHE B 13 -10.36 -3.73 -2.27
C PHE B 13 -10.78 -2.33 -1.83
N ILE B 14 -11.41 -2.21 -0.69
CA ILE B 14 -11.85 -0.88 -0.21
C ILE B 14 -10.64 0.06 -0.14
N LEU B 15 -9.53 -0.43 0.31
CA LEU B 15 -8.32 0.43 0.41
C LEU B 15 -7.77 0.70 -1.01
N SER B 16 -7.68 -0.32 -1.82
CA SER B 16 -7.15 -0.13 -3.20
C SER B 16 -7.84 1.07 -3.86
N ALA B 17 -9.14 1.13 -3.80
CA ALA B 17 -9.85 2.28 -4.43
C ALA B 17 -9.56 3.55 -3.64
N LEU B 18 -9.72 3.51 -2.34
CA LEU B 18 -9.45 4.71 -1.51
C LEU B 18 -8.06 5.27 -1.88
N HIS B 19 -7.06 4.43 -1.87
CA HIS B 19 -5.69 4.92 -2.21
C HIS B 19 -5.65 5.39 -3.66
N PHE B 20 -6.39 4.75 -4.52
CA PHE B 20 -6.39 5.15 -5.96
C PHE B 20 -6.93 6.59 -6.08
N ILE B 21 -7.99 6.89 -5.40
CA ILE B 21 -8.57 8.26 -5.47
C ILE B 21 -7.72 9.22 -4.63
N ALA B 22 -7.36 8.82 -3.44
CA ALA B 22 -6.54 9.71 -2.57
C ALA B 22 -5.19 9.98 -3.23
N TRP B 23 -4.53 8.96 -3.69
CA TRP B 23 -3.21 9.15 -4.35
C TRP B 23 -3.37 10.01 -5.60
N THR B 24 -4.37 9.75 -6.39
CA THR B 24 -4.58 10.55 -7.63
C THR B 24 -4.85 12.02 -7.26
N ILE B 25 -5.50 12.27 -6.16
CA ILE B 25 -5.79 13.68 -5.76
C ILE B 25 -4.59 14.28 -5.02
N GLY B 26 -4.18 13.68 -3.94
CA GLY B 26 -3.02 14.22 -3.15
C GLY B 26 -1.77 14.31 -4.04
N HIS B 27 -1.57 13.40 -4.96
CA HIS B 27 -0.34 13.50 -5.81
C HIS B 27 -0.23 14.91 -6.40
N LEU B 28 -1.31 15.42 -6.93
CA LEU B 28 -1.26 16.80 -7.52
C LEU B 28 -0.97 17.80 -6.40
N ASN B 29 -1.58 17.64 -5.26
CA ASN B 29 -1.32 18.60 -4.15
C ASN B 29 0.20 18.71 -3.94
N GLN B 30 0.89 17.60 -3.98
CA GLN B 30 2.36 17.65 -3.80
C GLN B 30 2.96 18.49 -4.92
N ILE B 31 2.44 18.35 -6.11
CA ILE B 31 2.96 19.14 -7.27
C ILE B 31 2.17 20.44 -7.37
N LYS B 32 2.08 21.17 -6.29
CA LYS B 32 1.32 22.45 -6.32
C LYS B 32 1.78 23.33 -5.15
N ARG B 33 1.61 22.86 -3.94
CA ARG B 33 2.04 23.68 -2.76
C ARG B 33 1.49 25.09 -2.89
N MET C 1 2.21 -23.94 2.90
CA MET C 1 1.40 -22.74 3.23
C MET C 1 0.98 -22.79 4.69
N LEU C 2 0.41 -21.73 5.20
CA LEU C 2 -0.04 -21.68 6.62
C LEU C 2 1.14 -21.32 7.53
N GLU C 3 2.17 -22.13 7.57
CA GLU C 3 3.31 -21.79 8.46
C GLU C 3 4.02 -20.53 7.93
N PRO C 4 4.39 -20.51 6.67
CA PRO C 4 5.07 -19.34 6.06
C PRO C 4 4.08 -18.36 5.41
N PHE C 5 2.92 -18.84 5.03
CA PHE C 5 1.91 -17.95 4.37
C PHE C 5 1.05 -17.23 5.41
N GLN C 6 0.50 -17.95 6.36
CA GLN C 6 -0.37 -17.29 7.37
C GLN C 6 0.26 -16.00 7.87
N ILE C 7 1.45 -16.10 8.35
CA ILE C 7 2.16 -14.90 8.90
C ILE C 7 2.26 -13.82 7.81
N LEU C 8 2.12 -14.18 6.56
CA LEU C 8 2.20 -13.17 5.49
C LEU C 8 0.90 -12.37 5.44
N SER C 9 -0.22 -13.04 5.37
CA SER C 9 -1.52 -12.32 5.33
C SER C 9 -1.69 -11.49 6.61
N ILE C 10 -1.31 -12.04 7.74
CA ILE C 10 -1.46 -11.26 9.01
C ILE C 10 -0.56 -10.03 8.98
N SER C 11 0.65 -10.12 8.38
CA SER C 11 1.50 -8.93 8.31
C SER C 11 0.86 -7.86 7.46
N SER C 12 0.27 -8.26 6.37
CA SER C 12 -0.37 -7.26 5.47
C SER C 12 -1.59 -6.65 6.17
N PHE C 13 -2.21 -7.39 7.05
CA PHE C 13 -3.40 -6.85 7.76
C PHE C 13 -2.99 -5.69 8.67
N ILE C 14 -2.11 -5.93 9.61
CA ILE C 14 -1.68 -4.84 10.53
C ILE C 14 -1.14 -3.66 9.72
N LEU C 15 -0.49 -3.92 8.61
CA LEU C 15 0.05 -2.81 7.78
C LEU C 15 -1.11 -2.10 7.06
N SER C 16 -2.04 -2.85 6.54
CA SER C 16 -3.19 -2.21 5.82
C SER C 16 -3.81 -1.12 6.70
N ALA C 17 -4.13 -1.43 7.93
CA ALA C 17 -4.74 -0.40 8.81
C ALA C 17 -3.75 0.74 9.04
N LEU C 18 -2.50 0.42 9.26
CA LEU C 18 -1.48 1.48 9.50
C LEU C 18 -1.50 2.46 8.32
N HIS C 19 -1.64 1.96 7.12
CA HIS C 19 -1.66 2.86 5.94
C HIS C 19 -2.89 3.77 6.00
N PHE C 20 -4.02 3.23 6.39
CA PHE C 20 -5.26 4.06 6.47
C PHE C 20 -5.05 5.21 7.45
N ILE C 21 -4.67 4.92 8.66
CA ILE C 21 -4.46 6.00 9.67
C ILE C 21 -3.26 6.86 9.25
N ALA C 22 -2.16 6.24 8.90
CA ALA C 22 -0.97 7.03 8.50
C ALA C 22 -1.36 8.01 7.37
N TRP C 23 -2.21 7.58 6.49
CA TRP C 23 -2.63 8.48 5.38
C TRP C 23 -3.37 9.69 5.94
N THR C 24 -4.27 9.46 6.86
CA THR C 24 -5.03 10.61 7.45
C THR C 24 -4.08 11.49 8.28
N ILE C 25 -3.10 10.91 8.90
CA ILE C 25 -2.15 11.71 9.73
C ILE C 25 -1.19 12.48 8.80
N GLY C 26 -0.49 11.79 7.96
CA GLY C 26 0.48 12.51 7.05
C GLY C 26 -0.30 13.40 6.06
N HIS C 27 -1.45 12.99 5.61
CA HIS C 27 -2.22 13.86 4.67
C HIS C 27 -2.73 15.09 5.42
N LEU C 28 -3.12 14.93 6.65
CA LEU C 28 -3.63 16.10 7.42
C LEU C 28 -2.46 16.93 7.95
N ASN C 29 -1.35 16.30 8.24
CA ASN C 29 -0.18 17.06 8.77
C ASN C 29 0.29 18.11 7.74
N GLN C 30 0.28 17.78 6.48
CA GLN C 30 0.73 18.77 5.46
C GLN C 30 -0.21 19.97 5.42
N ILE C 31 -1.49 19.76 5.52
CA ILE C 31 -2.44 20.91 5.48
C ILE C 31 -2.73 21.36 6.93
N LYS C 32 -1.69 21.54 7.69
CA LYS C 32 -1.86 21.98 9.11
C LYS C 32 -1.49 23.46 9.22
N ARG C 33 -0.46 23.88 8.54
CA ARG C 33 -0.06 25.32 8.60
C ARG C 33 -1.20 26.18 8.08
N MET D 1 2.59 -23.48 -5.72
CA MET D 1 3.65 -23.22 -6.73
C MET D 1 3.02 -23.07 -8.12
N LEU D 2 2.29 -22.01 -8.33
CA LEU D 2 1.64 -21.78 -9.64
C LEU D 2 2.62 -20.99 -10.55
N GLU D 3 2.20 -19.88 -11.15
CA GLU D 3 3.12 -19.08 -12.00
C GLU D 3 2.77 -17.60 -11.83
N PRO D 4 1.50 -17.25 -11.88
CA PRO D 4 1.04 -15.85 -11.73
C PRO D 4 0.57 -15.54 -10.30
N PHE D 5 0.42 -16.55 -9.48
CA PHE D 5 -0.05 -16.32 -8.08
C PHE D 5 1.14 -16.41 -7.10
N GLN D 6 1.83 -17.51 -7.09
CA GLN D 6 2.98 -17.66 -6.15
C GLN D 6 3.88 -16.44 -6.19
N ILE D 7 4.21 -16.02 -7.37
CA ILE D 7 5.10 -14.83 -7.53
C ILE D 7 4.36 -13.57 -7.06
N LEU D 8 3.06 -13.61 -6.99
CA LEU D 8 2.29 -12.42 -6.54
C LEU D 8 2.48 -12.25 -5.04
N SER D 9 2.41 -13.31 -4.30
CA SER D 9 2.58 -13.22 -2.83
C SER D 9 4.02 -12.82 -2.49
N ILE D 10 4.98 -13.49 -3.05
CA ILE D 10 6.41 -13.14 -2.74
C ILE D 10 6.68 -11.71 -3.19
N SER D 11 6.08 -11.23 -4.30
CA SER D 11 6.30 -9.84 -4.69
C SER D 11 5.60 -8.89 -3.75
N SER D 12 4.37 -9.22 -3.41
CA SER D 12 3.61 -8.34 -2.47
C SER D 12 4.36 -8.26 -1.15
N PHE D 13 5.05 -9.31 -0.80
CA PHE D 13 5.82 -9.29 0.48
C PHE D 13 6.98 -8.30 0.37
N ILE D 14 7.69 -8.33 -0.71
CA ILE D 14 8.83 -7.38 -0.88
C ILE D 14 8.31 -5.95 -0.83
N LEU D 15 7.23 -5.67 -1.49
CA LEU D 15 6.67 -4.29 -1.48
C LEU D 15 6.17 -3.94 -0.08
N SER D 16 5.62 -4.90 0.61
CA SER D 16 5.09 -4.61 1.99
C SER D 16 6.22 -4.07 2.88
N ALA D 17 7.33 -4.75 2.95
CA ALA D 17 8.44 -4.26 3.81
C ALA D 17 9.02 -2.96 3.24
N LEU D 18 8.93 -2.78 1.96
CA LEU D 18 9.49 -1.54 1.35
C LEU D 18 8.74 -0.31 1.90
N HIS D 19 7.44 -0.31 1.81
CA HIS D 19 6.65 0.85 2.32
C HIS D 19 6.86 1.01 3.83
N PHE D 20 6.82 -0.07 4.56
CA PHE D 20 6.99 0.02 6.04
C PHE D 20 8.31 0.72 6.37
N ILE D 21 9.38 0.31 5.75
CA ILE D 21 10.70 0.95 6.03
C ILE D 21 10.71 2.38 5.50
N ALA D 22 10.22 2.59 4.32
CA ALA D 22 10.21 3.97 3.74
C ALA D 22 9.35 4.89 4.60
N TRP D 23 8.20 4.43 5.02
CA TRP D 23 7.31 5.29 5.86
C TRP D 23 8.02 5.63 7.17
N THR D 24 8.65 4.67 7.80
CA THR D 24 9.34 4.94 9.08
C THR D 24 10.46 5.97 8.88
N ILE D 25 11.10 5.95 7.73
CA ILE D 25 12.19 6.94 7.49
C ILE D 25 11.60 8.27 7.03
N GLY D 26 10.90 8.27 5.93
CA GLY D 26 10.30 9.57 5.43
C GLY D 26 9.42 10.20 6.52
N HIS D 27 8.68 9.43 7.28
CA HIS D 27 7.83 10.03 8.33
C HIS D 27 8.71 10.60 9.45
N LEU D 28 9.64 9.80 9.94
CA LEU D 28 10.53 10.28 11.02
C LEU D 28 11.39 11.43 10.49
N ASN D 29 11.79 11.37 9.25
CA ASN D 29 12.63 12.47 8.68
C ASN D 29 11.88 13.80 8.81
N GLN D 30 10.60 13.80 8.56
CA GLN D 30 9.83 15.06 8.67
C GLN D 30 9.94 15.60 10.10
N ILE D 31 9.74 14.76 11.08
CA ILE D 31 9.85 15.22 12.49
C ILE D 31 11.28 15.03 12.97
N LYS D 32 12.23 15.59 12.25
CA LYS D 32 13.67 15.46 12.63
C LYS D 32 14.23 16.84 12.97
N ARG D 33 13.81 17.85 12.27
CA ARG D 33 14.32 19.22 12.56
C ARG D 33 13.80 19.68 13.92
N MET A 1 -15.71 -18.22 -5.46
CA MET A 1 -14.65 -17.21 -5.76
C MET A 1 -14.36 -17.21 -7.26
N LEU A 2 -13.34 -16.50 -7.67
CA LEU A 2 -12.97 -16.44 -9.12
C LEU A 2 -13.80 -15.37 -9.83
N GLU A 3 -15.10 -15.50 -9.88
CA GLU A 3 -15.91 -14.47 -10.59
C GLU A 3 -15.80 -13.13 -9.83
N PRO A 4 -16.00 -13.14 -8.53
CA PRO A 4 -15.90 -11.91 -7.70
C PRO A 4 -14.52 -11.74 -7.06
N PHE A 5 -13.82 -12.81 -6.82
CA PHE A 5 -12.48 -12.70 -6.16
C PHE A 5 -11.39 -12.43 -7.20
N GLN A 6 -11.39 -13.12 -8.31
CA GLN A 6 -10.32 -12.89 -9.33
C GLN A 6 -10.13 -11.39 -9.55
N ILE A 7 -11.12 -10.77 -10.07
CA ILE A 7 -11.05 -9.31 -10.36
C ILE A 7 -10.47 -8.57 -9.14
N LEU A 8 -10.52 -9.16 -7.98
CA LEU A 8 -9.94 -8.48 -6.79
C LEU A 8 -8.42 -8.55 -6.87
N SER A 9 -7.89 -9.72 -7.07
CA SER A 9 -6.41 -9.85 -7.18
C SER A 9 -5.90 -8.98 -8.33
N ILE A 10 -6.63 -8.91 -9.41
CA ILE A 10 -6.18 -8.06 -10.56
C ILE A 10 -6.05 -6.61 -10.09
N SER A 11 -7.13 -5.99 -9.57
CA SER A 11 -7.03 -4.61 -9.10
C SER A 11 -5.75 -4.40 -8.32
N SER A 12 -5.51 -5.25 -7.36
CA SER A 12 -4.28 -5.10 -6.53
C SER A 12 -3.05 -5.17 -7.43
N PHE A 13 -3.07 -6.02 -8.42
CA PHE A 13 -1.91 -6.14 -9.34
C PHE A 13 -1.67 -4.78 -10.02
N ILE A 14 -2.72 -4.13 -10.44
CA ILE A 14 -2.56 -2.81 -11.11
C ILE A 14 -1.92 -1.81 -10.14
N LEU A 15 -2.45 -1.71 -8.95
CA LEU A 15 -1.87 -0.77 -7.95
C LEU A 15 -0.45 -1.22 -7.60
N SER A 16 -0.24 -2.50 -7.46
CA SER A 16 1.12 -3.00 -7.13
C SER A 16 2.15 -2.35 -8.05
N ALA A 17 1.94 -2.40 -9.33
CA ALA A 17 2.91 -1.77 -10.27
C ALA A 17 2.81 -0.25 -10.18
N LEU A 18 1.62 0.27 -10.11
CA LEU A 18 1.47 1.76 -10.03
C LEU A 18 2.26 2.28 -8.82
N HIS A 19 2.18 1.60 -7.71
CA HIS A 19 2.92 2.05 -6.49
C HIS A 19 4.42 1.90 -6.72
N PHE A 20 4.83 0.87 -7.42
CA PHE A 20 6.28 0.68 -7.66
C PHE A 20 6.85 1.86 -8.46
N ILE A 21 6.19 2.23 -9.53
CA ILE A 21 6.70 3.37 -10.36
C ILE A 21 6.34 4.70 -9.67
N ALA A 22 5.19 4.79 -9.07
CA ALA A 22 4.80 6.06 -8.40
C ALA A 22 5.68 6.31 -7.18
N TRP A 23 5.91 5.30 -6.39
CA TRP A 23 6.77 5.47 -5.18
C TRP A 23 8.20 5.82 -5.61
N THR A 24 8.72 5.13 -6.59
CA THR A 24 10.12 5.42 -7.03
C THR A 24 10.20 6.85 -7.60
N ILE A 25 9.18 7.31 -8.28
CA ILE A 25 9.23 8.68 -8.84
C ILE A 25 8.94 9.71 -7.74
N GLY A 26 7.82 9.61 -7.08
CA GLY A 26 7.49 10.60 -6.01
C GLY A 26 8.56 10.54 -4.90
N HIS A 27 9.12 9.39 -4.60
CA HIS A 27 10.16 9.32 -3.55
C HIS A 27 11.48 9.85 -4.09
N LEU A 28 11.92 9.35 -5.22
CA LEU A 28 13.20 9.82 -5.80
C LEU A 28 13.07 11.29 -6.18
N ASN A 29 11.97 11.68 -6.77
CA ASN A 29 11.80 13.11 -7.15
C ASN A 29 11.91 14.00 -5.91
N GLN A 30 11.36 13.56 -4.81
CA GLN A 30 11.45 14.38 -3.57
C GLN A 30 12.90 14.74 -3.29
N ILE A 31 13.78 13.76 -3.29
CA ILE A 31 15.23 14.04 -3.03
C ILE A 31 15.93 14.32 -4.36
N LYS A 32 15.47 15.30 -5.09
CA LYS A 32 16.12 15.62 -6.39
C LYS A 32 15.59 16.96 -6.91
N ARG A 33 14.35 17.00 -7.31
CA ARG A 33 13.78 18.27 -7.83
C ARG A 33 14.72 18.87 -8.87
N MET B 1 -11.62 -18.66 8.35
CA MET B 1 -12.07 -18.57 6.93
C MET B 1 -13.41 -17.83 6.87
N LEU B 2 -13.55 -16.94 5.92
CA LEU B 2 -14.81 -16.15 5.77
C LEU B 2 -15.01 -15.19 6.94
N GLU B 3 -15.02 -15.67 8.16
CA GLU B 3 -15.22 -14.72 9.29
C GLU B 3 -13.97 -13.84 9.47
N PRO B 4 -12.79 -14.42 9.52
CA PRO B 4 -11.53 -13.67 9.68
C PRO B 4 -10.73 -13.55 8.38
N PHE B 5 -11.18 -14.18 7.32
CA PHE B 5 -10.43 -14.13 6.02
C PHE B 5 -11.16 -13.27 4.99
N GLN B 6 -12.30 -13.70 4.50
CA GLN B 6 -13.01 -12.89 3.46
C GLN B 6 -13.05 -11.43 3.85
N ILE B 7 -13.71 -11.15 4.91
CA ILE B 7 -13.83 -9.74 5.38
C ILE B 7 -12.45 -9.05 5.34
N LEU B 8 -11.40 -9.83 5.37
CA LEU B 8 -10.03 -9.21 5.33
C LEU B 8 -9.75 -8.75 3.90
N SER B 9 -10.00 -9.59 2.94
CA SER B 9 -9.76 -9.19 1.53
C SER B 9 -10.56 -7.92 1.22
N ILE B 10 -11.70 -7.76 1.86
CA ILE B 10 -12.52 -6.54 1.62
C ILE B 10 -11.77 -5.31 2.14
N SER B 11 -11.35 -5.31 3.38
CA SER B 11 -10.60 -4.18 3.93
C SER B 11 -9.54 -3.73 2.95
N SER B 12 -8.76 -4.66 2.46
CA SER B 12 -7.68 -4.30 1.50
C SER B 12 -8.29 -3.66 0.25
N PHE B 13 -9.38 -4.21 -0.23
CA PHE B 13 -10.02 -3.63 -1.44
C PHE B 13 -10.44 -2.20 -1.18
N ILE B 14 -11.11 -1.96 -0.08
CA ILE B 14 -11.56 -0.57 0.25
C ILE B 14 -10.34 0.33 0.39
N LEU B 15 -9.28 -0.17 0.97
CA LEU B 15 -8.06 0.67 1.15
C LEU B 15 -7.39 0.88 -0.22
N SER B 16 -7.27 -0.16 -1.00
CA SER B 16 -6.63 -0.01 -2.35
C SER B 16 -7.22 1.20 -3.06
N ALA B 17 -8.52 1.30 -3.15
CA ALA B 17 -9.13 2.47 -3.84
C ALA B 17 -8.85 3.74 -3.05
N LEU B 18 -9.02 3.70 -1.75
CA LEU B 18 -8.76 4.90 -0.91
C LEU B 18 -7.35 5.42 -1.22
N HIS B 19 -6.38 4.55 -1.24
CA HIS B 19 -4.99 4.99 -1.54
C HIS B 19 -4.89 5.46 -2.99
N PHE B 20 -5.59 4.81 -3.88
CA PHE B 20 -5.52 5.22 -5.32
C PHE B 20 -6.05 6.65 -5.47
N ILE B 21 -7.25 6.90 -5.02
CA ILE B 21 -7.82 8.27 -5.15
C ILE B 21 -7.04 9.24 -4.27
N ALA B 22 -6.60 8.79 -3.12
CA ALA B 22 -5.83 9.69 -2.22
C ALA B 22 -4.47 10.00 -2.84
N TRP B 23 -3.92 9.06 -3.57
CA TRP B 23 -2.59 9.29 -4.21
C TRP B 23 -2.71 10.41 -5.26
N THR B 24 -3.72 10.36 -6.08
CA THR B 24 -3.88 11.42 -7.12
C THR B 24 -4.20 12.76 -6.45
N ILE B 25 -4.92 12.76 -5.36
CA ILE B 25 -5.25 14.05 -4.69
C ILE B 25 -4.03 14.56 -3.92
N GLY B 26 -3.48 13.75 -3.06
CA GLY B 26 -2.28 14.21 -2.26
C GLY B 26 -1.09 14.43 -3.20
N HIS B 27 -0.96 13.66 -4.26
CA HIS B 27 0.20 13.87 -5.18
C HIS B 27 -0.03 15.16 -5.97
N LEU B 28 -1.22 15.35 -6.49
CA LEU B 28 -1.50 16.59 -7.26
C LEU B 28 -1.21 17.81 -6.37
N ASN B 29 -1.44 17.69 -5.10
CA ASN B 29 -1.16 18.84 -4.19
C ASN B 29 0.32 19.20 -4.25
N GLN B 30 1.17 18.22 -4.37
CA GLN B 30 2.64 18.50 -4.44
C GLN B 30 2.91 19.44 -5.62
N ILE B 31 2.36 19.15 -6.77
CA ILE B 31 2.60 20.03 -7.96
C ILE B 31 1.47 21.07 -8.04
N LYS B 32 1.31 21.84 -6.99
CA LYS B 32 0.24 22.87 -6.98
C LYS B 32 0.56 23.93 -5.92
N ARG B 33 0.61 23.53 -4.67
CA ARG B 33 0.92 24.51 -3.59
C ARG B 33 -0.01 25.71 -3.72
N MET C 1 -2.47 -22.53 10.21
CA MET C 1 -1.13 -22.84 9.66
C MET C 1 -1.22 -22.88 8.13
N LEU C 2 -1.44 -21.76 7.51
CA LEU C 2 -1.55 -21.73 6.02
C LEU C 2 -0.15 -21.89 5.42
N GLU C 3 0.87 -21.59 6.18
CA GLU C 3 2.28 -21.68 5.68
C GLU C 3 2.51 -20.45 4.80
N PRO C 4 3.76 -20.07 4.57
CA PRO C 4 4.18 -18.88 3.78
C PRO C 4 3.03 -18.19 3.04
N PHE C 5 2.02 -17.84 3.78
CA PHE C 5 0.84 -17.17 3.25
C PHE C 5 0.11 -16.55 4.45
N GLN C 6 -0.04 -17.33 5.51
CA GLN C 6 -0.71 -16.78 6.73
C GLN C 6 0.05 -15.55 7.16
N ILE C 7 1.34 -15.64 7.10
CA ILE C 7 2.18 -14.47 7.51
C ILE C 7 1.84 -13.26 6.64
N LEU C 8 1.27 -13.48 5.48
CA LEU C 8 0.90 -12.33 4.60
C LEU C 8 -0.42 -11.73 5.09
N SER C 9 -1.35 -12.54 5.49
CA SER C 9 -2.65 -12.00 5.98
C SER C 9 -2.42 -11.09 7.18
N ILE C 10 -1.70 -11.56 8.17
CA ILE C 10 -1.45 -10.72 9.37
C ILE C 10 -0.51 -9.56 8.99
N SER C 11 0.71 -9.86 8.48
CA SER C 11 1.61 -8.76 8.10
C SER C 11 0.86 -7.70 7.31
N SER C 12 0.14 -8.14 6.31
CA SER C 12 -0.62 -7.17 5.47
C SER C 12 -1.59 -6.38 6.35
N PHE C 13 -2.18 -7.03 7.31
CA PHE C 13 -3.14 -6.33 8.21
C PHE C 13 -2.42 -5.21 8.96
N ILE C 14 -1.26 -5.49 9.48
CA ILE C 14 -0.51 -4.44 10.23
C ILE C 14 -0.19 -3.27 9.29
N LEU C 15 0.26 -3.55 8.10
CA LEU C 15 0.59 -2.47 7.14
C LEU C 15 -0.71 -1.76 6.71
N SER C 16 -1.78 -2.48 6.57
CA SER C 16 -3.05 -1.85 6.14
C SER C 16 -3.44 -0.73 7.11
N ALA C 17 -3.52 -1.01 8.38
CA ALA C 17 -3.89 0.04 9.37
C ALA C 17 -2.77 1.08 9.45
N LEU C 18 -1.58 0.67 9.78
CA LEU C 18 -0.44 1.63 9.88
C LEU C 18 -0.43 2.53 8.65
N HIS C 19 -0.81 2.01 7.51
CA HIS C 19 -0.82 2.85 6.28
C HIS C 19 -1.93 3.90 6.37
N PHE C 20 -3.07 3.53 6.88
CA PHE C 20 -4.19 4.51 6.99
C PHE C 20 -3.88 5.53 8.10
N ILE C 21 -3.54 5.06 9.26
CA ILE C 21 -3.23 6.02 10.38
C ILE C 21 -2.13 6.98 9.94
N ALA C 22 -1.08 6.47 9.37
CA ALA C 22 0.03 7.36 8.91
C ALA C 22 -0.48 8.29 7.82
N TRP C 23 -1.39 7.83 7.01
CA TRP C 23 -1.93 8.69 5.92
C TRP C 23 -2.82 9.79 6.51
N THR C 24 -3.66 9.45 7.45
CA THR C 24 -4.55 10.47 8.05
C THR C 24 -3.72 11.50 8.84
N ILE C 25 -2.64 11.09 9.43
CA ILE C 25 -1.81 12.06 10.21
C ILE C 25 -0.91 12.85 9.26
N GLY C 26 -0.11 12.19 8.47
CA GLY C 26 0.81 12.92 7.54
C GLY C 26 -0.02 13.76 6.55
N HIS C 27 -1.16 13.27 6.11
CA HIS C 27 -1.98 14.07 5.15
C HIS C 27 -2.60 15.26 5.88
N LEU C 28 -3.13 15.04 7.06
CA LEU C 28 -3.75 16.15 7.83
C LEU C 28 -2.65 17.12 8.28
N ASN C 29 -1.50 16.62 8.62
CA ASN C 29 -0.40 17.51 9.07
C ASN C 29 -0.09 18.55 8.00
N GLN C 30 -0.19 18.17 6.75
CA GLN C 30 0.10 19.15 5.66
C GLN C 30 -0.87 20.33 5.75
N ILE C 31 -2.15 20.06 5.82
CA ILE C 31 -3.15 21.16 5.90
C ILE C 31 -3.29 21.59 7.37
N LYS C 32 -2.19 21.84 8.02
CA LYS C 32 -2.23 22.26 9.46
C LYS C 32 -1.87 23.75 9.55
N ARG C 33 -0.75 24.13 9.01
CA ARG C 33 -0.34 25.56 9.06
C ARG C 33 -1.48 26.44 8.56
N MET D 1 -2.98 -21.83 -9.89
CA MET D 1 -2.36 -20.87 -8.93
C MET D 1 -0.91 -21.27 -8.66
N LEU D 2 -0.20 -20.49 -7.89
CA LEU D 2 1.22 -20.81 -7.57
C LEU D 2 2.15 -20.33 -8.70
N GLU D 3 1.96 -20.80 -9.90
CA GLU D 3 2.86 -20.34 -11.00
C GLU D 3 2.59 -18.86 -11.29
N PRO D 4 1.34 -18.48 -11.46
CA PRO D 4 0.96 -17.07 -11.74
C PRO D 4 0.57 -16.30 -10.47
N PHE D 5 0.17 -17.00 -9.44
CA PHE D 5 -0.26 -16.31 -8.18
C PHE D 5 0.93 -16.12 -7.23
N GLN D 6 1.75 -17.12 -7.06
CA GLN D 6 2.90 -16.99 -6.11
C GLN D 6 3.61 -15.66 -6.34
N ILE D 7 3.97 -15.41 -7.55
CA ILE D 7 4.69 -14.15 -7.89
C ILE D 7 3.86 -12.95 -7.42
N LEU D 8 2.60 -13.15 -7.19
CA LEU D 8 1.73 -12.02 -6.73
C LEU D 8 1.97 -11.79 -5.23
N SER D 9 1.85 -12.83 -4.45
CA SER D 9 2.07 -12.68 -2.99
C SER D 9 3.47 -12.12 -2.73
N ILE D 10 4.46 -12.63 -3.40
CA ILE D 10 5.85 -12.12 -3.19
C ILE D 10 5.91 -10.65 -3.60
N SER D 11 5.45 -10.29 -4.81
CA SER D 11 5.48 -8.90 -5.23
C SER D 11 5.06 -7.98 -4.11
N SER D 12 3.91 -8.27 -3.54
CA SER D 12 3.40 -7.41 -2.43
C SER D 12 4.39 -7.40 -1.28
N PHE D 13 4.94 -8.54 -0.95
CA PHE D 13 5.92 -8.61 0.16
C PHE D 13 7.07 -7.63 -0.10
N ILE D 14 7.45 -7.47 -1.33
CA ILE D 14 8.57 -6.53 -1.65
C ILE D 14 8.11 -5.09 -1.38
N LEU D 15 6.93 -4.74 -1.80
CA LEU D 15 6.43 -3.35 -1.57
C LEU D 15 6.07 -3.16 -0.09
N SER D 16 5.67 -4.20 0.56
CA SER D 16 5.30 -4.07 2.01
C SER D 16 6.54 -3.67 2.81
N ALA D 17 7.65 -4.30 2.56
CA ALA D 17 8.89 -3.96 3.31
C ALA D 17 9.47 -2.66 2.76
N LEU D 18 9.65 -2.57 1.47
CA LEU D 18 10.22 -1.33 0.88
C LEU D 18 9.39 -0.12 1.34
N HIS D 19 8.10 -0.29 1.45
CA HIS D 19 7.23 0.84 1.89
C HIS D 19 7.49 1.13 3.37
N PHE D 20 7.60 0.11 4.18
CA PHE D 20 7.83 0.32 5.63
C PHE D 20 9.18 1.02 5.85
N ILE D 21 10.25 0.44 5.37
CA ILE D 21 11.58 1.07 5.56
C ILE D 21 11.61 2.46 4.92
N ALA D 22 10.91 2.65 3.84
CA ALA D 22 10.91 3.98 3.18
C ALA D 22 10.01 4.94 3.96
N TRP D 23 9.07 4.43 4.71
CA TRP D 23 8.15 5.31 5.48
C TRP D 23 8.86 5.78 6.75
N THR D 24 9.47 4.88 7.47
CA THR D 24 10.17 5.27 8.73
C THR D 24 11.30 6.25 8.39
N ILE D 25 12.10 5.92 7.43
CA ILE D 25 13.23 6.82 7.05
C ILE D 25 12.68 8.17 6.56
N GLY D 26 11.86 8.15 5.54
CA GLY D 26 11.31 9.44 5.01
C GLY D 26 10.48 10.14 6.11
N HIS D 27 9.92 9.39 7.04
CA HIS D 27 9.11 10.04 8.11
C HIS D 27 10.06 10.57 9.19
N LEU D 28 10.88 9.72 9.74
CA LEU D 28 11.83 10.17 10.80
C LEU D 28 12.58 11.41 10.32
N ASN D 29 13.02 11.41 9.09
CA ASN D 29 13.75 12.60 8.56
C ASN D 29 12.89 13.84 8.73
N GLN D 30 11.60 13.71 8.60
CA GLN D 30 10.70 14.89 8.75
C GLN D 30 10.87 15.46 10.16
N ILE D 31 10.86 14.61 11.16
CA ILE D 31 11.02 15.09 12.55
C ILE D 31 12.49 15.11 12.94
N LYS D 32 13.30 15.78 12.17
CA LYS D 32 14.76 15.84 12.47
C LYS D 32 15.37 17.08 11.82
N ARG D 33 15.22 17.22 10.53
CA ARG D 33 15.78 18.40 9.83
C ARG D 33 14.87 19.61 10.06
N MET A 1 -16.31 -16.83 -6.58
CA MET A 1 -14.87 -16.67 -6.91
C MET A 1 -14.72 -16.33 -8.40
N LEU A 2 -13.59 -15.77 -8.76
CA LEU A 2 -13.34 -15.39 -10.20
C LEU A 2 -13.93 -14.02 -10.49
N GLU A 3 -15.21 -13.83 -10.32
CA GLU A 3 -15.81 -12.50 -10.62
C GLU A 3 -15.40 -11.49 -9.53
N PRO A 4 -15.54 -11.86 -8.27
CA PRO A 4 -15.19 -10.98 -7.13
C PRO A 4 -13.80 -11.28 -6.56
N PHE A 5 -13.22 -12.41 -6.88
CA PHE A 5 -11.88 -12.78 -6.32
C PHE A 5 -10.77 -12.56 -7.36
N GLN A 6 -10.81 -13.25 -8.47
CA GLN A 6 -9.72 -13.07 -9.47
C GLN A 6 -9.58 -11.60 -9.84
N ILE A 7 -10.64 -10.87 -9.70
CA ILE A 7 -10.57 -9.42 -10.03
C ILE A 7 -9.76 -8.70 -8.95
N LEU A 8 -9.64 -9.30 -7.79
CA LEU A 8 -8.85 -8.66 -6.70
C LEU A 8 -7.36 -8.90 -6.99
N SER A 9 -7.01 -10.12 -7.31
CA SER A 9 -5.58 -10.43 -7.60
C SER A 9 -5.08 -9.54 -8.74
N ILE A 10 -5.91 -9.27 -9.72
CA ILE A 10 -5.46 -8.41 -10.85
C ILE A 10 -5.34 -6.96 -10.38
N SER A 11 -6.43 -6.30 -10.04
CA SER A 11 -6.34 -4.93 -9.57
C SER A 11 -5.22 -4.76 -8.57
N SER A 12 -5.11 -5.70 -7.66
CA SER A 12 -4.03 -5.60 -6.63
C SER A 12 -2.67 -5.62 -7.32
N PHE A 13 -2.50 -6.49 -8.29
CA PHE A 13 -1.19 -6.57 -9.00
C PHE A 13 -0.91 -5.23 -9.69
N ILE A 14 -1.87 -4.72 -10.43
CA ILE A 14 -1.65 -3.42 -11.12
C ILE A 14 -1.38 -2.32 -10.09
N LEU A 15 -2.00 -2.41 -8.94
CA LEU A 15 -1.78 -1.37 -7.90
C LEU A 15 -0.40 -1.57 -7.27
N SER A 16 -0.04 -2.79 -6.96
CA SER A 16 1.29 -3.04 -6.34
C SER A 16 2.39 -2.36 -7.15
N ALA A 17 2.42 -2.57 -8.44
CA ALA A 17 3.47 -1.91 -9.27
C ALA A 17 3.28 -0.40 -9.26
N LEU A 18 2.06 0.05 -9.37
CA LEU A 18 1.80 1.52 -9.35
C LEU A 18 2.50 2.14 -8.15
N HIS A 19 2.38 1.52 -7.00
CA HIS A 19 3.04 2.07 -5.78
C HIS A 19 4.56 2.04 -5.97
N PHE A 20 5.07 1.00 -6.59
CA PHE A 20 6.54 0.91 -6.80
C PHE A 20 7.02 2.13 -7.59
N ILE A 21 6.41 2.39 -8.72
CA ILE A 21 6.83 3.56 -9.53
C ILE A 21 6.41 4.86 -8.84
N ALA A 22 5.20 4.91 -8.34
CA ALA A 22 4.73 6.13 -7.66
C ALA A 22 5.66 6.45 -6.47
N TRP A 23 6.17 5.43 -5.83
CA TRP A 23 7.08 5.67 -4.68
C TRP A 23 8.42 6.20 -5.18
N THR A 24 8.94 5.62 -6.25
CA THR A 24 10.25 6.08 -6.77
C THR A 24 10.12 7.51 -7.32
N ILE A 25 9.00 7.86 -7.89
CA ILE A 25 8.84 9.24 -8.42
C ILE A 25 8.54 10.21 -7.28
N GLY A 26 7.50 9.95 -6.52
CA GLY A 26 7.16 10.87 -5.39
C GLY A 26 8.33 10.95 -4.40
N HIS A 27 9.07 9.86 -4.20
CA HIS A 27 10.21 9.91 -3.25
C HIS A 27 11.37 10.67 -3.91
N LEU A 28 11.73 10.31 -5.11
CA LEU A 28 12.85 10.99 -5.80
C LEU A 28 12.47 12.46 -6.06
N ASN A 29 11.25 12.70 -6.46
CA ASN A 29 10.82 14.10 -6.73
C ASN A 29 10.96 14.93 -5.45
N GLN A 30 10.69 14.35 -4.31
CA GLN A 30 10.80 15.10 -3.04
C GLN A 30 12.23 15.63 -2.90
N ILE A 31 13.21 14.79 -3.09
CA ILE A 31 14.63 15.25 -2.98
C ILE A 31 15.13 15.73 -4.34
N LYS A 32 14.43 16.65 -4.93
CA LYS A 32 14.85 17.17 -6.26
C LYS A 32 14.08 18.46 -6.57
N ARG A 33 12.81 18.36 -6.81
CA ARG A 33 12.00 19.58 -7.13
C ARG A 33 12.71 20.38 -8.22
N MET B 1 -18.16 -11.14 5.05
CA MET B 1 -17.15 -11.03 6.14
C MET B 1 -17.28 -12.24 7.07
N LEU B 2 -16.46 -13.25 6.87
CA LEU B 2 -16.54 -14.45 7.74
C LEU B 2 -15.84 -14.15 9.08
N GLU B 3 -14.53 -14.13 9.13
CA GLU B 3 -13.85 -13.80 10.42
C GLU B 3 -12.32 -13.79 10.24
N PRO B 4 -11.73 -14.82 9.68
CA PRO B 4 -10.25 -14.89 9.50
C PRO B 4 -9.77 -14.25 8.19
N PHE B 5 -9.59 -15.05 7.17
CA PHE B 5 -9.09 -14.52 5.87
C PHE B 5 -10.16 -13.74 5.10
N GLN B 6 -11.41 -14.12 5.16
CA GLN B 6 -12.42 -13.36 4.37
C GLN B 6 -12.34 -11.88 4.71
N ILE B 7 -12.79 -11.55 5.87
CA ILE B 7 -12.77 -10.11 6.31
C ILE B 7 -11.39 -9.50 6.07
N LEU B 8 -10.37 -10.32 5.95
CA LEU B 8 -9.00 -9.80 5.72
C LEU B 8 -8.88 -9.32 4.26
N SER B 9 -9.18 -10.16 3.31
CA SER B 9 -9.07 -9.75 1.88
C SER B 9 -9.97 -8.53 1.64
N ILE B 10 -11.22 -8.61 1.96
CA ILE B 10 -12.12 -7.43 1.73
C ILE B 10 -11.50 -6.21 2.42
N SER B 11 -10.87 -6.37 3.60
CA SER B 11 -10.25 -5.22 4.24
C SER B 11 -9.23 -4.58 3.32
N SER B 12 -8.43 -5.40 2.68
CA SER B 12 -7.39 -4.86 1.76
C SER B 12 -8.06 -4.06 0.65
N PHE B 13 -9.17 -4.53 0.17
CA PHE B 13 -9.88 -3.81 -0.93
C PHE B 13 -10.29 -2.41 -0.44
N ILE B 14 -10.91 -2.33 0.71
CA ILE B 14 -11.34 -1.01 1.23
C ILE B 14 -10.14 -0.05 1.25
N LEU B 15 -9.03 -0.49 1.80
CA LEU B 15 -7.83 0.40 1.85
C LEU B 15 -7.30 0.60 0.42
N SER B 16 -7.36 -0.42 -0.39
CA SER B 16 -6.86 -0.28 -1.79
C SER B 16 -7.50 0.95 -2.44
N ALA B 17 -8.76 1.16 -2.23
CA ALA B 17 -9.43 2.35 -2.83
C ALA B 17 -8.97 3.62 -2.11
N LEU B 18 -8.88 3.57 -0.81
CA LEU B 18 -8.43 4.77 -0.05
C LEU B 18 -7.02 5.16 -0.53
N HIS B 19 -6.14 4.21 -0.63
CA HIS B 19 -4.76 4.51 -1.08
C HIS B 19 -4.80 5.11 -2.49
N PHE B 20 -5.61 4.57 -3.36
CA PHE B 20 -5.68 5.11 -4.75
C PHE B 20 -6.36 6.49 -4.73
N ILE B 21 -7.49 6.60 -4.08
CA ILE B 21 -8.19 7.91 -4.02
C ILE B 21 -7.30 8.94 -3.32
N ALA B 22 -6.64 8.56 -2.26
CA ALA B 22 -5.76 9.51 -1.54
C ALA B 22 -4.54 9.85 -2.40
N TRP B 23 -4.03 8.89 -3.13
CA TRP B 23 -2.85 9.15 -4.00
C TRP B 23 -3.24 10.09 -5.14
N THR B 24 -4.36 9.85 -5.77
CA THR B 24 -4.78 10.73 -6.89
C THR B 24 -5.06 12.14 -6.37
N ILE B 25 -5.55 12.28 -5.17
CA ILE B 25 -5.85 13.64 -4.63
C ILE B 25 -4.56 14.28 -4.10
N GLY B 26 -3.89 13.65 -3.18
CA GLY B 26 -2.64 14.25 -2.62
C GLY B 26 -1.59 14.42 -3.73
N HIS B 27 -1.52 13.54 -4.70
CA HIS B 27 -0.50 13.70 -5.77
C HIS B 27 -0.94 14.78 -6.77
N LEU B 28 -2.20 14.85 -7.09
CA LEU B 28 -2.66 15.88 -8.06
C LEU B 28 -2.09 17.25 -7.69
N ASN B 29 -2.24 17.67 -6.46
CA ASN B 29 -1.70 19.00 -6.06
C ASN B 29 -0.21 19.07 -6.38
N GLN B 30 0.53 18.02 -6.12
CA GLN B 30 1.98 18.05 -6.43
C GLN B 30 2.16 18.42 -7.91
N ILE B 31 1.24 18.02 -8.74
CA ILE B 31 1.33 18.34 -10.19
C ILE B 31 0.61 19.66 -10.45
N LYS B 32 0.92 20.66 -9.69
CA LYS B 32 0.25 21.98 -9.89
C LYS B 32 1.05 23.07 -9.16
N ARG B 33 0.95 23.12 -7.87
CA ARG B 33 1.71 24.16 -7.11
C ARG B 33 1.48 25.53 -7.74
N MET C 1 1.69 -23.48 2.56
CA MET C 1 1.07 -22.18 2.96
C MET C 1 1.10 -22.06 4.48
N LEU C 2 0.42 -21.07 5.02
CA LEU C 2 0.38 -20.87 6.50
C LEU C 2 1.76 -20.44 7.02
N GLU C 3 2.80 -21.20 6.78
CA GLU C 3 4.13 -20.78 7.30
C GLU C 3 4.59 -19.51 6.56
N PRO C 4 4.60 -19.51 5.23
CA PRO C 4 5.04 -18.34 4.45
C PRO C 4 3.86 -17.55 3.84
N PHE C 5 2.66 -18.08 3.91
CA PHE C 5 1.48 -17.37 3.31
C PHE C 5 0.66 -16.64 4.37
N GLN C 6 -0.03 -17.36 5.24
CA GLN C 6 -0.87 -16.67 6.26
C GLN C 6 -0.08 -15.54 6.91
N ILE C 7 1.10 -15.85 7.35
CA ILE C 7 1.94 -14.82 8.01
C ILE C 7 2.13 -13.62 7.07
N LEU C 8 1.97 -13.83 5.79
CA LEU C 8 2.13 -12.70 4.83
C LEU C 8 0.90 -11.79 4.92
N SER C 9 -0.27 -12.37 4.97
CA SER C 9 -1.51 -11.55 5.07
C SER C 9 -1.47 -10.70 6.34
N ILE C 10 -0.92 -11.24 7.40
CA ILE C 10 -0.86 -10.46 8.68
C ILE C 10 0.06 -9.26 8.50
N SER C 11 1.29 -9.44 8.08
CA SER C 11 2.20 -8.31 7.87
C SER C 11 1.52 -7.20 7.11
N SER C 12 0.82 -7.57 6.05
CA SER C 12 0.13 -6.54 5.22
C SER C 12 -0.93 -5.84 6.08
N PHE C 13 -1.54 -6.55 6.98
CA PHE C 13 -2.58 -5.93 7.84
C PHE C 13 -1.93 -4.90 8.77
N ILE C 14 -0.77 -5.22 9.30
CA ILE C 14 -0.09 -4.25 10.20
C ILE C 14 0.17 -2.94 9.45
N LEU C 15 0.73 -3.02 8.28
CA LEU C 15 1.00 -1.78 7.50
C LEU C 15 -0.32 -1.12 7.12
N SER C 16 -1.38 -1.89 7.06
CA SER C 16 -2.70 -1.32 6.70
C SER C 16 -3.15 -0.34 7.80
N ALA C 17 -3.13 -0.76 9.03
CA ALA C 17 -3.55 0.13 10.14
C ALA C 17 -2.53 1.26 10.30
N LEU C 18 -1.26 0.92 10.30
CA LEU C 18 -0.22 1.97 10.46
C LEU C 18 -0.33 2.98 9.31
N HIS C 19 -0.59 2.50 8.12
CA HIS C 19 -0.71 3.42 6.95
C HIS C 19 -1.92 4.34 7.16
N PHE C 20 -3.04 3.79 7.56
CA PHE C 20 -4.25 4.64 7.76
C PHE C 20 -3.95 5.78 8.74
N ILE C 21 -3.37 5.46 9.88
CA ILE C 21 -3.05 6.53 10.87
C ILE C 21 -1.96 7.45 10.32
N ALA C 22 -0.86 6.89 9.90
CA ALA C 22 0.25 7.73 9.37
C ALA C 22 -0.27 8.65 8.25
N TRP C 23 -1.11 8.14 7.39
CA TRP C 23 -1.65 8.99 6.28
C TRP C 23 -2.46 10.15 6.86
N THR C 24 -3.30 9.89 7.84
CA THR C 24 -4.11 10.98 8.42
C THR C 24 -3.20 11.99 9.13
N ILE C 25 -2.11 11.55 9.70
CA ILE C 25 -1.20 12.50 10.39
C ILE C 25 -0.38 13.29 9.36
N GLY C 26 0.37 12.62 8.53
CA GLY C 26 1.20 13.35 7.52
C GLY C 26 0.27 14.10 6.54
N HIS C 27 -0.87 13.57 6.19
CA HIS C 27 -1.76 14.30 5.26
C HIS C 27 -2.37 15.52 5.97
N LEU C 28 -2.91 15.31 7.14
CA LEU C 28 -3.52 16.45 7.88
C LEU C 28 -2.44 17.47 8.21
N ASN C 29 -1.25 17.03 8.49
CA ASN C 29 -0.16 17.99 8.82
C ASN C 29 0.07 18.93 7.64
N GLN C 30 -0.01 18.42 6.44
CA GLN C 30 0.21 19.29 5.25
C GLN C 30 -0.80 20.44 5.25
N ILE C 31 -2.06 20.14 5.51
CA ILE C 31 -3.09 21.23 5.54
C ILE C 31 -3.27 21.73 6.98
N LYS C 32 -2.20 22.18 7.58
CA LYS C 32 -2.29 22.69 8.98
C LYS C 32 -1.14 23.67 9.23
N ARG C 33 0.08 23.20 9.12
CA ARG C 33 1.25 24.08 9.36
C ARG C 33 1.57 24.87 8.08
N MET D 1 0.71 -22.23 -6.37
CA MET D 1 2.07 -22.83 -6.50
C MET D 1 2.36 -23.17 -7.96
N LEU D 2 2.42 -22.17 -8.81
CA LEU D 2 2.70 -22.42 -10.25
C LEU D 2 3.62 -21.32 -10.79
N GLU D 3 3.10 -20.34 -11.49
CA GLU D 3 3.96 -19.25 -12.02
C GLU D 3 3.25 -17.88 -11.86
N PRO D 4 2.15 -17.65 -12.55
CA PRO D 4 1.41 -16.36 -12.46
C PRO D 4 0.88 -16.03 -11.05
N PHE D 5 0.68 -17.02 -10.21
CA PHE D 5 0.15 -16.73 -8.83
C PHE D 5 1.30 -16.66 -7.80
N GLN D 6 2.00 -17.74 -7.60
CA GLN D 6 3.10 -17.75 -6.59
C GLN D 6 4.03 -16.56 -6.83
N ILE D 7 4.12 -16.13 -8.04
CA ILE D 7 5.01 -14.97 -8.35
C ILE D 7 4.36 -13.68 -7.82
N LEU D 8 3.08 -13.71 -7.59
CA LEU D 8 2.39 -12.50 -7.06
C LEU D 8 2.64 -12.43 -5.54
N SER D 9 2.43 -13.52 -4.86
CA SER D 9 2.65 -13.54 -3.39
C SER D 9 4.08 -13.11 -3.09
N ILE D 10 5.03 -13.53 -3.89
CA ILE D 10 6.45 -13.14 -3.64
C ILE D 10 6.61 -11.64 -3.83
N SER D 11 6.42 -11.12 -5.03
CA SER D 11 6.53 -9.68 -5.25
C SER D 11 5.84 -8.91 -4.14
N SER D 12 4.72 -9.43 -3.68
CA SER D 12 3.96 -8.74 -2.62
C SER D 12 4.83 -8.67 -1.36
N PHE D 13 5.51 -9.73 -1.05
CA PHE D 13 6.38 -9.73 0.17
C PHE D 13 7.43 -8.61 0.04
N ILE D 14 7.94 -8.41 -1.15
CA ILE D 14 8.95 -7.34 -1.36
C ILE D 14 8.32 -5.98 -1.05
N LEU D 15 7.08 -5.80 -1.42
CA LEU D 15 6.39 -4.50 -1.16
C LEU D 15 6.16 -4.33 0.35
N SER D 16 5.92 -5.41 1.05
CA SER D 16 5.68 -5.31 2.52
C SER D 16 6.93 -4.79 3.22
N ALA D 17 8.04 -5.48 3.09
CA ALA D 17 9.28 -5.03 3.77
C ALA D 17 9.73 -3.69 3.18
N LEU D 18 9.62 -3.53 1.89
CA LEU D 18 10.04 -2.26 1.26
C LEU D 18 9.22 -1.10 1.83
N HIS D 19 7.93 -1.28 1.95
CA HIS D 19 7.07 -0.20 2.51
C HIS D 19 7.40 0.02 3.97
N PHE D 20 7.70 -1.02 4.70
CA PHE D 20 8.03 -0.86 6.14
C PHE D 20 9.25 0.07 6.30
N ILE D 21 10.31 -0.23 5.61
CA ILE D 21 11.53 0.63 5.74
C ILE D 21 11.32 1.94 4.98
N ALA D 22 10.77 1.87 3.79
CA ALA D 22 10.56 3.11 2.99
C ALA D 22 9.64 4.06 3.76
N TRP D 23 8.59 3.56 4.33
CA TRP D 23 7.65 4.45 5.09
C TRP D 23 8.35 4.99 6.33
N THR D 24 9.05 4.16 7.06
CA THR D 24 9.74 4.65 8.29
C THR D 24 10.77 5.73 7.94
N ILE D 25 11.40 5.63 6.79
CA ILE D 25 12.40 6.67 6.42
C ILE D 25 11.70 7.93 5.91
N GLY D 26 10.94 7.82 4.86
CA GLY D 26 10.25 9.03 4.31
C GLY D 26 9.29 9.61 5.37
N HIS D 27 8.65 8.78 6.17
CA HIS D 27 7.72 9.34 7.20
C HIS D 27 8.55 10.05 8.28
N LEU D 28 9.57 9.41 8.78
CA LEU D 28 10.41 10.04 9.82
C LEU D 28 11.03 11.32 9.26
N ASN D 29 11.40 11.31 8.01
CA ASN D 29 12.01 12.51 7.39
C ASN D 29 11.04 13.68 7.50
N GLN D 30 9.77 13.42 7.33
CA GLN D 30 8.77 14.53 7.43
C GLN D 30 8.81 15.14 8.83
N ILE D 31 8.85 14.33 9.84
CA ILE D 31 8.90 14.87 11.24
C ILE D 31 10.35 15.06 11.65
N LYS D 32 11.11 15.74 10.83
CA LYS D 32 12.56 15.99 11.13
C LYS D 32 12.75 17.46 11.47
N ARG D 33 12.13 18.35 10.74
CA ARG D 33 12.28 19.80 11.03
C ARG D 33 11.82 20.07 12.46
N MET A 1 -15.25 -17.04 -5.92
CA MET A 1 -13.85 -17.53 -5.97
C MET A 1 -13.40 -17.65 -7.42
N LEU A 2 -12.34 -16.99 -7.79
CA LEU A 2 -11.83 -17.05 -9.18
C LEU A 2 -12.61 -16.07 -10.08
N GLU A 3 -13.90 -16.24 -10.21
CA GLU A 3 -14.66 -15.31 -11.09
C GLU A 3 -14.66 -13.89 -10.45
N PRO A 4 -15.01 -13.77 -9.20
CA PRO A 4 -15.03 -12.46 -8.49
C PRO A 4 -13.73 -12.19 -7.74
N PHE A 5 -13.02 -13.22 -7.38
CA PHE A 5 -11.75 -13.03 -6.61
C PHE A 5 -10.57 -12.79 -7.56
N GLN A 6 -10.43 -13.59 -8.60
CA GLN A 6 -9.28 -13.41 -9.52
C GLN A 6 -9.11 -11.94 -9.88
N ILE A 7 -10.17 -11.34 -10.30
CA ILE A 7 -10.12 -9.90 -10.69
C ILE A 7 -9.67 -9.04 -9.52
N LEU A 8 -9.73 -9.57 -8.32
CA LEU A 8 -9.29 -8.77 -7.13
C LEU A 8 -7.77 -8.84 -7.01
N SER A 9 -7.22 -10.02 -6.96
CA SER A 9 -5.74 -10.15 -6.84
C SER A 9 -5.08 -9.41 -8.00
N ILE A 10 -5.60 -9.55 -9.20
CA ILE A 10 -4.99 -8.86 -10.36
C ILE A 10 -5.08 -7.34 -10.15
N SER A 11 -6.28 -6.79 -9.88
CA SER A 11 -6.40 -5.36 -9.65
C SER A 11 -5.26 -4.84 -8.80
N SER A 12 -5.06 -5.49 -7.67
CA SER A 12 -3.98 -5.04 -6.75
C SER A 12 -2.64 -5.05 -7.50
N PHE A 13 -2.40 -6.04 -8.30
CA PHE A 13 -1.11 -6.10 -9.05
C PHE A 13 -0.94 -4.83 -9.89
N ILE A 14 -1.99 -4.35 -10.48
CA ILE A 14 -1.89 -3.12 -11.30
C ILE A 14 -1.49 -1.93 -10.42
N LEU A 15 -2.14 -1.77 -9.30
CA LEU A 15 -1.79 -0.63 -8.40
C LEU A 15 -0.40 -0.87 -7.80
N SER A 16 -0.12 -2.07 -7.38
CA SER A 16 1.21 -2.37 -6.79
C SER A 16 2.32 -1.79 -7.67
N ALA A 17 2.24 -2.02 -8.96
CA ALA A 17 3.30 -1.47 -9.86
C ALA A 17 3.22 0.06 -9.87
N LEU A 18 2.04 0.59 -10.06
CA LEU A 18 1.88 2.07 -10.08
C LEU A 18 2.61 2.67 -8.87
N HIS A 19 2.27 2.22 -7.69
CA HIS A 19 2.92 2.76 -6.47
C HIS A 19 4.44 2.55 -6.57
N PHE A 20 4.86 1.42 -7.08
CA PHE A 20 6.32 1.15 -7.19
C PHE A 20 6.99 2.26 -8.02
N ILE A 21 6.40 2.63 -9.13
CA ILE A 21 6.99 3.70 -9.97
C ILE A 21 6.73 5.06 -9.34
N ALA A 22 5.53 5.32 -8.93
CA ALA A 22 5.21 6.63 -8.30
C ALA A 22 6.10 6.85 -7.07
N TRP A 23 6.35 5.82 -6.33
CA TRP A 23 7.21 5.96 -5.12
C TRP A 23 8.65 6.24 -5.55
N THR A 24 9.15 5.52 -6.51
CA THR A 24 10.55 5.75 -6.97
C THR A 24 10.68 7.16 -7.55
N ILE A 25 9.65 7.67 -8.16
CA ILE A 25 9.74 9.04 -8.74
C ILE A 25 9.64 10.09 -7.62
N GLY A 26 8.54 10.11 -6.91
CA GLY A 26 8.39 11.13 -5.81
C GLY A 26 9.47 10.92 -4.73
N HIS A 27 9.86 9.69 -4.45
CA HIS A 27 10.90 9.48 -3.41
C HIS A 27 12.26 9.93 -3.96
N LEU A 28 12.60 9.53 -5.14
CA LEU A 28 13.90 9.94 -5.74
C LEU A 28 13.91 11.45 -5.95
N ASN A 29 12.80 12.01 -6.36
CA ASN A 29 12.74 13.48 -6.59
C ASN A 29 13.04 14.21 -5.28
N GLN A 30 12.58 13.69 -4.18
CA GLN A 30 12.84 14.36 -2.88
C GLN A 30 14.34 14.62 -2.73
N ILE A 31 15.15 13.64 -3.03
CA ILE A 31 16.62 13.81 -2.92
C ILE A 31 17.17 14.28 -4.28
N LYS A 32 16.68 15.40 -4.75
CA LYS A 32 17.16 15.92 -6.05
C LYS A 32 16.83 17.41 -6.17
N ARG A 33 15.56 17.74 -6.16
CA ARG A 33 15.17 19.18 -6.27
C ARG A 33 15.90 19.82 -7.44
N MET B 1 -12.03 -18.90 8.02
CA MET B 1 -12.12 -18.60 6.56
C MET B 1 -13.50 -18.03 6.23
N LEU B 2 -13.53 -17.01 5.41
CA LEU B 2 -14.83 -16.37 5.02
C LEU B 2 -15.24 -15.33 6.07
N GLU B 3 -15.39 -15.72 7.31
CA GLU B 3 -15.79 -14.72 8.34
C GLU B 3 -14.59 -13.82 8.69
N PRO B 4 -13.44 -14.40 8.91
CA PRO B 4 -12.21 -13.64 9.25
C PRO B 4 -11.27 -13.44 8.06
N PHE B 5 -11.49 -14.16 6.97
CA PHE B 5 -10.59 -14.02 5.78
C PHE B 5 -11.26 -13.21 4.67
N GLN B 6 -12.37 -13.66 4.15
CA GLN B 6 -13.02 -12.90 3.05
C GLN B 6 -13.26 -11.46 3.48
N ILE B 7 -13.45 -11.25 4.74
CA ILE B 7 -13.68 -9.87 5.24
C ILE B 7 -12.38 -9.06 5.12
N LEU B 8 -11.27 -9.74 5.06
CA LEU B 8 -9.97 -9.03 4.93
C LEU B 8 -9.77 -8.61 3.48
N SER B 9 -9.99 -9.51 2.56
CA SER B 9 -9.82 -9.16 1.12
C SER B 9 -10.73 -7.98 0.77
N ILE B 10 -11.90 -7.92 1.35
CA ILE B 10 -12.82 -6.80 1.03
C ILE B 10 -12.25 -5.49 1.60
N SER B 11 -12.12 -5.37 2.91
CA SER B 11 -11.55 -4.14 3.49
C SER B 11 -10.33 -3.70 2.73
N SER B 12 -9.52 -4.65 2.32
CA SER B 12 -8.28 -4.29 1.59
C SER B 12 -8.66 -3.72 0.22
N PHE B 13 -9.62 -4.31 -0.44
CA PHE B 13 -10.04 -3.81 -1.77
C PHE B 13 -10.48 -2.35 -1.64
N ILE B 14 -11.33 -2.07 -0.69
CA ILE B 14 -11.79 -0.66 -0.50
C ILE B 14 -10.58 0.24 -0.23
N LEU B 15 -9.60 -0.26 0.46
CA LEU B 15 -8.39 0.57 0.76
C LEU B 15 -7.58 0.74 -0.52
N SER B 16 -7.43 -0.32 -1.29
CA SER B 16 -6.64 -0.22 -2.55
C SER B 16 -7.13 0.99 -3.36
N ALA B 17 -8.41 1.09 -3.62
CA ALA B 17 -8.91 2.24 -4.41
C ALA B 17 -8.68 3.54 -3.63
N LEU B 18 -8.98 3.55 -2.36
CA LEU B 18 -8.77 4.77 -1.55
C LEU B 18 -7.36 5.31 -1.81
N HIS B 19 -6.37 4.45 -1.76
CA HIS B 19 -4.98 4.90 -2.00
C HIS B 19 -4.86 5.51 -3.40
N PHE B 20 -5.48 4.90 -4.38
CA PHE B 20 -5.39 5.46 -5.76
C PHE B 20 -5.97 6.88 -5.77
N ILE B 21 -7.10 7.08 -5.17
CA ILE B 21 -7.70 8.45 -5.15
C ILE B 21 -6.86 9.37 -4.27
N ALA B 22 -6.55 8.93 -3.08
CA ALA B 22 -5.73 9.78 -2.16
C ALA B 22 -4.41 10.15 -2.83
N TRP B 23 -3.97 9.35 -3.78
CA TRP B 23 -2.69 9.65 -4.47
C TRP B 23 -2.90 10.79 -5.47
N THR B 24 -3.91 10.69 -6.29
CA THR B 24 -4.16 11.77 -7.29
C THR B 24 -4.51 13.08 -6.57
N ILE B 25 -5.14 13.00 -5.42
CA ILE B 25 -5.51 14.24 -4.69
C ILE B 25 -4.25 14.87 -4.08
N GLY B 26 -3.55 14.16 -3.23
CA GLY B 26 -2.33 14.74 -2.60
C GLY B 26 -1.23 14.94 -3.65
N HIS B 27 -1.14 14.08 -4.64
CA HIS B 27 -0.08 14.27 -5.67
C HIS B 27 -0.42 15.50 -6.53
N LEU B 28 -1.62 15.56 -7.03
CA LEU B 28 -2.01 16.73 -7.87
C LEU B 28 -1.76 18.02 -7.09
N ASN B 29 -2.08 18.04 -5.83
CA ASN B 29 -1.86 19.26 -5.02
C ASN B 29 -0.40 19.68 -5.14
N GLN B 30 0.52 18.76 -4.95
CA GLN B 30 1.95 19.11 -5.06
C GLN B 30 2.19 19.78 -6.42
N ILE B 31 1.50 19.33 -7.43
CA ILE B 31 1.67 19.93 -8.79
C ILE B 31 0.68 21.09 -8.94
N LYS B 32 0.66 21.97 -7.98
CA LYS B 32 -0.29 23.12 -8.05
C LYS B 32 0.12 24.16 -7.00
N ARG B 33 1.40 24.32 -6.79
CA ARG B 33 1.87 25.32 -5.77
C ARG B 33 1.55 26.73 -6.26
N MET C 1 -0.91 -23.32 4.08
CA MET C 1 -1.33 -23.14 5.50
C MET C 1 -0.18 -22.52 6.30
N LEU C 2 -0.32 -21.28 6.71
CA LEU C 2 0.75 -20.60 7.48
C LEU C 2 1.95 -20.30 6.57
N GLU C 3 3.18 -20.54 7.00
CA GLU C 3 4.34 -20.23 6.10
C GLU C 3 4.17 -18.78 5.58
N PRO C 4 4.98 -18.33 4.65
CA PRO C 4 4.86 -16.94 4.12
C PRO C 4 3.45 -16.59 3.63
N PHE C 5 2.47 -17.42 3.91
CA PHE C 5 1.07 -17.12 3.46
C PHE C 5 0.28 -16.48 4.60
N GLN C 6 -0.13 -17.24 5.60
CA GLN C 6 -0.93 -16.62 6.69
C GLN C 6 -0.07 -15.62 7.45
N ILE C 7 1.16 -15.92 7.68
CA ILE C 7 2.02 -14.97 8.42
C ILE C 7 2.08 -13.64 7.64
N LEU C 8 1.77 -13.68 6.37
CA LEU C 8 1.81 -12.42 5.55
C LEU C 8 0.52 -11.64 5.77
N SER C 9 -0.60 -12.31 5.78
CA SER C 9 -1.88 -11.58 5.99
C SER C 9 -1.83 -10.83 7.33
N ILE C 10 -1.20 -11.40 8.32
CA ILE C 10 -1.11 -10.73 9.63
C ILE C 10 -0.15 -9.54 9.54
N SER C 11 1.12 -9.76 9.27
CA SER C 11 2.06 -8.65 9.14
C SER C 11 1.49 -7.57 8.24
N SER C 12 1.02 -7.97 7.08
CA SER C 12 0.46 -6.97 6.13
C SER C 12 -0.74 -6.26 6.76
N PHE C 13 -1.60 -6.99 7.41
CA PHE C 13 -2.79 -6.37 8.05
C PHE C 13 -2.34 -5.20 8.93
N ILE C 14 -1.40 -5.44 9.81
CA ILE C 14 -0.92 -4.35 10.69
C ILE C 14 -0.41 -3.18 9.85
N LEU C 15 0.22 -3.47 8.74
CA LEU C 15 0.75 -2.38 7.86
C LEU C 15 -0.44 -1.65 7.20
N SER C 16 -1.43 -2.40 6.78
CA SER C 16 -2.60 -1.77 6.11
C SER C 16 -3.17 -0.66 7.00
N ALA C 17 -3.55 -0.96 8.21
CA ALA C 17 -4.11 0.08 9.11
C ALA C 17 -3.07 1.17 9.36
N LEU C 18 -1.84 0.79 9.61
CA LEU C 18 -0.79 1.82 9.87
C LEU C 18 -0.79 2.84 8.73
N HIS C 19 -0.97 2.39 7.51
CA HIS C 19 -0.97 3.32 6.36
C HIS C 19 -2.22 4.21 6.41
N PHE C 20 -3.37 3.60 6.59
CA PHE C 20 -4.62 4.41 6.62
C PHE C 20 -4.59 5.37 7.81
N ILE C 21 -4.33 4.89 9.00
CA ILE C 21 -4.30 5.79 10.18
C ILE C 21 -3.21 6.86 9.96
N ALA C 22 -2.07 6.46 9.49
CA ALA C 22 -0.97 7.44 9.25
C ALA C 22 -1.41 8.42 8.16
N TRP C 23 -2.15 7.96 7.19
CA TRP C 23 -2.61 8.86 6.10
C TRP C 23 -3.53 9.94 6.68
N THR C 24 -4.43 9.57 7.55
CA THR C 24 -5.35 10.57 8.15
C THR C 24 -4.55 11.57 9.00
N ILE C 25 -3.48 11.13 9.60
CA ILE C 25 -2.67 12.05 10.46
C ILE C 25 -1.83 12.97 9.57
N GLY C 26 -0.97 12.40 8.76
CA GLY C 26 -0.10 13.26 7.87
C GLY C 26 -0.96 14.02 6.85
N HIS C 27 -2.03 13.44 6.35
CA HIS C 27 -2.85 14.19 5.36
C HIS C 27 -3.54 15.37 6.06
N LEU C 28 -4.02 15.18 7.25
CA LEU C 28 -4.69 16.29 7.97
C LEU C 28 -3.70 17.43 8.18
N ASN C 29 -2.46 17.11 8.42
CA ASN C 29 -1.43 18.18 8.63
C ASN C 29 -1.38 19.09 7.40
N GLN C 30 -1.54 18.54 6.23
CA GLN C 30 -1.50 19.37 5.00
C GLN C 30 -2.51 20.51 5.13
N ILE C 31 -3.68 20.23 5.63
CA ILE C 31 -4.72 21.30 5.79
C ILE C 31 -4.57 21.94 7.18
N LYS C 32 -3.39 22.38 7.51
CA LYS C 32 -3.17 23.02 8.83
C LYS C 32 -2.01 24.02 8.73
N ARG C 33 -0.84 23.55 8.39
CA ARG C 33 0.32 24.47 8.27
C ARG C 33 0.24 25.24 6.96
N MET D 1 3.52 -21.91 -4.57
CA MET D 1 4.59 -22.41 -5.47
C MET D 1 4.00 -22.73 -6.84
N LEU D 2 3.03 -21.97 -7.27
CA LEU D 2 2.41 -22.24 -8.61
C LEU D 2 3.27 -21.57 -9.70
N GLU D 3 3.06 -20.30 -9.97
CA GLU D 3 3.87 -19.59 -11.00
C GLU D 3 3.30 -18.19 -11.22
N PRO D 4 2.00 -18.07 -11.39
CA PRO D 4 1.32 -16.76 -11.61
C PRO D 4 0.77 -16.14 -10.31
N PHE D 5 0.26 -16.95 -9.42
CA PHE D 5 -0.31 -16.42 -8.15
C PHE D 5 0.77 -16.34 -7.06
N GLN D 6 1.40 -17.44 -6.75
CA GLN D 6 2.45 -17.42 -5.69
C GLN D 6 3.43 -16.29 -5.96
N ILE D 7 3.80 -16.13 -7.17
CA ILE D 7 4.76 -15.05 -7.53
C ILE D 7 4.14 -13.69 -7.21
N LEU D 8 2.83 -13.64 -7.12
CA LEU D 8 2.16 -12.35 -6.80
C LEU D 8 2.37 -12.04 -5.31
N SER D 9 2.05 -12.98 -4.46
CA SER D 9 2.23 -12.75 -3.00
C SER D 9 3.69 -12.40 -2.69
N ILE D 10 4.63 -13.02 -3.36
CA ILE D 10 6.06 -12.72 -3.09
C ILE D 10 6.36 -11.26 -3.44
N SER D 11 6.22 -10.86 -4.69
CA SER D 11 6.48 -9.47 -5.08
C SER D 11 5.90 -8.52 -4.07
N SER D 12 4.67 -8.74 -3.68
CA SER D 12 4.01 -7.82 -2.72
C SER D 12 4.77 -7.83 -1.40
N PHE D 13 5.27 -8.97 -0.99
CA PHE D 13 6.03 -9.02 0.29
C PHE D 13 7.24 -8.09 0.22
N ILE D 14 7.93 -8.07 -0.88
CA ILE D 14 9.12 -7.19 -1.02
C ILE D 14 8.66 -5.73 -0.89
N LEU D 15 7.55 -5.40 -1.49
CA LEU D 15 7.05 -3.99 -1.43
C LEU D 15 6.58 -3.69 0.01
N SER D 16 5.85 -4.60 0.59
CA SER D 16 5.35 -4.38 1.99
C SER D 16 6.49 -3.91 2.88
N ALA D 17 7.61 -4.59 2.86
CA ALA D 17 8.75 -4.18 3.73
C ALA D 17 9.32 -2.85 3.23
N LEU D 18 9.39 -2.67 1.94
CA LEU D 18 9.94 -1.39 1.40
C LEU D 18 9.12 -0.22 1.93
N HIS D 19 7.83 -0.31 1.84
CA HIS D 19 6.97 0.80 2.34
C HIS D 19 7.15 0.97 3.85
N PHE D 20 7.32 -0.12 4.56
CA PHE D 20 7.51 -0.03 6.03
C PHE D 20 8.73 0.84 6.35
N ILE D 21 9.83 0.58 5.70
CA ILE D 21 11.05 1.39 5.95
C ILE D 21 10.93 2.76 5.25
N ALA D 22 10.50 2.76 4.03
CA ALA D 22 10.35 4.05 3.29
C ALA D 22 9.42 4.98 4.07
N TRP D 23 8.34 4.46 4.57
CA TRP D 23 7.40 5.33 5.34
C TRP D 23 8.07 5.82 6.62
N THR D 24 8.77 4.95 7.30
CA THR D 24 9.46 5.37 8.55
C THR D 24 10.47 6.47 8.25
N ILE D 25 11.10 6.44 7.10
CA ILE D 25 12.09 7.50 6.77
C ILE D 25 11.37 8.78 6.32
N GLY D 26 10.64 8.71 5.24
CA GLY D 26 9.92 9.94 4.75
C GLY D 26 8.98 10.48 5.84
N HIS D 27 8.34 9.61 6.60
CA HIS D 27 7.42 10.13 7.66
C HIS D 27 8.24 10.77 8.77
N LEU D 28 9.20 10.07 9.30
CA LEU D 28 10.04 10.64 10.39
C LEU D 28 10.66 11.96 9.91
N ASN D 29 11.05 12.02 8.67
CA ASN D 29 11.67 13.27 8.14
C ASN D 29 10.64 14.42 8.22
N GLN D 30 9.40 14.14 7.94
CA GLN D 30 8.37 15.20 8.00
C GLN D 30 8.35 15.81 9.40
N ILE D 31 8.43 14.99 10.41
CA ILE D 31 8.44 15.50 11.82
C ILE D 31 9.88 15.74 12.27
N LYS D 32 10.62 16.50 11.52
CA LYS D 32 12.04 16.78 11.89
C LYS D 32 12.47 18.11 11.29
N ARG D 33 12.32 18.29 10.01
CA ARG D 33 12.72 19.56 9.36
C ARG D 33 11.66 20.64 9.66
N MET A 1 -14.94 -17.88 -6.21
CA MET A 1 -13.45 -18.00 -6.20
C MET A 1 -12.95 -18.17 -7.63
N LEU A 2 -11.90 -17.48 -7.99
CA LEU A 2 -11.33 -17.56 -9.37
C LEU A 2 -12.07 -16.63 -10.32
N GLU A 3 -13.34 -16.85 -10.55
CA GLU A 3 -14.06 -15.94 -11.49
C GLU A 3 -14.07 -14.50 -10.92
N PRO A 4 -14.42 -14.34 -9.67
CA PRO A 4 -14.47 -13.01 -9.02
C PRO A 4 -13.19 -12.69 -8.23
N PHE A 5 -12.52 -13.69 -7.72
CA PHE A 5 -11.29 -13.45 -6.91
C PHE A 5 -10.06 -13.28 -7.82
N GLN A 6 -9.92 -14.10 -8.83
CA GLN A 6 -8.72 -13.99 -9.72
C GLN A 6 -8.48 -12.53 -10.09
N ILE A 7 -9.40 -11.97 -10.80
CA ILE A 7 -9.26 -10.56 -11.24
C ILE A 7 -8.91 -9.64 -10.06
N LEU A 8 -9.20 -10.06 -8.85
CA LEU A 8 -8.87 -9.20 -7.69
C LEU A 8 -7.35 -9.20 -7.49
N SER A 9 -6.76 -10.35 -7.40
CA SER A 9 -5.29 -10.43 -7.22
C SER A 9 -4.61 -9.60 -8.33
N ILE A 10 -5.14 -9.63 -9.52
CA ILE A 10 -4.53 -8.85 -10.63
C ILE A 10 -4.51 -7.37 -10.23
N SER A 11 -5.62 -6.80 -9.86
CA SER A 11 -5.65 -5.40 -9.43
C SER A 11 -4.49 -5.09 -8.52
N SER A 12 -4.29 -5.94 -7.54
CA SER A 12 -3.18 -5.72 -6.57
C SER A 12 -1.85 -5.71 -7.32
N PHE A 13 -1.68 -6.61 -8.24
CA PHE A 13 -0.41 -6.66 -9.02
C PHE A 13 -0.24 -5.37 -9.81
N ILE A 14 -1.24 -4.98 -10.54
CA ILE A 14 -1.15 -3.72 -11.34
C ILE A 14 -0.88 -2.54 -10.41
N LEU A 15 -1.51 -2.53 -9.26
CA LEU A 15 -1.30 -1.40 -8.31
C LEU A 15 0.11 -1.48 -7.71
N SER A 16 0.49 -2.64 -7.23
CA SER A 16 1.84 -2.79 -6.62
C SER A 16 2.90 -2.14 -7.52
N ALA A 17 2.86 -2.37 -8.79
CA ALA A 17 3.87 -1.75 -9.70
C ALA A 17 3.62 -0.24 -9.79
N LEU A 18 2.39 0.15 -9.95
CA LEU A 18 2.08 1.61 -10.03
C LEU A 18 2.66 2.32 -8.80
N HIS A 19 2.41 1.79 -7.64
CA HIS A 19 2.95 2.42 -6.40
C HIS A 19 4.47 2.28 -6.38
N PHE A 20 4.98 1.20 -6.91
CA PHE A 20 6.46 1.01 -6.91
C PHE A 20 7.13 2.14 -7.69
N ILE A 21 6.68 2.41 -8.88
CA ILE A 21 7.30 3.50 -9.68
C ILE A 21 6.82 4.85 -9.16
N ALA A 22 5.55 4.99 -8.91
CA ALA A 22 5.03 6.29 -8.39
C ALA A 22 5.75 6.66 -7.09
N TRP A 23 5.95 5.70 -6.23
CA TRP A 23 6.64 5.98 -4.94
C TRP A 23 8.08 6.41 -5.21
N THR A 24 8.75 5.73 -6.11
CA THR A 24 10.16 6.10 -6.41
C THR A 24 10.22 7.50 -7.05
N ILE A 25 9.23 7.84 -7.84
CA ILE A 25 9.24 9.19 -8.48
C ILE A 25 8.77 10.26 -7.47
N GLY A 26 7.59 10.11 -6.93
CA GLY A 26 7.09 11.13 -5.96
C GLY A 26 8.02 11.21 -4.73
N HIS A 27 8.61 10.11 -4.31
CA HIS A 27 9.51 10.17 -3.13
C HIS A 27 10.85 10.77 -3.55
N LEU A 28 11.44 10.28 -4.60
CA LEU A 28 12.74 10.82 -5.06
C LEU A 28 12.56 12.28 -5.49
N ASN A 29 11.50 12.58 -6.18
CA ASN A 29 11.27 13.98 -6.63
C ASN A 29 11.24 14.91 -5.41
N GLN A 30 10.67 14.46 -4.32
CA GLN A 30 10.61 15.31 -3.11
C GLN A 30 12.03 15.74 -2.72
N ILE A 31 12.94 14.81 -2.63
CA ILE A 31 14.34 15.16 -2.26
C ILE A 31 15.15 15.45 -3.53
N LYS A 32 14.68 16.38 -4.32
CA LYS A 32 15.40 16.73 -5.58
C LYS A 32 15.00 18.13 -6.03
N ARG A 33 13.78 18.31 -6.45
CA ARG A 33 13.33 19.66 -6.89
C ARG A 33 14.25 20.15 -8.02
N MET B 1 -16.70 -10.54 4.36
CA MET B 1 -17.93 -10.53 5.20
C MET B 1 -17.92 -11.74 6.14
N LEU B 2 -17.26 -12.80 5.75
CA LEU B 2 -17.23 -14.01 6.63
C LEU B 2 -16.80 -13.57 8.05
N GLU B 3 -15.52 -13.35 8.29
CA GLU B 3 -15.08 -12.89 9.64
C GLU B 3 -13.55 -12.99 9.79
N PRO B 4 -12.93 -14.09 9.46
CA PRO B 4 -11.47 -14.27 9.59
C PRO B 4 -10.66 -13.90 8.33
N PHE B 5 -11.01 -14.46 7.21
CA PHE B 5 -10.25 -14.19 5.94
C PHE B 5 -11.03 -13.26 5.00
N GLN B 6 -12.29 -13.52 4.80
CA GLN B 6 -13.07 -12.66 3.86
C GLN B 6 -12.99 -11.20 4.29
N ILE B 7 -12.70 -10.98 5.54
CA ILE B 7 -12.59 -9.58 6.04
C ILE B 7 -11.29 -8.96 5.53
N LEU B 8 -10.34 -9.77 5.14
CA LEU B 8 -9.05 -9.23 4.62
C LEU B 8 -9.20 -8.95 3.12
N SER B 9 -9.75 -9.88 2.38
CA SER B 9 -9.92 -9.64 0.92
C SER B 9 -10.71 -8.35 0.70
N ILE B 10 -11.82 -8.20 1.38
CA ILE B 10 -12.64 -6.96 1.20
C ILE B 10 -11.87 -5.77 1.79
N SER B 11 -11.52 -5.80 3.11
CA SER B 11 -10.78 -4.69 3.69
C SER B 11 -9.72 -4.18 2.75
N SER B 12 -8.93 -5.08 2.24
CA SER B 12 -7.83 -4.65 1.31
C SER B 12 -8.45 -3.91 0.11
N PHE B 13 -9.55 -4.39 -0.38
CA PHE B 13 -10.21 -3.72 -1.54
C PHE B 13 -10.44 -2.25 -1.21
N ILE B 14 -10.91 -1.96 -0.02
CA ILE B 14 -11.17 -0.55 0.35
C ILE B 14 -9.85 0.24 0.30
N LEU B 15 -8.80 -0.31 0.83
CA LEU B 15 -7.49 0.40 0.80
C LEU B 15 -7.00 0.52 -0.64
N SER B 16 -7.23 -0.48 -1.44
CA SER B 16 -6.77 -0.43 -2.86
C SER B 16 -7.34 0.81 -3.54
N ALA B 17 -8.64 0.98 -3.52
CA ALA B 17 -9.23 2.18 -4.18
C ALA B 17 -8.78 3.44 -3.45
N LEU B 18 -8.92 3.48 -2.14
CA LEU B 18 -8.50 4.67 -1.37
C LEU B 18 -7.10 5.10 -1.82
N HIS B 19 -6.20 4.16 -1.93
CA HIS B 19 -4.82 4.49 -2.37
C HIS B 19 -4.85 5.04 -3.80
N PHE B 20 -5.51 4.36 -4.69
CA PHE B 20 -5.58 4.85 -6.10
C PHE B 20 -6.06 6.30 -6.12
N ILE B 21 -7.15 6.58 -5.45
CA ILE B 21 -7.68 7.98 -5.43
C ILE B 21 -6.72 8.88 -4.65
N ALA B 22 -6.53 8.60 -3.40
CA ALA B 22 -5.63 9.44 -2.56
C ALA B 22 -4.33 9.75 -3.33
N TRP B 23 -4.01 8.96 -4.32
CA TRP B 23 -2.75 9.22 -5.09
C TRP B 23 -3.02 10.26 -6.19
N THR B 24 -4.08 10.09 -6.93
CA THR B 24 -4.38 11.07 -8.02
C THR B 24 -4.71 12.45 -7.43
N ILE B 25 -5.36 12.50 -6.30
CA ILE B 25 -5.72 13.83 -5.71
C ILE B 25 -4.49 14.40 -4.98
N GLY B 26 -3.87 13.64 -4.13
CA GLY B 26 -2.69 14.16 -3.37
C GLY B 26 -1.51 14.44 -4.33
N HIS B 27 -1.39 13.71 -5.42
CA HIS B 27 -0.27 13.97 -6.35
C HIS B 27 -0.32 15.43 -6.83
N LEU B 28 -1.50 15.94 -7.02
CA LEU B 28 -1.63 17.36 -7.49
C LEU B 28 -0.91 18.28 -6.50
N ASN B 29 -0.98 17.99 -5.24
CA ASN B 29 -0.30 18.85 -4.24
C ASN B 29 1.16 19.03 -4.64
N GLN B 30 1.83 17.95 -4.96
CA GLN B 30 3.25 18.06 -5.38
C GLN B 30 3.35 19.01 -6.56
N ILE B 31 2.36 19.00 -7.41
CA ILE B 31 2.37 19.90 -8.61
C ILE B 31 1.74 21.24 -8.23
N LYS B 32 2.13 21.77 -7.10
CA LYS B 32 1.56 23.08 -6.64
C LYS B 32 2.55 24.21 -6.97
N ARG B 33 3.81 23.99 -6.72
CA ARG B 33 4.83 25.03 -7.01
C ARG B 33 4.36 26.37 -6.41
N MET C 1 2.56 -23.14 3.61
CA MET C 1 1.13 -22.92 3.95
C MET C 1 0.97 -22.75 5.47
N LEU C 2 0.43 -21.63 5.90
CA LEU C 2 0.23 -21.37 7.35
C LEU C 2 1.51 -20.82 7.98
N GLU C 3 2.59 -21.54 7.98
CA GLU C 3 3.82 -21.00 8.64
C GLU C 3 4.39 -19.84 7.79
N PRO C 4 4.50 -20.02 6.50
CA PRO C 4 5.05 -18.98 5.59
C PRO C 4 3.94 -18.15 4.89
N PHE C 5 2.75 -18.68 4.78
CA PHE C 5 1.65 -17.95 4.10
C PHE C 5 0.79 -17.16 5.11
N GLN C 6 0.09 -17.85 5.98
CA GLN C 6 -0.79 -17.11 6.95
C GLN C 6 -0.03 -15.97 7.61
N ILE C 7 1.23 -16.12 7.78
CA ILE C 7 2.03 -15.03 8.43
C ILE C 7 2.11 -13.84 7.48
N LEU C 8 1.97 -14.07 6.21
CA LEU C 8 2.02 -12.94 5.25
C LEU C 8 0.68 -12.19 5.34
N SER C 9 -0.39 -12.92 5.49
CA SER C 9 -1.73 -12.27 5.60
C SER C 9 -1.74 -11.30 6.78
N ILE C 10 -1.20 -11.70 7.90
CA ILE C 10 -1.19 -10.79 9.08
C ILE C 10 -0.33 -9.55 8.76
N SER C 11 0.92 -9.72 8.38
CA SER C 11 1.76 -8.56 8.04
C SER C 11 1.00 -7.58 7.19
N SER C 12 0.32 -8.07 6.17
CA SER C 12 -0.44 -7.15 5.27
C SER C 12 -1.48 -6.40 6.10
N PHE C 13 -2.13 -7.08 7.02
CA PHE C 13 -3.16 -6.42 7.86
C PHE C 13 -2.52 -5.29 8.68
N ILE C 14 -1.39 -5.54 9.27
CA ILE C 14 -0.73 -4.49 10.09
C ILE C 14 -0.34 -3.30 9.19
N LEU C 15 0.19 -3.57 8.02
CA LEU C 15 0.59 -2.46 7.12
C LEU C 15 -0.67 -1.76 6.58
N SER C 16 -1.72 -2.49 6.35
CA SER C 16 -2.97 -1.86 5.82
C SER C 16 -3.49 -0.82 6.82
N ALA C 17 -3.75 -1.23 8.04
CA ALA C 17 -4.27 -0.26 9.05
C ALA C 17 -3.20 0.80 9.32
N LEU C 18 -2.00 0.39 9.60
CA LEU C 18 -0.92 1.38 9.89
C LEU C 18 -0.92 2.45 8.79
N HIS C 19 -1.04 2.04 7.55
CA HIS C 19 -1.04 3.03 6.44
C HIS C 19 -2.36 3.82 6.47
N PHE C 20 -3.44 3.17 6.84
CA PHE C 20 -4.75 3.87 6.89
C PHE C 20 -4.72 4.98 7.94
N ILE C 21 -4.38 4.67 9.16
CA ILE C 21 -4.33 5.71 10.21
C ILE C 21 -3.22 6.71 9.92
N ALA C 22 -2.12 6.24 9.37
CA ALA C 22 -0.99 7.17 9.07
C ALA C 22 -1.42 8.15 7.98
N TRP C 23 -2.13 7.68 6.99
CA TRP C 23 -2.58 8.59 5.89
C TRP C 23 -3.53 9.65 6.45
N THR C 24 -4.44 9.26 7.29
CA THR C 24 -5.40 10.24 7.87
C THR C 24 -4.65 11.27 8.73
N ILE C 25 -3.62 10.87 9.41
CA ILE C 25 -2.86 11.85 10.25
C ILE C 25 -1.91 12.67 9.37
N GLY C 26 -1.04 12.02 8.66
CA GLY C 26 -0.08 12.78 7.78
C GLY C 26 -0.86 13.62 6.75
N HIS C 27 -1.97 13.13 6.25
CA HIS C 27 -2.74 13.93 5.25
C HIS C 27 -3.43 15.10 5.97
N LEU C 28 -4.10 14.83 7.06
CA LEU C 28 -4.78 15.92 7.80
C LEU C 28 -3.75 16.94 8.26
N ASN C 29 -2.58 16.49 8.64
CA ASN C 29 -1.53 17.44 9.12
C ASN C 29 -1.25 18.47 8.02
N GLN C 30 -1.21 18.03 6.78
CA GLN C 30 -0.93 18.99 5.67
C GLN C 30 -1.96 20.12 5.69
N ILE C 31 -3.22 19.78 5.75
CA ILE C 31 -4.28 20.84 5.78
C ILE C 31 -4.58 21.21 7.24
N LYS C 32 -3.58 21.62 7.96
CA LYS C 32 -3.79 22.00 9.39
C LYS C 32 -2.73 23.03 9.79
N ARG C 33 -1.54 22.90 9.27
CA ARG C 33 -0.46 23.87 9.63
C ARG C 33 -0.90 25.28 9.26
N MET D 1 -1.63 -21.93 -10.20
CA MET D 1 -1.06 -21.04 -9.15
C MET D 1 0.38 -21.45 -8.85
N LEU D 2 1.05 -20.73 -7.99
CA LEU D 2 2.46 -21.04 -7.63
C LEU D 2 3.43 -20.43 -8.65
N GLU D 3 3.31 -20.77 -9.91
CA GLU D 3 4.25 -20.18 -10.91
C GLU D 3 3.91 -18.69 -11.10
N PRO D 4 2.66 -18.36 -11.33
CA PRO D 4 2.22 -16.96 -11.53
C PRO D 4 1.74 -16.31 -10.21
N PHE D 5 1.32 -17.12 -9.27
CA PHE D 5 0.80 -16.56 -7.97
C PHE D 5 1.95 -16.38 -6.97
N GLN D 6 2.78 -17.39 -6.78
CA GLN D 6 3.88 -17.24 -5.77
C GLN D 6 4.57 -15.90 -5.93
N ILE D 7 4.98 -15.60 -7.12
CA ILE D 7 5.69 -14.33 -7.39
C ILE D 7 4.82 -13.14 -6.97
N LEU D 8 3.55 -13.37 -6.80
CA LEU D 8 2.64 -12.26 -6.39
C LEU D 8 2.72 -12.07 -4.87
N SER D 9 2.48 -13.11 -4.12
CA SER D 9 2.54 -13.00 -2.63
C SER D 9 3.91 -12.43 -2.23
N ILE D 10 4.97 -12.94 -2.81
CA ILE D 10 6.31 -12.43 -2.46
C ILE D 10 6.41 -10.95 -2.82
N SER D 11 6.01 -10.55 -4.05
CA SER D 11 6.06 -9.14 -4.42
C SER D 11 5.57 -8.27 -3.29
N SER D 12 4.38 -8.54 -2.82
CA SER D 12 3.81 -7.71 -1.72
C SER D 12 4.78 -7.69 -0.54
N PHE D 13 5.33 -8.82 -0.20
CA PHE D 13 6.29 -8.86 0.94
C PHE D 13 7.41 -7.85 0.69
N ILE D 14 7.97 -7.85 -0.49
CA ILE D 14 9.06 -6.89 -0.80
C ILE D 14 8.53 -5.46 -0.66
N LEU D 15 7.34 -5.21 -1.13
CA LEU D 15 6.76 -3.84 -1.02
C LEU D 15 6.49 -3.51 0.46
N SER D 16 6.15 -4.50 1.24
CA SER D 16 5.86 -4.24 2.68
C SER D 16 7.11 -3.69 3.37
N ALA D 17 8.20 -4.41 3.32
CA ALA D 17 9.45 -3.92 3.98
C ALA D 17 9.87 -2.60 3.34
N LEU D 18 9.93 -2.55 2.04
CA LEU D 18 10.35 -1.29 1.36
C LEU D 18 9.51 -0.13 1.88
N HIS D 19 8.21 -0.31 1.97
CA HIS D 19 7.34 0.79 2.47
C HIS D 19 7.54 0.95 3.98
N PHE D 20 7.81 -0.13 4.66
CA PHE D 20 8.00 -0.04 6.14
C PHE D 20 9.14 0.93 6.46
N ILE D 21 10.26 0.79 5.80
CA ILE D 21 11.41 1.71 6.08
C ILE D 21 11.15 3.06 5.42
N ALA D 22 10.80 3.07 4.15
CA ALA D 22 10.55 4.37 3.46
C ALA D 22 9.47 5.16 4.21
N TRP D 23 8.37 4.53 4.50
CA TRP D 23 7.28 5.25 5.23
C TRP D 23 7.81 5.74 6.57
N THR D 24 8.54 4.93 7.28
CA THR D 24 9.07 5.36 8.60
C THR D 24 10.05 6.52 8.42
N ILE D 25 10.80 6.54 7.34
CA ILE D 25 11.76 7.66 7.12
C ILE D 25 11.02 8.90 6.60
N GLY D 26 10.35 8.77 5.49
CA GLY D 26 9.63 9.97 4.92
C GLY D 26 8.56 10.46 5.91
N HIS D 27 7.92 9.58 6.66
CA HIS D 27 6.88 10.04 7.62
C HIS D 27 7.56 10.68 8.83
N LEU D 28 8.47 9.97 9.45
CA LEU D 28 9.17 10.53 10.64
C LEU D 28 9.91 11.80 10.25
N ASN D 29 10.59 11.79 9.14
CA ASN D 29 11.34 13.01 8.71
C ASN D 29 10.37 14.20 8.65
N GLN D 30 9.17 13.97 8.19
CA GLN D 30 8.19 15.09 8.13
C GLN D 30 8.01 15.69 9.52
N ILE D 31 7.83 14.87 10.51
CA ILE D 31 7.64 15.38 11.90
C ILE D 31 9.00 15.47 12.59
N LYS D 32 9.92 16.18 12.00
CA LYS D 32 11.26 16.32 12.62
C LYS D 32 12.00 17.49 11.97
N ARG D 33 12.03 17.55 10.66
CA ARG D 33 12.72 18.68 9.97
C ARG D 33 11.87 19.94 10.09
N MET A 1 -15.30 -16.68 -5.78
CA MET A 1 -13.86 -16.72 -6.18
C MET A 1 -13.73 -16.36 -7.66
N LEU A 2 -12.53 -16.06 -8.10
CA LEU A 2 -12.30 -15.71 -9.53
C LEU A 2 -13.06 -14.44 -9.92
N GLU A 3 -14.36 -14.44 -9.88
CA GLU A 3 -15.10 -13.21 -10.29
C GLU A 3 -14.69 -12.03 -9.38
N PRO A 4 -14.80 -12.16 -8.07
CA PRO A 4 -14.43 -11.08 -7.13
C PRO A 4 -13.06 -11.29 -6.47
N PHE A 5 -12.47 -12.44 -6.65
CA PHE A 5 -11.14 -12.73 -6.01
C PHE A 5 -10.00 -12.55 -7.02
N GLN A 6 -9.93 -13.35 -8.05
CA GLN A 6 -8.82 -13.21 -9.03
C GLN A 6 -8.63 -11.75 -9.40
N ILE A 7 -9.63 -11.19 -9.99
CA ILE A 7 -9.55 -9.76 -10.42
C ILE A 7 -9.02 -8.91 -9.27
N LEU A 8 -9.12 -9.36 -8.05
CA LEU A 8 -8.61 -8.56 -6.91
C LEU A 8 -7.08 -8.61 -6.95
N SER A 9 -6.53 -9.79 -6.95
CA SER A 9 -5.05 -9.91 -6.99
C SER A 9 -4.49 -9.06 -8.14
N ILE A 10 -5.21 -8.97 -9.22
CA ILE A 10 -4.73 -8.16 -10.37
C ILE A 10 -4.61 -6.69 -9.94
N SER A 11 -5.68 -6.08 -9.52
CA SER A 11 -5.63 -4.69 -9.07
C SER A 11 -4.43 -4.46 -8.17
N SER A 12 -4.08 -5.45 -7.40
CA SER A 12 -2.93 -5.31 -6.46
C SER A 12 -1.62 -5.21 -7.26
N PHE A 13 -1.48 -6.04 -8.26
CA PHE A 13 -0.24 -6.01 -9.09
C PHE A 13 -0.11 -4.65 -9.78
N ILE A 14 -1.13 -4.24 -10.49
CA ILE A 14 -1.05 -2.93 -11.20
C ILE A 14 -0.73 -1.82 -10.20
N LEU A 15 -1.29 -1.89 -9.02
CA LEU A 15 -1.03 -0.84 -7.99
C LEU A 15 0.41 -1.00 -7.46
N SER A 16 0.80 -2.20 -7.15
CA SER A 16 2.18 -2.43 -6.62
C SER A 16 3.20 -1.72 -7.50
N ALA A 17 3.13 -1.89 -8.79
CA ALA A 17 4.12 -1.23 -9.69
C ALA A 17 3.89 0.28 -9.69
N LEU A 18 2.68 0.71 -9.89
CA LEU A 18 2.40 2.18 -9.90
C LEU A 18 2.92 2.80 -8.61
N HIS A 19 2.70 2.16 -7.49
CA HIS A 19 3.20 2.71 -6.20
C HIS A 19 4.72 2.63 -6.16
N PHE A 20 5.29 1.62 -6.76
CA PHE A 20 6.77 1.48 -6.74
C PHE A 20 7.40 2.66 -7.47
N ILE A 21 6.97 2.96 -8.66
CA ILE A 21 7.54 4.10 -9.42
C ILE A 21 7.09 5.42 -8.78
N ALA A 22 5.83 5.58 -8.53
CA ALA A 22 5.34 6.85 -7.92
C ALA A 22 6.12 7.13 -6.63
N TRP A 23 6.36 6.11 -5.84
CA TRP A 23 7.11 6.32 -4.57
C TRP A 23 8.58 6.61 -4.89
N THR A 24 9.14 5.89 -5.82
CA THR A 24 10.57 6.11 -6.17
C THR A 24 10.76 7.52 -6.75
N ILE A 25 9.81 8.02 -7.50
CA ILE A 25 9.96 9.39 -8.09
C ILE A 25 9.60 10.45 -7.04
N GLY A 26 8.41 10.39 -6.50
CA GLY A 26 8.00 11.41 -5.48
C GLY A 26 8.98 11.38 -4.28
N HIS A 27 9.49 10.23 -3.92
CA HIS A 27 10.44 10.18 -2.77
C HIS A 27 11.81 10.67 -3.24
N LEU A 28 12.35 10.06 -4.26
CA LEU A 28 13.67 10.49 -4.77
C LEU A 28 13.61 11.97 -5.19
N ASN A 29 12.63 12.32 -5.96
CA ASN A 29 12.51 13.75 -6.39
C ASN A 29 12.51 14.67 -5.17
N GLN A 30 11.92 14.23 -4.08
CA GLN A 30 11.89 15.09 -2.87
C GLN A 30 13.32 15.35 -2.39
N ILE A 31 14.08 14.31 -2.15
CA ILE A 31 15.48 14.50 -1.69
C ILE A 31 16.38 14.81 -2.89
N LYS A 32 15.96 15.75 -3.70
CA LYS A 32 16.76 16.13 -4.91
C LYS A 32 17.46 17.46 -4.64
N ARG A 33 16.73 18.46 -4.21
CA ARG A 33 17.36 19.78 -3.93
C ARG A 33 18.16 20.22 -5.15
N MET B 1 -18.93 -17.48 1.32
CA MET B 1 -18.04 -16.61 2.15
C MET B 1 -17.87 -17.25 3.53
N LEU B 2 -16.72 -17.11 4.13
CA LEU B 2 -16.49 -17.72 5.48
C LEU B 2 -16.90 -16.70 6.55
N GLU B 3 -16.01 -15.84 6.98
CA GLU B 3 -16.37 -14.83 8.02
C GLU B 3 -15.11 -14.06 8.42
N PRO B 4 -14.02 -14.75 8.68
CA PRO B 4 -12.74 -14.13 9.08
C PRO B 4 -11.78 -13.88 7.90
N PHE B 5 -11.79 -14.76 6.93
CA PHE B 5 -10.87 -14.58 5.76
C PHE B 5 -11.57 -13.83 4.62
N GLN B 6 -12.67 -14.35 4.14
CA GLN B 6 -13.38 -13.66 3.02
C GLN B 6 -13.59 -12.20 3.35
N ILE B 7 -13.94 -11.93 4.56
CA ILE B 7 -14.16 -10.52 4.98
C ILE B 7 -12.85 -9.75 4.82
N LEU B 8 -11.74 -10.45 4.80
CA LEU B 8 -10.43 -9.77 4.65
C LEU B 8 -10.27 -9.37 3.18
N SER B 9 -10.62 -10.24 2.28
CA SER B 9 -10.50 -9.90 0.83
C SER B 9 -11.28 -8.62 0.53
N ILE B 10 -12.54 -8.57 0.90
CA ILE B 10 -13.34 -7.34 0.62
C ILE B 10 -12.65 -6.13 1.26
N SER B 11 -12.36 -6.16 2.57
CA SER B 11 -11.70 -5.02 3.21
C SER B 11 -10.60 -4.47 2.32
N SER B 12 -9.79 -5.34 1.77
CA SER B 12 -8.67 -4.88 0.91
C SER B 12 -9.24 -4.11 -0.29
N PHE B 13 -10.26 -4.63 -0.90
CA PHE B 13 -10.86 -3.93 -2.07
C PHE B 13 -11.22 -2.50 -1.69
N ILE B 14 -11.80 -2.32 -0.54
CA ILE B 14 -12.18 -0.94 -0.11
C ILE B 14 -10.91 -0.08 -0.02
N LEU B 15 -9.88 -0.58 0.61
CA LEU B 15 -8.62 0.21 0.73
C LEU B 15 -8.00 0.39 -0.66
N SER B 16 -8.15 -0.58 -1.52
CA SER B 16 -7.56 -0.47 -2.88
C SER B 16 -8.12 0.77 -3.59
N ALA B 17 -9.42 0.87 -3.71
CA ALA B 17 -10.00 2.06 -4.39
C ALA B 17 -9.65 3.32 -3.60
N LEU B 18 -9.88 3.31 -2.31
CA LEU B 18 -9.56 4.50 -1.48
C LEU B 18 -8.14 4.96 -1.80
N HIS B 19 -7.19 4.06 -1.75
CA HIS B 19 -5.78 4.45 -2.05
C HIS B 19 -5.66 4.88 -3.51
N PHE B 20 -6.32 4.19 -4.40
CA PHE B 20 -6.24 4.57 -5.86
C PHE B 20 -6.75 6.00 -6.05
N ILE B 21 -7.91 6.30 -5.52
CA ILE B 21 -8.46 7.68 -5.67
C ILE B 21 -7.63 8.65 -4.81
N ALA B 22 -7.34 8.28 -3.59
CA ALA B 22 -6.55 9.18 -2.70
C ALA B 22 -5.19 9.47 -3.35
N TRP B 23 -4.58 8.48 -3.94
CA TRP B 23 -3.26 8.71 -4.58
C TRP B 23 -3.44 9.64 -5.79
N THR B 24 -4.43 9.40 -6.59
CA THR B 24 -4.66 10.28 -7.78
C THR B 24 -4.94 11.70 -7.32
N ILE B 25 -5.62 11.87 -6.21
CA ILE B 25 -5.92 13.24 -5.72
C ILE B 25 -4.67 13.85 -5.07
N GLY B 26 -4.19 13.24 -4.02
CA GLY B 26 -2.98 13.81 -3.33
C GLY B 26 -1.81 13.91 -4.33
N HIS B 27 -1.67 12.99 -5.25
CA HIS B 27 -0.55 13.08 -6.23
C HIS B 27 -0.77 14.31 -7.11
N LEU B 28 -2.01 14.63 -7.39
CA LEU B 28 -2.31 15.81 -8.25
C LEU B 28 -1.48 17.01 -7.75
N ASN B 29 -1.50 17.26 -6.47
CA ASN B 29 -0.72 18.41 -5.92
C ASN B 29 0.71 18.36 -6.47
N GLN B 30 1.32 17.20 -6.43
CA GLN B 30 2.71 17.09 -6.96
C GLN B 30 2.72 17.58 -8.40
N ILE B 31 1.67 17.34 -9.13
CA ILE B 31 1.61 17.80 -10.55
C ILE B 31 0.93 19.17 -10.60
N LYS B 32 1.40 20.09 -9.81
CA LYS B 32 0.80 21.45 -9.80
C LYS B 32 1.83 22.46 -9.27
N ARG B 33 2.21 22.33 -8.03
CA ARG B 33 3.20 23.28 -7.45
C ARG B 33 2.78 24.71 -7.76
N MET C 1 3.08 -22.86 4.75
CA MET C 1 1.60 -22.63 4.88
C MET C 1 1.27 -22.31 6.34
N LEU C 2 0.47 -21.30 6.56
CA LEU C 2 0.09 -20.90 7.95
C LEU C 2 1.30 -20.35 8.71
N GLU C 3 2.39 -21.05 8.77
CA GLU C 3 3.55 -20.50 9.52
C GLU C 3 4.09 -19.28 8.76
N PRO C 4 4.34 -19.39 7.48
CA PRO C 4 4.85 -18.28 6.65
C PRO C 4 3.76 -17.65 5.77
N PHE C 5 2.57 -18.21 5.76
CA PHE C 5 1.47 -17.67 4.89
C PHE C 5 0.40 -16.95 5.73
N GLN C 6 -0.29 -17.66 6.59
CA GLN C 6 -1.36 -16.98 7.39
C GLN C 6 -0.77 -15.77 8.09
N ILE C 7 0.49 -15.82 8.38
CA ILE C 7 1.15 -14.67 9.06
C ILE C 7 1.29 -13.50 8.08
N LEU C 8 1.20 -13.78 6.81
CA LEU C 8 1.32 -12.71 5.79
C LEU C 8 -0.04 -12.01 5.66
N SER C 9 -1.09 -12.77 5.50
CA SER C 9 -2.43 -12.15 5.37
C SER C 9 -2.70 -11.27 6.58
N ILE C 10 -2.33 -11.73 7.75
CA ILE C 10 -2.55 -10.91 8.98
C ILE C 10 -1.59 -9.72 8.98
N SER C 11 -0.27 -9.97 8.82
CA SER C 11 0.68 -8.85 8.81
C SER C 11 0.16 -7.72 7.96
N SER C 12 -0.27 -8.03 6.77
CA SER C 12 -0.79 -6.96 5.86
C SER C 12 -1.98 -6.28 6.51
N PHE C 13 -2.89 -7.03 7.07
CA PHE C 13 -4.08 -6.41 7.73
C PHE C 13 -3.63 -5.31 8.69
N ILE C 14 -2.73 -5.65 9.59
CA ILE C 14 -2.24 -4.63 10.56
C ILE C 14 -1.74 -3.40 9.81
N LEU C 15 -0.98 -3.60 8.77
CA LEU C 15 -0.44 -2.44 8.00
C LEU C 15 -1.61 -1.70 7.32
N SER C 16 -2.58 -2.43 6.83
CA SER C 16 -3.74 -1.77 6.16
C SER C 16 -4.31 -0.69 7.08
N ALA C 17 -4.53 -0.99 8.33
CA ALA C 17 -5.09 0.03 9.26
C ALA C 17 -4.08 1.15 9.45
N LEU C 18 -2.84 0.82 9.68
CA LEU C 18 -1.80 1.86 9.87
C LEU C 18 -1.78 2.78 8.64
N HIS C 19 -1.88 2.21 7.48
CA HIS C 19 -1.87 3.05 6.24
C HIS C 19 -3.06 4.02 6.26
N PHE C 20 -4.23 3.52 6.61
CA PHE C 20 -5.43 4.41 6.65
C PHE C 20 -5.16 5.59 7.59
N ILE C 21 -4.80 5.31 8.81
CA ILE C 21 -4.52 6.41 9.78
C ILE C 21 -3.37 7.25 9.25
N ALA C 22 -2.21 6.66 9.06
CA ALA C 22 -1.04 7.42 8.56
C ALA C 22 -1.46 8.31 7.37
N TRP C 23 -2.46 7.90 6.64
CA TRP C 23 -2.91 8.72 5.48
C TRP C 23 -3.61 9.98 5.99
N THR C 24 -4.47 9.85 6.96
CA THR C 24 -5.19 11.04 7.49
C THR C 24 -4.20 12.05 8.09
N ILE C 25 -3.15 11.57 8.73
CA ILE C 25 -2.16 12.52 9.33
C ILE C 25 -1.22 13.04 8.22
N GLY C 26 -0.54 12.16 7.54
CA GLY C 26 0.40 12.62 6.47
C GLY C 26 -0.36 13.46 5.42
N HIS C 27 -1.60 13.12 5.12
CA HIS C 27 -2.34 13.92 4.11
C HIS C 27 -2.79 15.25 4.72
N LEU C 28 -3.40 15.20 5.87
CA LEU C 28 -3.86 16.47 6.53
C LEU C 28 -2.66 17.34 6.86
N ASN C 29 -1.58 16.75 7.29
CA ASN C 29 -0.37 17.56 7.63
C ASN C 29 -0.04 18.50 6.46
N GLN C 30 -0.20 18.05 5.25
CA GLN C 30 0.11 18.92 4.08
C GLN C 30 -0.72 20.21 4.19
N ILE C 31 -2.00 20.09 4.44
CA ILE C 31 -2.86 21.30 4.57
C ILE C 31 -2.87 21.73 6.05
N LYS C 32 -1.73 22.01 6.60
CA LYS C 32 -1.67 22.42 8.03
C LYS C 32 -0.34 23.13 8.30
N ARG C 33 0.73 22.39 8.39
CA ARG C 33 2.06 23.02 8.65
C ARG C 33 2.62 23.59 7.34
N MET D 1 8.80 -20.20 -7.52
CA MET D 1 7.95 -19.48 -8.50
C MET D 1 6.92 -20.43 -9.09
N LEU D 2 5.71 -20.37 -8.62
CA LEU D 2 4.65 -21.29 -9.14
C LEU D 2 4.05 -20.71 -10.42
N GLU D 3 3.45 -19.56 -10.31
CA GLU D 3 2.80 -18.91 -11.47
C GLU D 3 2.43 -17.48 -11.05
N PRO D 4 1.72 -16.69 -11.84
CA PRO D 4 1.38 -15.29 -11.46
C PRO D 4 0.87 -15.17 -10.02
N PHE D 5 0.67 -16.26 -9.34
CA PHE D 5 0.19 -16.19 -7.93
C PHE D 5 1.40 -16.04 -6.99
N GLN D 6 2.25 -17.02 -6.92
CA GLN D 6 3.44 -16.93 -6.02
C GLN D 6 4.18 -15.62 -6.25
N ILE D 7 4.58 -15.38 -7.45
CA ILE D 7 5.33 -14.13 -7.74
C ILE D 7 4.59 -12.92 -7.18
N LEU D 8 3.29 -13.01 -7.00
CA LEU D 8 2.54 -11.83 -6.44
C LEU D 8 2.69 -11.81 -4.92
N SER D 9 2.75 -12.95 -4.29
CA SER D 9 2.89 -13.00 -2.81
C SER D 9 4.23 -12.36 -2.42
N ILE D 10 5.29 -12.73 -3.09
CA ILE D 10 6.62 -12.14 -2.76
C ILE D 10 6.67 -10.68 -3.23
N SER D 11 6.28 -10.38 -4.48
CA SER D 11 6.29 -8.99 -4.94
C SER D 11 5.71 -8.08 -3.89
N SER D 12 4.55 -8.44 -3.39
CA SER D 12 3.88 -7.57 -2.38
C SER D 12 4.73 -7.52 -1.10
N PHE D 13 5.24 -8.64 -0.68
CA PHE D 13 6.06 -8.67 0.56
C PHE D 13 7.18 -7.63 0.48
N ILE D 14 7.92 -7.61 -0.59
CA ILE D 14 9.02 -6.61 -0.70
C ILE D 14 8.44 -5.20 -0.77
N LEU D 15 7.28 -5.05 -1.35
CA LEU D 15 6.67 -3.69 -1.43
C LEU D 15 6.14 -3.28 -0.04
N SER D 16 5.64 -4.22 0.71
CA SER D 16 5.10 -3.89 2.06
C SER D 16 6.22 -3.34 2.95
N ALA D 17 7.24 -4.11 3.20
CA ALA D 17 8.35 -3.61 4.07
C ALA D 17 8.92 -2.32 3.50
N LEU D 18 9.06 -2.24 2.20
CA LEU D 18 9.61 -1.00 1.59
C LEU D 18 8.74 0.20 2.00
N HIS D 19 7.46 0.01 2.14
CA HIS D 19 6.57 1.12 2.54
C HIS D 19 6.69 1.35 4.06
N PHE D 20 6.86 0.31 4.82
CA PHE D 20 6.98 0.46 6.29
C PHE D 20 8.29 1.19 6.64
N ILE D 21 9.37 0.80 6.03
CA ILE D 21 10.67 1.46 6.32
C ILE D 21 10.69 2.87 5.72
N ALA D 22 10.15 3.03 4.54
CA ALA D 22 10.14 4.37 3.90
C ALA D 22 9.20 5.31 4.67
N TRP D 23 8.07 4.82 5.08
CA TRP D 23 7.11 5.69 5.82
C TRP D 23 7.75 6.13 7.15
N THR D 24 8.37 5.23 7.86
CA THR D 24 8.99 5.60 9.15
C THR D 24 10.12 6.61 8.92
N ILE D 25 10.82 6.52 7.82
CA ILE D 25 11.94 7.47 7.56
C ILE D 25 11.37 8.78 7.00
N GLY D 26 10.66 8.73 5.90
CA GLY D 26 10.10 9.99 5.31
C GLY D 26 9.15 10.67 6.29
N HIS D 27 8.39 9.92 7.07
CA HIS D 27 7.45 10.58 8.03
C HIS D 27 8.27 11.20 9.17
N LEU D 28 9.19 10.47 9.72
CA LEU D 28 10.02 11.02 10.82
C LEU D 28 10.78 12.23 10.30
N ASN D 29 11.27 12.17 9.09
CA ASN D 29 12.01 13.33 8.52
C ASN D 29 11.12 14.57 8.55
N GLN D 30 9.86 14.42 8.26
CA GLN D 30 8.94 15.59 8.27
C GLN D 30 8.94 16.21 9.66
N ILE D 31 8.90 15.40 10.69
CA ILE D 31 8.89 15.93 12.09
C ILE D 31 10.32 15.96 12.62
N LYS D 32 11.21 16.61 11.94
CA LYS D 32 12.63 16.68 12.40
C LYS D 32 13.30 17.92 11.82
N ARG D 33 13.28 18.07 10.53
CA ARG D 33 13.92 19.27 9.91
C ARG D 33 12.99 20.47 10.06
N MET A 1 -15.49 -17.34 -5.19
CA MET A 1 -14.02 -17.47 -5.42
C MET A 1 -13.75 -17.47 -6.93
N LEU A 2 -12.74 -16.75 -7.35
CA LEU A 2 -12.38 -16.68 -8.80
C LEU A 2 -13.31 -15.68 -9.51
N GLU A 3 -14.59 -15.90 -9.53
CA GLU A 3 -15.48 -14.94 -10.24
C GLU A 3 -15.39 -13.57 -9.55
N PRO A 4 -15.56 -13.50 -8.24
CA PRO A 4 -15.49 -12.23 -7.48
C PRO A 4 -14.10 -11.98 -6.87
N PHE A 5 -13.38 -13.03 -6.56
CA PHE A 5 -12.03 -12.86 -5.93
C PHE A 5 -10.97 -12.56 -7.00
N GLN A 6 -10.99 -13.27 -8.11
CA GLN A 6 -9.95 -13.01 -9.15
C GLN A 6 -9.79 -11.52 -9.38
N ILE A 7 -10.82 -10.93 -9.88
CA ILE A 7 -10.79 -9.45 -10.16
C ILE A 7 -10.17 -8.71 -8.98
N LEU A 8 -10.19 -9.29 -7.81
CA LEU A 8 -9.59 -8.60 -6.64
C LEU A 8 -8.05 -8.68 -6.76
N SER A 9 -7.55 -9.82 -7.16
CA SER A 9 -6.08 -9.98 -7.31
C SER A 9 -5.57 -9.01 -8.38
N ILE A 10 -6.30 -8.83 -9.45
CA ILE A 10 -5.84 -7.90 -10.52
C ILE A 10 -5.74 -6.48 -9.95
N SER A 11 -6.82 -5.93 -9.44
CA SER A 11 -6.77 -4.59 -8.86
C SER A 11 -5.55 -4.43 -7.99
N SER A 12 -5.24 -5.42 -7.20
CA SER A 12 -4.06 -5.34 -6.29
C SER A 12 -2.78 -5.39 -7.12
N PHE A 13 -2.70 -6.29 -8.06
CA PHE A 13 -1.49 -6.40 -8.90
C PHE A 13 -1.25 -5.07 -9.64
N ILE A 14 -2.28 -4.51 -10.23
CA ILE A 14 -2.11 -3.22 -10.95
C ILE A 14 -1.60 -2.14 -9.99
N LEU A 15 -2.12 -2.12 -8.79
CA LEU A 15 -1.67 -1.09 -7.80
C LEU A 15 -0.26 -1.44 -7.31
N SER A 16 0.02 -2.69 -7.10
CA SER A 16 1.37 -3.09 -6.61
C SER A 16 2.44 -2.52 -7.55
N ALA A 17 2.27 -2.65 -8.83
CA ALA A 17 3.29 -2.12 -9.78
C ALA A 17 3.24 -0.59 -9.77
N LEU A 18 2.08 -0.02 -9.91
CA LEU A 18 1.97 1.47 -9.91
C LEU A 18 2.61 2.02 -8.63
N HIS A 19 2.42 1.35 -7.53
CA HIS A 19 3.02 1.84 -6.25
C HIS A 19 4.54 1.80 -6.34
N PHE A 20 5.09 0.77 -6.92
CA PHE A 20 6.57 0.66 -7.02
C PHE A 20 7.11 1.84 -7.85
N ILE A 21 6.58 2.05 -9.02
CA ILE A 21 7.08 3.17 -9.87
C ILE A 21 6.66 4.51 -9.25
N ALA A 22 5.47 4.58 -8.72
CA ALA A 22 5.00 5.86 -8.11
C ALA A 22 5.84 6.19 -6.88
N TRP A 23 6.23 5.20 -6.12
CA TRP A 23 7.05 5.45 -4.91
C TRP A 23 8.43 5.97 -5.33
N THR A 24 9.03 5.36 -6.31
CA THR A 24 10.38 5.82 -6.75
C THR A 24 10.29 7.23 -7.33
N ILE A 25 9.20 7.57 -7.98
CA ILE A 25 9.08 8.93 -8.56
C ILE A 25 8.72 9.94 -7.47
N GLY A 26 7.63 9.73 -6.78
CA GLY A 26 7.23 10.69 -5.70
C GLY A 26 8.30 10.73 -4.60
N HIS A 27 8.95 9.62 -4.29
CA HIS A 27 9.99 9.66 -3.22
C HIS A 27 11.23 10.39 -3.74
N LEU A 28 11.70 10.03 -4.90
CA LEU A 28 12.90 10.72 -5.46
C LEU A 28 12.66 12.23 -5.49
N ASN A 29 11.44 12.64 -5.75
CA ASN A 29 11.16 14.10 -5.79
C ASN A 29 11.51 14.73 -4.44
N GLN A 30 11.34 14.00 -3.38
CA GLN A 30 11.67 14.55 -2.03
C GLN A 30 13.16 14.91 -1.98
N ILE A 31 14.01 14.01 -2.42
CA ILE A 31 15.48 14.30 -2.39
C ILE A 31 15.89 14.91 -3.73
N LYS A 32 15.26 15.99 -4.11
CA LYS A 32 15.61 16.65 -5.40
C LYS A 32 15.17 18.12 -5.34
N ARG A 33 13.90 18.38 -5.48
CA ARG A 33 13.43 19.79 -5.43
C ARG A 33 14.25 20.64 -6.41
N MET B 1 -10.22 -19.56 6.80
CA MET B 1 -10.59 -19.18 5.42
C MET B 1 -12.05 -18.70 5.40
N LEU B 2 -12.28 -17.54 4.84
CA LEU B 2 -13.67 -16.98 4.77
C LEU B 2 -14.03 -16.30 6.09
N GLU B 3 -14.02 -17.02 7.18
CA GLU B 3 -14.38 -16.37 8.47
C GLU B 3 -13.30 -15.35 8.86
N PRO B 4 -12.04 -15.73 8.81
CA PRO B 4 -10.92 -14.83 9.16
C PRO B 4 -10.27 -14.19 7.93
N PHE B 5 -10.54 -14.72 6.76
CA PHE B 5 -9.90 -14.16 5.51
C PHE B 5 -10.88 -13.23 4.78
N GLN B 6 -12.14 -13.57 4.71
CA GLN B 6 -13.11 -12.69 3.98
C GLN B 6 -12.92 -11.24 4.39
N ILE B 7 -13.22 -10.95 5.61
CA ILE B 7 -13.10 -9.55 6.12
C ILE B 7 -11.66 -9.06 5.97
N LEU B 8 -10.72 -9.96 5.83
CA LEU B 8 -9.30 -9.55 5.68
C LEU B 8 -9.10 -8.94 4.28
N SER B 9 -9.47 -9.65 3.25
CA SER B 9 -9.31 -9.11 1.88
C SER B 9 -10.12 -7.82 1.74
N ILE B 10 -11.21 -7.71 2.45
CA ILE B 10 -12.03 -6.47 2.36
C ILE B 10 -11.20 -5.27 2.82
N SER B 11 -10.73 -5.28 4.04
CA SER B 11 -9.89 -4.18 4.52
C SER B 11 -8.85 -3.79 3.50
N SER B 12 -8.15 -4.78 2.99
CA SER B 12 -7.10 -4.50 1.98
C SER B 12 -7.73 -3.93 0.72
N PHE B 13 -8.86 -4.46 0.31
CA PHE B 13 -9.52 -3.94 -0.91
C PHE B 13 -9.98 -2.50 -0.68
N ILE B 14 -10.55 -2.21 0.45
CA ILE B 14 -11.01 -0.82 0.72
C ILE B 14 -9.81 0.12 0.66
N LEU B 15 -8.77 -0.17 1.38
CA LEU B 15 -7.57 0.72 1.36
C LEU B 15 -7.00 0.76 -0.07
N SER B 16 -6.90 -0.37 -0.71
CA SER B 16 -6.36 -0.40 -2.10
C SER B 16 -7.01 0.71 -2.93
N ALA B 17 -8.31 0.71 -3.03
CA ALA B 17 -8.98 1.77 -3.82
C ALA B 17 -8.74 3.13 -3.16
N LEU B 18 -8.85 3.20 -1.88
CA LEU B 18 -8.62 4.49 -1.16
C LEU B 18 -7.29 5.09 -1.64
N HIS B 19 -6.23 4.33 -1.56
CA HIS B 19 -4.90 4.85 -1.99
C HIS B 19 -4.96 5.24 -3.47
N PHE B 20 -5.68 4.51 -4.28
CA PHE B 20 -5.76 4.85 -5.72
C PHE B 20 -6.38 6.24 -5.89
N ILE B 21 -7.48 6.49 -5.23
CA ILE B 21 -8.13 7.83 -5.36
C ILE B 21 -7.26 8.88 -4.65
N ALA B 22 -6.77 8.57 -3.49
CA ALA B 22 -5.93 9.55 -2.75
C ALA B 22 -4.67 9.87 -3.57
N TRP B 23 -4.07 8.88 -4.16
CA TRP B 23 -2.85 9.12 -4.97
C TRP B 23 -3.19 10.01 -6.15
N THR B 24 -4.26 9.73 -6.84
CA THR B 24 -4.64 10.56 -8.01
C THR B 24 -4.94 11.99 -7.55
N ILE B 25 -5.49 12.16 -6.37
CA ILE B 25 -5.80 13.54 -5.89
C ILE B 25 -4.53 14.20 -5.33
N GLY B 26 -3.92 13.60 -4.34
CA GLY B 26 -2.68 14.22 -3.76
C GLY B 26 -1.59 14.37 -4.83
N HIS B 27 -1.50 13.48 -5.79
CA HIS B 27 -0.43 13.62 -6.82
C HIS B 27 -0.54 15.00 -7.47
N LEU B 28 -1.73 15.48 -7.69
CA LEU B 28 -1.88 16.83 -8.32
C LEU B 28 -1.06 17.86 -7.55
N ASN B 29 -1.09 17.80 -6.24
CA ASN B 29 -0.30 18.78 -5.44
C ASN B 29 1.14 18.83 -5.96
N GLN B 30 1.71 17.69 -6.22
CA GLN B 30 3.11 17.68 -6.74
C GLN B 30 3.15 18.48 -8.04
N ILE B 31 2.10 18.44 -8.81
CA ILE B 31 2.07 19.21 -10.09
C ILE B 31 1.46 20.58 -9.82
N LYS B 32 1.96 21.26 -8.83
CA LYS B 32 1.42 22.61 -8.51
C LYS B 32 2.31 23.28 -7.46
N ARG B 33 3.60 23.10 -7.57
CA ARG B 33 4.53 23.72 -6.58
C ARG B 33 4.06 23.39 -5.17
N MET C 1 -2.31 -19.99 9.02
CA MET C 1 -1.58 -20.73 10.09
C MET C 1 -0.33 -21.41 9.50
N LEU C 2 0.01 -21.13 8.28
CA LEU C 2 1.23 -21.77 7.70
C LEU C 2 2.47 -21.09 8.33
N GLU C 3 3.44 -20.65 7.54
CA GLU C 3 4.65 -19.97 8.14
C GLU C 3 5.08 -18.81 7.24
N PRO C 4 5.10 -19.00 5.94
CA PRO C 4 5.49 -17.94 4.98
C PRO C 4 4.26 -17.25 4.35
N PHE C 5 3.08 -17.77 4.61
CA PHE C 5 1.85 -17.18 4.01
C PHE C 5 1.04 -16.41 5.06
N GLN C 6 0.56 -17.08 6.08
CA GLN C 6 -0.25 -16.37 7.10
C GLN C 6 0.50 -15.15 7.62
N ILE C 7 1.80 -15.19 7.55
CA ILE C 7 2.60 -14.02 8.01
C ILE C 7 2.44 -12.89 6.99
N LEU C 8 2.09 -13.22 5.77
CA LEU C 8 1.91 -12.17 4.73
C LEU C 8 0.60 -11.46 5.02
N SER C 9 -0.43 -12.20 5.35
CA SER C 9 -1.74 -11.57 5.65
C SER C 9 -1.64 -10.80 6.99
N ILE C 10 -1.16 -11.45 8.02
CA ILE C 10 -1.03 -10.75 9.33
C ILE C 10 -0.23 -9.45 9.15
N SER C 11 0.83 -9.47 8.33
CA SER C 11 1.57 -8.22 8.10
C SER C 11 0.74 -7.23 7.34
N SER C 12 0.08 -7.71 6.31
CA SER C 12 -0.77 -6.79 5.50
C SER C 12 -1.89 -6.22 6.37
N PHE C 13 -2.25 -6.92 7.41
CA PHE C 13 -3.34 -6.42 8.30
C PHE C 13 -2.80 -5.29 9.19
N ILE C 14 -1.86 -5.60 10.05
CA ILE C 14 -1.31 -4.54 10.95
C ILE C 14 -0.71 -3.42 10.11
N LEU C 15 -0.15 -3.74 8.97
CA LEU C 15 0.46 -2.68 8.12
C LEU C 15 -0.64 -1.88 7.42
N SER C 16 -1.68 -2.54 6.99
CA SER C 16 -2.78 -1.83 6.30
C SER C 16 -3.32 -0.70 7.19
N ALA C 17 -3.71 -1.01 8.39
CA ALA C 17 -4.24 0.05 9.30
C ALA C 17 -3.16 1.10 9.55
N LEU C 18 -1.95 0.67 9.80
CA LEU C 18 -0.85 1.64 10.06
C LEU C 18 -0.85 2.73 8.98
N HIS C 19 -0.97 2.33 7.73
CA HIS C 19 -0.98 3.33 6.64
C HIS C 19 -2.25 4.19 6.70
N PHE C 20 -3.34 3.62 7.11
CA PHE C 20 -4.60 4.40 7.19
C PHE C 20 -4.44 5.59 8.14
N ILE C 21 -3.94 5.35 9.32
CA ILE C 21 -3.78 6.47 10.30
C ILE C 21 -2.63 7.39 9.86
N ALA C 22 -1.63 6.86 9.22
CA ALA C 22 -0.49 7.72 8.78
C ALA C 22 -0.93 8.58 7.60
N TRP C 23 -1.92 8.15 6.87
CA TRP C 23 -2.39 8.95 5.70
C TRP C 23 -3.25 10.11 6.19
N THR C 24 -4.19 9.85 7.05
CA THR C 24 -5.06 10.96 7.56
C THR C 24 -4.23 11.93 8.40
N ILE C 25 -3.24 11.44 9.11
CA ILE C 25 -2.42 12.35 9.96
C ILE C 25 -1.46 13.16 9.07
N GLY C 26 -0.67 12.49 8.26
CA GLY C 26 0.28 13.24 7.38
C GLY C 26 -0.49 14.08 6.35
N HIS C 27 -1.63 13.62 5.89
CA HIS C 27 -2.40 14.42 4.90
C HIS C 27 -3.10 15.58 5.61
N LEU C 28 -3.78 15.31 6.69
CA LEU C 28 -4.49 16.39 7.44
C LEU C 28 -3.46 17.36 8.02
N ASN C 29 -2.39 16.85 8.57
CA ASN C 29 -1.36 17.75 9.16
C ASN C 29 -0.85 18.73 8.10
N GLN C 30 -0.71 18.27 6.88
CA GLN C 30 -0.21 19.18 5.81
C GLN C 30 -1.16 20.39 5.68
N ILE C 31 -2.43 20.13 5.57
CA ILE C 31 -3.41 21.26 5.44
C ILE C 31 -3.87 21.69 6.83
N LYS C 32 -2.95 22.05 7.68
CA LYS C 32 -3.33 22.47 9.06
C LYS C 32 -2.24 23.39 9.63
N ARG C 33 -1.02 23.21 9.21
CA ARG C 33 0.08 24.07 9.73
C ARG C 33 -0.25 25.54 9.46
N MET D 1 -1.55 -19.75 -12.15
CA MET D 1 -1.10 -20.21 -10.81
C MET D 1 0.43 -20.41 -10.81
N LEU D 2 1.11 -19.79 -9.88
CA LEU D 2 2.59 -19.92 -9.78
C LEU D 2 3.30 -18.86 -10.65
N GLU D 3 3.16 -18.92 -11.95
CA GLU D 3 3.86 -17.90 -12.79
C GLU D 3 3.18 -16.53 -12.64
N PRO D 4 1.87 -16.49 -12.64
CA PRO D 4 1.10 -15.23 -12.51
C PRO D 4 0.56 -15.00 -11.08
N PHE D 5 0.60 -16.01 -10.24
CA PHE D 5 0.05 -15.86 -8.85
C PHE D 5 1.18 -15.79 -7.82
N GLN D 6 2.01 -16.80 -7.72
CA GLN D 6 3.08 -16.75 -6.68
C GLN D 6 3.91 -15.49 -6.85
N ILE D 7 3.98 -14.98 -8.04
CA ILE D 7 4.77 -13.73 -8.28
C ILE D 7 4.02 -12.55 -7.66
N LEU D 8 2.74 -12.70 -7.44
CA LEU D 8 1.95 -11.60 -6.83
C LEU D 8 2.15 -11.62 -5.32
N SER D 9 1.96 -12.75 -4.71
CA SER D 9 2.16 -12.86 -3.24
C SER D 9 3.58 -12.43 -2.87
N ILE D 10 4.57 -13.02 -3.50
CA ILE D 10 5.98 -12.64 -3.18
C ILE D 10 6.19 -11.15 -3.45
N SER D 11 5.87 -10.65 -4.66
CA SER D 11 6.05 -9.23 -4.94
C SER D 11 5.51 -8.40 -3.79
N SER D 12 4.35 -8.76 -3.30
CA SER D 12 3.74 -7.96 -2.19
C SER D 12 4.64 -8.02 -0.96
N PHE D 13 5.11 -9.19 -0.60
CA PHE D 13 5.98 -9.32 0.61
C PHE D 13 7.21 -8.43 0.42
N ILE D 14 7.85 -8.51 -0.71
CA ILE D 14 9.06 -7.67 -0.94
C ILE D 14 8.71 -6.20 -0.79
N LEU D 15 7.61 -5.78 -1.37
CA LEU D 15 7.20 -4.34 -1.26
C LEU D 15 6.83 -4.03 0.20
N SER D 16 6.12 -4.92 0.83
CA SER D 16 5.71 -4.67 2.25
C SER D 16 6.93 -4.20 3.06
N ALA D 17 8.02 -4.91 2.98
CA ALA D 17 9.23 -4.50 3.76
C ALA D 17 9.74 -3.15 3.25
N LEU D 18 9.96 -3.05 1.96
CA LEU D 18 10.46 -1.76 1.40
C LEU D 18 9.57 -0.61 1.87
N HIS D 19 8.29 -0.75 1.73
CA HIS D 19 7.37 0.35 2.17
C HIS D 19 7.48 0.55 3.68
N PHE D 20 7.63 -0.51 4.42
CA PHE D 20 7.75 -0.38 5.90
C PHE D 20 8.92 0.54 6.25
N ILE D 21 10.07 0.29 5.69
CA ILE D 21 11.25 1.15 6.01
C ILE D 21 11.11 2.50 5.31
N ALA D 22 10.64 2.50 4.09
CA ALA D 22 10.49 3.80 3.35
C ALA D 22 9.45 4.67 4.05
N TRP D 23 8.48 4.07 4.70
CA TRP D 23 7.43 4.89 5.38
C TRP D 23 7.98 5.41 6.71
N THR D 24 8.65 4.58 7.47
CA THR D 24 9.20 5.04 8.77
C THR D 24 10.24 6.14 8.55
N ILE D 25 10.97 6.09 7.47
CA ILE D 25 11.99 7.14 7.21
C ILE D 25 11.31 8.42 6.72
N GLY D 26 10.62 8.37 5.61
CA GLY D 26 9.95 9.59 5.08
C GLY D 26 8.90 10.10 6.09
N HIS D 27 8.25 9.23 6.82
CA HIS D 27 7.24 9.72 7.80
C HIS D 27 7.96 10.37 8.99
N LEU D 28 8.92 9.68 9.54
CA LEU D 28 9.66 10.25 10.70
C LEU D 28 10.41 11.51 10.26
N ASN D 29 11.05 11.46 9.13
CA ASN D 29 11.81 12.66 8.65
C ASN D 29 10.87 13.88 8.62
N GLN D 30 9.66 13.70 8.17
CA GLN D 30 8.72 14.85 8.12
C GLN D 30 8.59 15.46 9.52
N ILE D 31 8.45 14.64 10.53
CA ILE D 31 8.32 15.18 11.92
C ILE D 31 9.70 15.22 12.58
N LYS D 32 10.63 15.91 11.98
CA LYS D 32 12.00 15.99 12.58
C LYS D 32 12.71 17.23 12.03
N ARG D 33 12.98 17.27 10.75
CA ARG D 33 13.66 18.45 10.17
C ARG D 33 12.64 19.57 9.92
N MET A 1 -10.50 -10.83 -12.42
CA MET A 1 -11.24 -10.48 -13.67
C MET A 1 -12.72 -10.88 -13.52
N LEU A 2 -13.00 -11.83 -12.68
CA LEU A 2 -14.40 -12.26 -12.48
C LEU A 2 -15.19 -11.12 -11.81
N GLU A 3 -15.22 -11.07 -10.50
CA GLU A 3 -15.96 -9.99 -9.78
C GLU A 3 -15.91 -10.16 -8.24
N PRO A 4 -15.71 -11.36 -7.70
CA PRO A 4 -15.67 -11.55 -6.23
C PRO A 4 -14.24 -11.57 -5.67
N PHE A 5 -13.40 -12.45 -6.18
CA PHE A 5 -12.00 -12.56 -5.67
C PHE A 5 -10.97 -12.25 -6.78
N GLN A 6 -11.14 -12.81 -7.95
CA GLN A 6 -10.16 -12.55 -9.03
C GLN A 6 -10.05 -11.05 -9.30
N ILE A 7 -11.06 -10.32 -8.94
CA ILE A 7 -11.02 -8.85 -9.17
C ILE A 7 -10.09 -8.20 -8.15
N LEU A 8 -9.82 -8.87 -7.06
CA LEU A 8 -8.90 -8.31 -6.02
C LEU A 8 -7.47 -8.63 -6.42
N SER A 9 -7.19 -9.87 -6.75
CA SER A 9 -5.80 -10.25 -7.14
C SER A 9 -5.32 -9.34 -8.28
N ILE A 10 -6.10 -9.17 -9.31
CA ILE A 10 -5.66 -8.31 -10.44
C ILE A 10 -5.72 -6.84 -10.01
N SER A 11 -6.88 -6.34 -9.54
CA SER A 11 -6.95 -4.94 -9.11
C SER A 11 -5.73 -4.55 -8.31
N SER A 12 -5.39 -5.36 -7.34
CA SER A 12 -4.22 -5.04 -6.48
C SER A 12 -2.95 -5.06 -7.32
N PHE A 13 -2.79 -6.03 -8.18
CA PHE A 13 -1.57 -6.10 -9.02
C PHE A 13 -1.43 -4.81 -9.85
N ILE A 14 -2.49 -4.39 -10.49
CA ILE A 14 -2.41 -3.16 -11.31
C ILE A 14 -1.95 -1.98 -10.43
N LEU A 15 -2.46 -1.90 -9.23
CA LEU A 15 -2.05 -0.79 -8.32
C LEU A 15 -0.61 -1.04 -7.86
N SER A 16 -0.26 -2.26 -7.60
CA SER A 16 1.12 -2.57 -7.14
C SER A 16 2.14 -1.93 -8.09
N ALA A 17 1.91 -2.02 -9.36
CA ALA A 17 2.87 -1.41 -10.33
C ALA A 17 2.76 0.11 -10.29
N LEU A 18 1.55 0.61 -10.30
CA LEU A 18 1.37 2.09 -10.27
C LEU A 18 2.07 2.67 -9.04
N HIS A 19 1.95 2.01 -7.90
CA HIS A 19 2.61 2.53 -6.68
C HIS A 19 4.13 2.43 -6.82
N PHE A 20 4.61 1.39 -7.45
CA PHE A 20 6.08 1.22 -7.61
C PHE A 20 6.65 2.41 -8.39
N ILE A 21 6.04 2.75 -9.50
CA ILE A 21 6.56 3.90 -10.30
C ILE A 21 6.19 5.22 -9.62
N ALA A 22 5.00 5.32 -9.11
CA ALA A 22 4.58 6.59 -8.43
C ALA A 22 5.45 6.82 -7.19
N TRP A 23 5.83 5.78 -6.52
CA TRP A 23 6.68 5.94 -5.30
C TRP A 23 8.11 6.30 -5.72
N THR A 24 8.64 5.64 -6.70
CA THR A 24 10.03 5.94 -7.14
C THR A 24 10.12 7.37 -7.69
N ILE A 25 9.11 7.83 -8.37
CA ILE A 25 9.17 9.22 -8.92
C ILE A 25 8.90 10.22 -7.79
N GLY A 26 7.79 10.09 -7.11
CA GLY A 26 7.49 11.06 -6.00
C GLY A 26 8.58 10.97 -4.92
N HIS A 27 9.15 9.81 -4.68
CA HIS A 27 10.22 9.71 -3.64
C HIS A 27 11.49 10.35 -4.18
N LEU A 28 11.85 10.06 -5.39
CA LEU A 28 13.10 10.65 -5.97
C LEU A 28 13.00 12.18 -5.90
N ASN A 29 11.82 12.71 -6.02
CA ASN A 29 11.68 14.20 -5.96
C ASN A 29 12.14 14.72 -4.60
N GLN A 30 11.83 14.01 -3.55
CA GLN A 30 12.25 14.46 -2.20
C GLN A 30 13.77 14.65 -2.17
N ILE A 31 14.50 13.71 -2.71
CA ILE A 31 16.00 13.83 -2.72
C ILE A 31 16.43 14.46 -4.05
N LYS A 32 15.90 15.63 -4.35
CA LYS A 32 16.26 16.31 -5.62
C LYS A 32 16.00 17.81 -5.49
N ARG A 33 14.76 18.20 -5.49
CA ARG A 33 14.43 19.66 -5.35
C ARG A 33 15.27 20.45 -6.35
N MET B 1 -9.35 -20.85 8.33
CA MET B 1 -9.40 -19.76 7.31
C MET B 1 -10.86 -19.49 6.93
N LEU B 2 -11.10 -18.44 6.19
CA LEU B 2 -12.49 -18.09 5.77
C LEU B 2 -13.20 -17.33 6.90
N GLU B 3 -13.36 -17.93 8.04
CA GLU B 3 -14.07 -17.20 9.13
C GLU B 3 -13.23 -15.98 9.56
N PRO B 4 -11.96 -16.15 9.83
CA PRO B 4 -11.07 -15.04 10.24
C PRO B 4 -10.28 -14.46 9.05
N PHE B 5 -10.02 -15.25 8.05
CA PHE B 5 -9.23 -14.76 6.88
C PHE B 5 -10.13 -14.02 5.88
N GLN B 6 -11.29 -14.53 5.57
CA GLN B 6 -12.18 -13.83 4.60
C GLN B 6 -12.23 -12.34 4.90
N ILE B 7 -12.76 -12.02 6.04
CA ILE B 7 -12.88 -10.59 6.44
C ILE B 7 -11.56 -9.87 6.21
N LEU B 8 -10.47 -10.59 6.13
CA LEU B 8 -9.16 -9.92 5.90
C LEU B 8 -9.09 -9.50 4.42
N SER B 9 -9.51 -10.37 3.53
CA SER B 9 -9.47 -10.03 2.09
C SER B 9 -10.34 -8.80 1.82
N ILE B 10 -11.49 -8.73 2.44
CA ILE B 10 -12.38 -7.54 2.21
C ILE B 10 -11.65 -6.27 2.66
N SER B 11 -11.27 -6.17 3.91
CA SER B 11 -10.54 -4.97 4.37
C SER B 11 -9.49 -4.55 3.37
N SER B 12 -8.81 -5.52 2.81
CA SER B 12 -7.74 -5.19 1.82
C SER B 12 -8.35 -4.44 0.66
N PHE B 13 -9.48 -4.87 0.19
CA PHE B 13 -10.14 -4.18 -0.96
C PHE B 13 -10.49 -2.73 -0.57
N ILE B 14 -10.91 -2.53 0.65
CA ILE B 14 -11.28 -1.16 1.09
C ILE B 14 -10.04 -0.25 1.03
N LEU B 15 -8.94 -0.70 1.54
CA LEU B 15 -7.71 0.13 1.51
C LEU B 15 -7.24 0.33 0.07
N SER B 16 -7.49 -0.63 -0.79
CA SER B 16 -7.07 -0.49 -2.21
C SER B 16 -7.73 0.73 -2.84
N ALA B 17 -9.04 0.82 -2.76
CA ALA B 17 -9.74 1.99 -3.36
C ALA B 17 -9.37 3.26 -2.60
N LEU B 18 -9.48 3.24 -1.30
CA LEU B 18 -9.14 4.45 -0.49
C LEU B 18 -7.74 4.95 -0.90
N HIS B 19 -6.82 4.05 -1.07
CA HIS B 19 -5.43 4.48 -1.46
C HIS B 19 -5.44 4.98 -2.90
N PHE B 20 -6.23 4.39 -3.75
CA PHE B 20 -6.28 4.83 -5.17
C PHE B 20 -6.88 6.24 -5.24
N ILE B 21 -8.06 6.42 -4.73
CA ILE B 21 -8.70 7.77 -4.78
C ILE B 21 -7.84 8.76 -3.99
N ALA B 22 -7.21 8.32 -2.93
CA ALA B 22 -6.36 9.24 -2.13
C ALA B 22 -5.10 9.59 -2.91
N TRP B 23 -4.47 8.61 -3.52
CA TRP B 23 -3.24 8.89 -4.29
C TRP B 23 -3.57 9.80 -5.48
N THR B 24 -4.63 9.53 -6.18
CA THR B 24 -4.99 10.38 -7.36
C THR B 24 -5.25 11.82 -6.89
N ILE B 25 -5.76 12.00 -5.70
CA ILE B 25 -6.03 13.39 -5.22
C ILE B 25 -4.75 13.99 -4.61
N GLY B 26 -4.21 13.37 -3.59
CA GLY B 26 -2.97 13.92 -2.95
C GLY B 26 -1.84 14.05 -3.97
N HIS B 27 -1.73 13.17 -4.93
CA HIS B 27 -0.63 13.29 -5.93
C HIS B 27 -0.68 14.67 -6.58
N LEU B 28 -1.85 15.20 -6.80
CA LEU B 28 -1.96 16.54 -7.43
C LEU B 28 -1.19 17.57 -6.59
N ASN B 29 -1.21 17.42 -5.29
CA ASN B 29 -0.48 18.39 -4.42
C ASN B 29 0.95 18.55 -4.96
N GLN B 30 1.56 17.48 -5.36
CA GLN B 30 2.94 17.57 -5.90
C GLN B 30 2.91 18.43 -7.17
N ILE B 31 1.84 18.35 -7.93
CA ILE B 31 1.75 19.16 -9.17
C ILE B 31 1.20 20.54 -8.84
N LYS B 32 1.69 21.12 -7.77
CA LYS B 32 1.21 22.48 -7.35
C LYS B 32 2.19 23.53 -7.87
N ARG B 33 3.43 23.45 -7.48
CA ARG B 33 4.42 24.46 -7.95
C ARG B 33 3.89 25.87 -7.70
N MET C 1 2.34 -22.56 2.80
CA MET C 1 0.87 -22.42 3.04
C MET C 1 0.60 -22.46 4.55
N LEU C 2 0.19 -21.35 5.12
CA LEU C 2 -0.11 -21.30 6.57
C LEU C 2 1.20 -21.10 7.37
N GLU C 3 2.15 -21.98 7.25
CA GLU C 3 3.40 -21.79 8.02
C GLU C 3 4.16 -20.57 7.47
N PRO C 4 4.36 -20.48 6.18
CA PRO C 4 5.07 -19.35 5.55
C PRO C 4 4.11 -18.27 5.02
N PHE C 5 2.87 -18.63 4.75
CA PHE C 5 1.89 -17.64 4.21
C PHE C 5 1.18 -16.90 5.34
N GLN C 6 0.72 -17.61 6.34
CA GLN C 6 -0.01 -16.93 7.46
C GLN C 6 0.72 -15.66 7.89
N ILE C 7 1.91 -15.82 8.35
CA ILE C 7 2.72 -14.66 8.82
C ILE C 7 2.80 -13.59 7.71
N LEU C 8 2.59 -13.96 6.48
CA LEU C 8 2.66 -12.95 5.39
C LEU C 8 1.45 -12.02 5.51
N SER C 9 0.28 -12.57 5.68
CA SER C 9 -0.94 -11.72 5.79
C SER C 9 -0.83 -10.85 7.05
N ILE C 10 -0.18 -11.34 8.07
CA ILE C 10 -0.06 -10.52 9.32
C ILE C 10 0.73 -9.24 9.05
N SER C 11 1.96 -9.34 8.60
CA SER C 11 2.73 -8.14 8.31
C SER C 11 1.95 -7.18 7.45
N SER C 12 1.30 -7.71 6.43
CA SER C 12 0.49 -6.85 5.52
C SER C 12 -0.66 -6.23 6.31
N PHE C 13 -1.28 -7.00 7.17
CA PHE C 13 -2.42 -6.46 7.97
C PHE C 13 -1.91 -5.38 8.92
N ILE C 14 -0.83 -5.65 9.60
CA ILE C 14 -0.28 -4.64 10.55
C ILE C 14 0.04 -3.34 9.79
N LEU C 15 0.61 -3.45 8.63
CA LEU C 15 0.94 -2.22 7.85
C LEU C 15 -0.35 -1.56 7.35
N SER C 16 -1.29 -2.33 6.89
CA SER C 16 -2.57 -1.74 6.40
C SER C 16 -3.12 -0.76 7.44
N ALA C 17 -3.23 -1.18 8.67
CA ALA C 17 -3.76 -0.26 9.72
C ALA C 17 -2.82 0.94 9.87
N LEU C 18 -1.54 0.68 10.01
CA LEU C 18 -0.57 1.80 10.17
C LEU C 18 -0.77 2.79 9.02
N HIS C 19 -0.85 2.30 7.81
CA HIS C 19 -1.04 3.21 6.65
C HIS C 19 -2.37 3.96 6.80
N PHE C 20 -3.36 3.32 7.35
CA PHE C 20 -4.69 3.99 7.53
C PHE C 20 -4.54 5.18 8.47
N ILE C 21 -3.94 4.98 9.60
CA ILE C 21 -3.77 6.11 10.57
C ILE C 21 -2.68 7.06 10.07
N ALA C 22 -1.57 6.53 9.64
CA ALA C 22 -0.47 7.41 9.14
C ALA C 22 -0.99 8.31 8.02
N TRP C 23 -1.82 7.78 7.15
CA TRP C 23 -2.36 8.60 6.04
C TRP C 23 -3.28 9.69 6.60
N THR C 24 -4.16 9.33 7.50
CA THR C 24 -5.07 10.35 8.08
C THR C 24 -4.25 11.44 8.79
N ILE C 25 -3.13 11.08 9.36
CA ILE C 25 -2.30 12.10 10.07
C ILE C 25 -1.57 12.98 9.04
N GLY C 26 -0.68 12.41 8.27
CA GLY C 26 0.06 13.24 7.26
C GLY C 26 -0.92 13.88 6.27
N HIS C 27 -1.98 13.20 5.90
CA HIS C 27 -2.95 13.83 4.94
C HIS C 27 -3.69 14.97 5.63
N LEU C 28 -4.22 14.72 6.79
CA LEU C 28 -4.96 15.79 7.52
C LEU C 28 -3.99 16.92 7.91
N ASN C 29 -2.77 16.58 8.22
CA ASN C 29 -1.79 17.63 8.61
C ASN C 29 -1.66 18.65 7.48
N GLN C 30 -1.75 18.22 6.25
CA GLN C 30 -1.64 19.17 5.12
C GLN C 30 -2.76 20.21 5.20
N ILE C 31 -3.99 19.78 5.33
CA ILE C 31 -5.12 20.75 5.42
C ILE C 31 -5.27 21.20 6.87
N LYS C 32 -4.20 21.60 7.47
CA LYS C 32 -4.24 22.08 8.89
C LYS C 32 -4.14 23.60 8.91
N ARG C 33 -3.24 24.15 8.15
CA ARG C 33 -3.09 25.64 8.13
C ARG C 33 -4.40 26.28 7.65
N MET D 1 2.26 -23.12 -2.39
CA MET D 1 3.37 -23.11 -3.40
C MET D 1 2.77 -23.22 -4.81
N LEU D 2 1.90 -22.32 -5.17
CA LEU D 2 1.29 -22.38 -6.53
C LEU D 2 2.32 -21.86 -7.56
N GLU D 3 1.93 -21.03 -8.51
CA GLU D 3 2.93 -20.52 -9.51
C GLU D 3 2.53 -19.11 -9.97
N PRO D 4 1.43 -18.96 -10.68
CA PRO D 4 0.96 -17.61 -11.16
C PRO D 4 0.53 -16.70 -10.00
N PHE D 5 -0.17 -17.23 -9.04
CA PHE D 5 -0.63 -16.37 -7.90
C PHE D 5 0.49 -16.28 -6.84
N GLN D 6 1.15 -17.38 -6.57
CA GLN D 6 2.23 -17.36 -5.54
C GLN D 6 3.18 -16.20 -5.80
N ILE D 7 3.67 -16.11 -6.99
CA ILE D 7 4.62 -15.01 -7.34
C ILE D 7 3.97 -13.66 -7.08
N LEU D 8 2.66 -13.62 -7.03
CA LEU D 8 1.97 -12.32 -6.77
C LEU D 8 2.21 -11.94 -5.31
N SER D 9 2.00 -12.87 -4.40
CA SER D 9 2.21 -12.56 -2.97
C SER D 9 3.66 -12.11 -2.75
N ILE D 10 4.60 -12.76 -3.39
CA ILE D 10 6.03 -12.36 -3.22
C ILE D 10 6.16 -10.86 -3.54
N SER D 11 5.82 -10.43 -4.78
CA SER D 11 5.92 -9.01 -5.10
C SER D 11 5.40 -8.16 -3.98
N SER D 12 4.22 -8.50 -3.50
CA SER D 12 3.61 -7.69 -2.41
C SER D 12 4.53 -7.72 -1.18
N PHE D 13 5.11 -8.84 -0.88
CA PHE D 13 6.01 -8.92 0.31
C PHE D 13 7.20 -7.99 0.10
N ILE D 14 7.77 -7.98 -1.08
CA ILE D 14 8.94 -7.11 -1.34
C ILE D 14 8.52 -5.64 -1.19
N LEU D 15 7.35 -5.30 -1.64
CA LEU D 15 6.88 -3.89 -1.53
C LEU D 15 6.54 -3.58 -0.07
N SER D 16 5.87 -4.49 0.60
CA SER D 16 5.51 -4.25 2.02
C SER D 16 6.74 -3.81 2.82
N ALA D 17 7.83 -4.50 2.68
CA ALA D 17 9.06 -4.12 3.45
C ALA D 17 9.59 -2.79 2.93
N LEU D 18 9.57 -2.59 1.63
CA LEU D 18 10.08 -1.30 1.07
C LEU D 18 9.23 -0.13 1.60
N HIS D 19 7.94 -0.25 1.50
CA HIS D 19 7.05 0.84 1.99
C HIS D 19 7.25 1.04 3.49
N PHE D 20 7.46 -0.02 4.22
CA PHE D 20 7.65 0.11 5.69
C PHE D 20 8.88 0.98 5.98
N ILE D 21 9.99 0.68 5.36
CA ILE D 21 11.22 1.49 5.61
C ILE D 21 11.09 2.83 4.88
N ALA D 22 10.52 2.84 3.71
CA ALA D 22 10.39 4.12 2.95
C ALA D 22 9.41 5.05 3.68
N TRP D 23 8.44 4.51 4.34
CA TRP D 23 7.46 5.37 5.06
C TRP D 23 8.11 5.98 6.29
N THR D 24 8.82 5.19 7.06
CA THR D 24 9.47 5.75 8.29
C THR D 24 10.51 6.80 7.88
N ILE D 25 11.13 6.65 6.74
CA ILE D 25 12.14 7.67 6.32
C ILE D 25 11.43 8.91 5.77
N GLY D 26 10.68 8.76 4.71
CA GLY D 26 9.99 9.96 4.12
C GLY D 26 9.04 10.58 5.16
N HIS D 27 8.40 9.78 6.01
CA HIS D 27 7.50 10.38 7.02
C HIS D 27 8.33 11.07 8.10
N LEU D 28 9.21 10.35 8.73
CA LEU D 28 10.06 10.96 9.79
C LEU D 28 10.79 12.18 9.20
N ASN D 29 11.32 12.04 8.02
CA ASN D 29 12.03 13.18 7.38
C ASN D 29 11.09 14.38 7.28
N GLN D 30 9.85 14.13 6.93
CA GLN D 30 8.88 15.25 6.81
C GLN D 30 8.78 15.99 8.15
N ILE D 31 8.69 15.27 9.23
CA ILE D 31 8.60 15.94 10.57
C ILE D 31 10.01 16.15 11.13
N LYS D 32 10.86 16.76 10.37
CA LYS D 32 12.25 17.00 10.85
C LYS D 32 12.89 18.14 10.04
N ARG D 33 12.86 18.03 8.74
CA ARG D 33 13.46 19.10 7.88
C ARG D 33 12.54 20.32 7.88
#